data_3QG0
#
_entry.id   3QG0
#
_cell.length_a   85.139
_cell.length_b   97.883
_cell.length_c   104.932
_cell.angle_alpha   90.00
_cell.angle_beta   102.56
_cell.angle_gamma   90.00
#
_symmetry.space_group_name_H-M   'P 1 21 1'
#
loop_
_entity.id
_entity.type
_entity.pdbx_description
1 polymer 'Cellobiose Phosphorylase'
2 non-polymer beta-D-glucopyranose
3 non-polymer 'PHOSPHATE ION'
4 non-polymer 1-DEOXYNOJIRIMYCIN
5 water water
#
_entity_poly.entity_id   1
_entity_poly.type   'polypeptide(L)'
_entity_poly.pdbx_seq_one_letter_code
;MGSSHHHHHHSSGLVPRGSHMRYGHFDDAAREYVITTPHTPYPWINYLGSEQFFSLLSHQAGGYSFYRDAKMRRLTRYRY
NNIPADAGGRYLYVNDGGDVWTPSWLPVKADLDHFEARHGLGYSRITGERNGLKVETLFFVPLGENAEVQKVTVTNTSDA
PKTATLFSFVEFCLWNAQDDQTNYQRNLSIGEVEVEQDGPHGSAIYHKTEYRERRDHYAVFGVNTRADGFDTDRDTFVGA
YNSLGEASVPRAGKSADSVASGWYPIGSHSVAVTLQPGESRDLVYVLGYLENPDEEKWADDAHQVVNKAPAHALLGRFAT
SEQVDAALEALNSYWTNLLSTYSVSSTDEKLDRMVNIWNQYQCMVTFNMSRSASFFETGIGRGMGFRDSNQDLLGFVHLI
PERARERIIDIASTQFADGSAYHQYQPLTKRGNNDIGSGFNDDPLWLIAGVAAYIKESGDWGILDEPVPFDNEPGSEVPL
FEHLTRSFQFTVQNRGPHGLPLIGRADWNDCLNLNCFSTTPGESFQTTENQAGGVAESVFIAAQFVLYGAEYATLAERRG
LADVATEARKYVDEVRAAVLEHGWDGQWFLRAYDYYGNPVGTDAKPEGKIWIEPQGFAVMAGIGVGEGPDDADAPAVKAL
DSVNEMLGTPHGLVLQYPAYTTYQIELGEVSTYPPGYKENGGIFCHNNPWVIIAETVVGRGAQAFDYYKRITPAYREDIS
DTHKLEPYVYAQMIAGKEAVRAGEAKNSWLTGTAAWNFVAVSQYLLGVRPDYDGLVVDPQIGPDVPSYTVTRVARGATYE
ITVTNSGAPGARASLTVDGAPVDGRTVPYAPAGSTVRVEVTV
;
_entity_poly.pdbx_strand_id   A,B
#
# COMPACT_ATOMS: atom_id res chain seq x y z
N MET A 21 -35.39 -11.50 2.33
CA MET A 21 -34.27 -11.87 1.40
C MET A 21 -33.16 -12.82 1.93
N ARG A 22 -32.83 -13.84 1.12
CA ARG A 22 -31.76 -14.83 1.39
C ARG A 22 -31.13 -15.20 0.06
N TYR A 23 -29.85 -15.56 0.10
CA TYR A 23 -29.08 -15.84 -1.11
C TYR A 23 -28.54 -17.28 -1.14
N GLY A 24 -28.98 -18.06 -0.17
CA GLY A 24 -28.52 -19.44 0.00
C GLY A 24 -29.01 -19.96 1.33
N HIS A 25 -28.51 -21.11 1.75
CA HIS A 25 -29.03 -21.74 2.94
C HIS A 25 -27.96 -22.56 3.62
N PHE A 26 -28.12 -22.78 4.92
CA PHE A 26 -27.32 -23.75 5.65
C PHE A 26 -27.70 -25.16 5.24
N ASP A 27 -26.73 -26.07 5.24
CA ASP A 27 -26.97 -27.50 5.12
C ASP A 27 -26.27 -28.06 6.32
N ASP A 28 -27.02 -28.36 7.37
CA ASP A 28 -26.44 -28.90 8.63
C ASP A 28 -25.79 -30.27 8.54
N ALA A 29 -26.43 -31.22 7.87
CA ALA A 29 -25.85 -32.54 7.61
C ALA A 29 -24.43 -32.43 6.98
N ALA A 30 -24.26 -31.59 5.98
CA ALA A 30 -22.94 -31.52 5.31
C ALA A 30 -21.94 -30.54 5.95
N ARG A 31 -22.42 -29.76 6.91
CA ARG A 31 -21.71 -28.63 7.56
C ARG A 31 -21.20 -27.65 6.50
N GLU A 32 -22.13 -27.25 5.64
CA GLU A 32 -21.84 -26.29 4.59
C GLU A 32 -22.83 -25.14 4.63
N TYR A 33 -22.39 -23.99 4.13
CA TYR A 33 -23.32 -22.95 3.69
C TYR A 33 -23.39 -22.99 2.18
N VAL A 34 -24.61 -23.02 1.66
CA VAL A 34 -24.76 -23.16 0.22
C VAL A 34 -25.25 -21.87 -0.37
N ILE A 35 -24.42 -21.29 -1.24
CA ILE A 35 -24.78 -20.09 -1.99
C ILE A 35 -25.30 -20.52 -3.39
N THR A 36 -26.46 -19.97 -3.77
CA THR A 36 -27.24 -20.45 -4.92
C THR A 36 -27.35 -19.49 -6.10
N THR A 37 -26.84 -18.28 -5.89
CA THR A 37 -26.65 -17.27 -6.91
C THR A 37 -25.25 -16.64 -6.76
N PRO A 38 -24.65 -16.18 -7.88
CA PRO A 38 -23.43 -15.44 -7.62
C PRO A 38 -23.70 -13.99 -7.24
N HIS A 39 -24.94 -13.54 -7.41
CA HIS A 39 -25.28 -12.12 -7.21
C HIS A 39 -25.59 -11.82 -5.74
N THR A 40 -24.58 -12.01 -4.90
CA THR A 40 -24.71 -11.74 -3.49
C THR A 40 -24.55 -10.24 -3.24
N PRO A 41 -24.86 -9.80 -2.01
CA PRO A 41 -24.74 -8.37 -1.81
C PRO A 41 -23.30 -7.97 -1.72
N TYR A 42 -22.44 -8.93 -1.38
CA TYR A 42 -21.00 -8.67 -1.29
C TYR A 42 -20.28 -10.01 -1.50
N PRO A 43 -18.96 -9.99 -1.81
CA PRO A 43 -18.15 -11.22 -1.82
C PRO A 43 -18.16 -11.98 -0.48
N TRP A 44 -18.43 -13.29 -0.54
CA TRP A 44 -18.64 -14.12 0.63
C TRP A 44 -17.58 -15.20 0.62
N ILE A 45 -16.77 -15.21 1.68
CA ILE A 45 -15.53 -15.98 1.66
C ILE A 45 -15.46 -17.12 2.66
N ASN A 46 -14.57 -18.03 2.35
CA ASN A 46 -14.24 -19.07 3.24
C ASN A 46 -12.77 -18.97 3.47
N TYR A 47 -12.34 -19.48 4.59
CA TYR A 47 -10.93 -19.54 4.90
C TYR A 47 -10.60 -20.97 4.77
N LEU A 48 -9.63 -21.25 3.92
CA LEU A 48 -9.11 -22.60 3.73
C LEU A 48 -7.78 -22.78 4.45
N GLY A 49 -7.57 -24.01 4.94
CA GLY A 49 -6.41 -24.39 5.76
C GLY A 49 -6.63 -24.03 7.21
N SER A 50 -5.92 -24.69 8.11
CA SER A 50 -5.94 -24.30 9.53
C SER A 50 -4.61 -24.41 10.26
N GLU A 51 -3.55 -24.79 9.56
CA GLU A 51 -2.25 -25.00 10.24
C GLU A 51 -1.27 -23.86 10.00
N GLN A 52 -0.56 -23.90 8.88
CA GLN A 52 0.38 -22.82 8.57
C GLN A 52 0.11 -22.10 7.26
N PHE A 53 -0.72 -22.69 6.42
CA PHE A 53 -1.03 -22.19 5.08
C PHE A 53 -2.51 -21.87 4.93
N PHE A 54 -2.80 -20.72 4.30
CA PHE A 54 -4.17 -20.20 4.25
C PHE A 54 -4.55 -19.62 2.89
N SER A 55 -5.82 -19.78 2.53
CA SER A 55 -6.42 -19.22 1.34
C SER A 55 -7.67 -18.49 1.74
N LEU A 56 -7.83 -17.25 1.28
CA LEU A 56 -9.12 -16.59 1.36
C LEU A 56 -9.83 -16.91 0.05
N LEU A 57 -11.00 -17.52 0.14
CA LEU A 57 -11.69 -17.99 -1.06
C LEU A 57 -13.12 -17.48 -1.11
N SER A 58 -13.40 -16.61 -2.06
CA SER A 58 -14.73 -16.11 -2.23
C SER A 58 -15.61 -17.11 -2.98
N HIS A 59 -16.90 -16.80 -3.04
CA HIS A 59 -17.86 -17.66 -3.70
C HIS A 59 -17.76 -17.46 -5.22
N GLN A 60 -16.89 -16.56 -5.67
CA GLN A 60 -16.55 -16.45 -7.10
C GLN A 60 -15.09 -16.79 -7.32
N ALA A 61 -14.50 -17.54 -6.41
CA ALA A 61 -13.11 -17.98 -6.55
C ALA A 61 -12.11 -16.85 -6.36
N GLY A 62 -12.58 -15.73 -5.82
CA GLY A 62 -11.66 -14.58 -5.58
C GLY A 62 -10.78 -14.73 -4.35
N GLY A 63 -9.65 -14.04 -4.32
CA GLY A 63 -8.81 -14.02 -3.12
C GLY A 63 -7.34 -14.34 -3.31
N TYR A 64 -6.74 -15.00 -2.32
CA TYR A 64 -5.31 -15.23 -2.33
C TYR A 64 -4.83 -16.14 -1.23
N SER A 65 -3.53 -16.45 -1.25
CA SER A 65 -2.99 -17.47 -0.40
C SER A 65 -1.67 -17.04 0.15
N PHE A 66 -1.35 -17.50 1.34
CA PHE A 66 -0.09 -17.14 1.99
C PHE A 66 0.34 -18.23 2.93
N TYR A 67 1.63 -18.29 3.12
CA TYR A 67 2.18 -19.17 4.07
C TYR A 67 2.46 -18.35 5.33
N ARG A 68 1.76 -18.69 6.41
CA ARG A 68 2.04 -18.18 7.76
C ARG A 68 1.78 -16.71 8.01
N ASP A 69 1.95 -15.86 7.00
CA ASP A 69 2.08 -14.41 7.20
C ASP A 69 1.63 -13.68 5.94
N ALA A 70 0.51 -12.95 6.02
CA ALA A 70 -0.04 -12.28 4.86
C ALA A 70 0.78 -11.07 4.35
N LYS A 71 1.59 -10.43 5.19
CA LYS A 71 2.40 -9.35 4.66
C LYS A 71 3.62 -9.92 3.98
N MET A 72 4.19 -10.97 4.57
CA MET A 72 5.57 -11.31 4.23
C MET A 72 5.78 -12.47 3.26
N ARG A 73 4.79 -13.35 3.15
CA ARG A 73 4.93 -14.54 2.34
C ARG A 73 3.62 -14.77 1.62
N ARG A 74 3.23 -13.79 0.82
CA ARG A 74 1.98 -13.90 0.09
C ARG A 74 2.26 -14.50 -1.29
N LEU A 75 1.53 -15.55 -1.60
CA LEU A 75 1.81 -16.29 -2.80
C LEU A 75 1.20 -15.66 -4.02
N THR A 76 -0.05 -15.20 -3.87
CA THR A 76 -0.85 -14.72 -4.99
C THR A 76 -1.36 -13.30 -4.74
N ARG A 77 -1.46 -12.48 -5.80
CA ARG A 77 -1.98 -11.08 -5.76
C ARG A 77 -3.50 -10.98 -5.72
N TYR A 78 -4.02 -10.18 -4.81
CA TYR A 78 -5.44 -9.87 -4.80
C TYR A 78 -5.56 -8.38 -4.64
N ARG A 79 -6.49 -7.76 -5.36
CA ARG A 79 -6.71 -6.33 -5.26
C ARG A 79 -7.88 -6.02 -4.35
N TYR A 80 -7.61 -5.32 -3.24
CA TYR A 80 -8.70 -4.79 -2.45
C TYR A 80 -9.26 -3.62 -3.20
N ASN A 81 -10.57 -3.41 -3.15
CA ASN A 81 -11.19 -2.22 -3.73
C ASN A 81 -10.99 -2.15 -5.25
N ASN A 82 -11.07 -3.32 -5.87
CA ASN A 82 -11.13 -3.38 -7.31
C ASN A 82 -12.54 -2.97 -7.83
N ILE A 83 -12.63 -2.62 -9.12
CA ILE A 83 -13.88 -2.26 -9.79
C ILE A 83 -14.06 -3.19 -10.97
N PRO A 84 -14.88 -4.25 -10.81
CA PRO A 84 -15.69 -4.56 -9.63
C PRO A 84 -14.92 -5.30 -8.53
N ALA A 85 -15.54 -5.38 -7.36
CA ALA A 85 -14.98 -6.07 -6.20
C ALA A 85 -14.75 -7.53 -6.56
N ASP A 86 -13.59 -8.03 -6.17
CA ASP A 86 -13.26 -9.45 -6.22
C ASP A 86 -13.01 -9.98 -7.64
N ALA A 87 -12.65 -9.11 -8.58
CA ALA A 87 -12.15 -9.62 -9.87
C ALA A 87 -10.66 -9.94 -9.71
N GLY A 88 -10.36 -11.23 -9.58
CA GLY A 88 -9.00 -11.68 -9.31
C GLY A 88 -9.07 -12.83 -8.32
N GLY A 89 -8.80 -14.05 -8.82
CA GLY A 89 -8.77 -15.27 -8.01
C GLY A 89 -8.25 -16.48 -8.79
N ARG A 90 -8.79 -17.66 -8.49
CA ARG A 90 -8.37 -18.89 -9.14
C ARG A 90 -9.38 -19.28 -10.22
N TYR A 91 -9.12 -18.82 -11.43
CA TYR A 91 -10.06 -18.95 -12.52
C TYR A 91 -9.69 -20.06 -13.44
N LEU A 92 -10.71 -20.63 -14.04
CA LEU A 92 -10.56 -21.63 -15.06
C LEU A 92 -11.44 -21.19 -16.25
N TYR A 93 -10.82 -20.61 -17.27
CA TYR A 93 -11.54 -20.22 -18.48
C TYR A 93 -11.84 -21.47 -19.29
N VAL A 94 -13.10 -21.63 -19.66
CA VAL A 94 -13.53 -22.68 -20.60
C VAL A 94 -13.84 -22.07 -21.96
N ASN A 95 -13.14 -22.55 -22.98
CA ASN A 95 -13.42 -22.27 -24.40
C ASN A 95 -14.09 -23.50 -25.01
N ASP A 96 -15.39 -23.38 -25.22
CA ASP A 96 -16.21 -24.38 -25.88
C ASP A 96 -16.54 -23.90 -27.30
N GLY A 97 -15.76 -24.36 -28.27
CA GLY A 97 -16.03 -24.04 -29.67
C GLY A 97 -16.08 -22.54 -29.95
N GLY A 98 -15.25 -21.77 -29.24
CA GLY A 98 -15.21 -20.32 -29.42
C GLY A 98 -15.86 -19.53 -28.28
N ASP A 99 -16.88 -20.11 -27.64
CA ASP A 99 -17.52 -19.41 -26.52
C ASP A 99 -16.73 -19.56 -25.16
N VAL A 100 -16.38 -18.44 -24.53
CA VAL A 100 -15.52 -18.43 -23.34
C VAL A 100 -16.33 -18.10 -22.08
N TRP A 101 -16.22 -18.92 -21.05
CA TRP A 101 -16.85 -18.61 -19.76
C TRP A 101 -16.04 -19.14 -18.55
N THR A 102 -16.43 -18.70 -17.36
CA THR A 102 -15.85 -19.18 -16.11
C THR A 102 -16.93 -19.67 -15.15
N PRO A 103 -16.72 -20.88 -14.58
CA PRO A 103 -17.70 -21.50 -13.69
C PRO A 103 -17.87 -20.72 -12.41
N SER A 104 -16.96 -19.79 -12.16
CA SER A 104 -17.10 -18.92 -11.01
C SER A 104 -17.87 -17.67 -11.36
N TRP A 105 -18.55 -17.69 -12.51
CA TRP A 105 -19.23 -16.51 -13.05
C TRP A 105 -18.21 -15.37 -13.23
N LEU A 106 -17.88 -14.59 -12.20
CA LEU A 106 -16.75 -13.67 -12.36
C LEU A 106 -15.50 -14.46 -12.81
N PRO A 107 -14.66 -13.89 -13.68
CA PRO A 107 -14.66 -12.55 -14.25
C PRO A 107 -15.41 -12.39 -15.60
N VAL A 108 -15.75 -13.47 -16.28
CA VAL A 108 -16.30 -13.35 -17.65
C VAL A 108 -17.77 -12.96 -17.66
N LYS A 109 -18.47 -13.26 -16.59
CA LYS A 109 -19.87 -12.87 -16.50
C LYS A 109 -20.74 -13.41 -17.64
N ALA A 110 -20.39 -14.59 -18.14
CA ALA A 110 -21.22 -15.24 -19.12
C ALA A 110 -22.41 -15.86 -18.37
N ASP A 111 -23.55 -16.01 -19.05
CA ASP A 111 -24.75 -16.64 -18.48
C ASP A 111 -24.60 -18.10 -18.08
N LEU A 112 -25.05 -18.43 -16.86
CA LEU A 112 -24.96 -19.82 -16.39
C LEU A 112 -26.31 -20.53 -16.25
N ASP A 113 -26.40 -21.75 -16.77
CA ASP A 113 -27.61 -22.55 -16.68
C ASP A 113 -27.78 -22.99 -15.24
N HIS A 114 -26.67 -23.35 -14.61
CA HIS A 114 -26.66 -23.66 -13.20
C HIS A 114 -25.44 -23.06 -12.50
N PHE A 115 -25.65 -22.53 -11.30
CA PHE A 115 -24.57 -22.04 -10.45
C PHE A 115 -24.75 -22.40 -8.97
N GLU A 116 -23.66 -22.77 -8.32
CA GLU A 116 -23.72 -23.13 -6.91
C GLU A 116 -22.36 -22.96 -6.25
N ALA A 117 -22.35 -22.41 -5.04
CA ALA A 117 -21.11 -22.37 -4.30
C ALA A 117 -21.36 -22.86 -2.85
N ARG A 118 -20.59 -23.84 -2.40
CA ARG A 118 -20.77 -24.40 -1.09
C ARG A 118 -19.51 -24.18 -0.33
N HIS A 119 -19.60 -23.40 0.76
CA HIS A 119 -18.49 -23.24 1.70
C HIS A 119 -18.57 -24.23 2.83
N GLY A 120 -17.53 -25.03 2.97
CA GLY A 120 -17.53 -26.02 4.02
C GLY A 120 -16.38 -25.72 4.94
N LEU A 121 -16.04 -26.71 5.78
CA LEU A 121 -15.00 -26.58 6.76
C LEU A 121 -13.66 -26.98 6.21
N GLY A 122 -12.83 -25.98 5.89
CA GLY A 122 -11.53 -26.20 5.31
C GLY A 122 -11.61 -26.50 3.82
N TYR A 123 -12.80 -26.36 3.25
CA TYR A 123 -12.98 -26.60 1.82
C TYR A 123 -14.16 -25.83 1.27
N SER A 124 -14.10 -25.62 -0.04
CA SER A 124 -15.23 -25.09 -0.79
C SER A 124 -15.38 -25.83 -2.09
N ARG A 125 -16.61 -25.78 -2.63
CA ARG A 125 -16.94 -26.34 -3.92
C ARG A 125 -17.65 -25.28 -4.73
N ILE A 126 -17.20 -25.03 -5.96
CA ILE A 126 -17.93 -24.13 -6.82
C ILE A 126 -18.26 -24.85 -8.11
N THR A 127 -19.54 -24.82 -8.48
CA THR A 127 -20.00 -25.49 -9.69
C THR A 127 -20.68 -24.49 -10.61
N GLY A 128 -20.34 -24.56 -11.89
CA GLY A 128 -20.93 -23.69 -12.89
C GLY A 128 -21.17 -24.45 -14.17
N GLU A 129 -22.40 -24.38 -14.68
CA GLU A 129 -22.77 -25.11 -15.89
C GLU A 129 -23.26 -24.17 -17.02
N ARG A 130 -22.76 -24.38 -18.25
CA ARG A 130 -23.22 -23.59 -19.41
C ARG A 130 -23.15 -24.36 -20.73
N ASN A 131 -24.24 -24.30 -21.49
CA ASN A 131 -24.31 -24.91 -22.84
C ASN A 131 -23.81 -26.33 -22.89
N GLY A 132 -24.23 -27.13 -21.93
CA GLY A 132 -23.90 -28.54 -21.92
C GLY A 132 -22.59 -28.97 -21.30
N LEU A 133 -21.77 -28.04 -20.80
CA LEU A 133 -20.58 -28.35 -19.95
C LEU A 133 -20.79 -27.92 -18.51
N LYS A 134 -20.59 -28.85 -17.58
CA LYS A 134 -20.63 -28.57 -16.15
C LYS A 134 -19.19 -28.57 -15.61
N VAL A 135 -18.82 -27.50 -14.90
CA VAL A 135 -17.49 -27.45 -14.28
C VAL A 135 -17.59 -27.20 -12.82
N GLU A 136 -17.03 -28.15 -12.08
CA GLU A 136 -17.09 -28.27 -10.67
C GLU A 136 -15.64 -28.23 -10.14
N THR A 137 -15.41 -27.33 -9.21
CA THR A 137 -14.13 -27.22 -8.60
C THR A 137 -14.28 -27.39 -7.09
N LEU A 138 -13.47 -28.29 -6.54
CA LEU A 138 -13.35 -28.46 -5.11
C LEU A 138 -12.04 -27.79 -4.68
N PHE A 139 -12.13 -26.75 -3.88
CA PHE A 139 -10.92 -26.06 -3.41
C PHE A 139 -10.74 -26.47 -1.98
N PHE A 140 -9.50 -26.74 -1.59
CA PHE A 140 -9.16 -26.94 -0.18
C PHE A 140 -7.67 -26.95 0.06
N VAL A 141 -7.30 -26.82 1.33
CA VAL A 141 -5.90 -26.95 1.79
C VAL A 141 -5.78 -28.23 2.58
N PRO A 142 -4.95 -29.17 2.12
CA PRO A 142 -4.80 -30.45 2.77
C PRO A 142 -4.02 -30.37 4.05
N LEU A 143 -4.43 -31.18 5.03
CA LEU A 143 -3.71 -31.34 6.29
C LEU A 143 -2.24 -31.68 6.09
N GLY A 144 -1.38 -30.91 6.72
CA GLY A 144 0.02 -31.14 6.67
C GLY A 144 0.61 -30.49 5.45
N GLU A 145 -0.19 -29.97 4.55
CA GLU A 145 0.41 -29.46 3.33
C GLU A 145 0.41 -27.95 3.27
N ASN A 146 1.46 -27.38 2.68
CA ASN A 146 1.49 -25.94 2.40
C ASN A 146 1.09 -25.66 0.96
N ALA A 147 -0.14 -26.01 0.62
CA ALA A 147 -0.60 -25.86 -0.74
C ALA A 147 -2.11 -25.80 -0.77
N GLU A 148 -2.62 -25.24 -1.86
CA GLU A 148 -4.03 -25.18 -2.13
C GLU A 148 -4.25 -26.12 -3.31
N VAL A 149 -5.21 -27.03 -3.16
CA VAL A 149 -5.52 -28.02 -4.19
C VAL A 149 -6.91 -27.74 -4.77
N GLN A 150 -7.02 -27.92 -6.09
CA GLN A 150 -8.31 -27.87 -6.76
C GLN A 150 -8.53 -29.21 -7.44
N LYS A 151 -9.68 -29.81 -7.17
CA LYS A 151 -10.10 -30.93 -7.99
C LYS A 151 -11.20 -30.36 -8.88
N VAL A 152 -10.95 -30.43 -10.18
CA VAL A 152 -11.84 -29.89 -11.18
C VAL A 152 -12.40 -31.08 -11.89
N THR A 153 -13.73 -31.14 -11.93
CA THR A 153 -14.44 -32.17 -12.69
C THR A 153 -15.28 -31.53 -13.79
N VAL A 154 -14.98 -31.88 -15.05
CA VAL A 154 -15.76 -31.44 -16.20
C VAL A 154 -16.63 -32.56 -16.73
N THR A 155 -17.93 -32.30 -16.75
CA THR A 155 -18.93 -33.26 -17.20
C THR A 155 -19.64 -32.73 -18.42
N ASN A 156 -19.68 -33.54 -19.49
CA ASN A 156 -20.54 -33.29 -20.66
C ASN A 156 -21.97 -33.65 -20.28
N THR A 157 -22.82 -32.63 -20.05
CA THR A 157 -24.23 -32.84 -19.68
C THR A 157 -25.21 -32.71 -20.85
N SER A 158 -24.71 -32.84 -22.09
CA SER A 158 -25.54 -32.77 -23.29
C SER A 158 -25.77 -34.14 -23.97
N ASP A 159 -26.41 -34.10 -25.14
CA ASP A 159 -26.69 -35.28 -25.95
C ASP A 159 -25.63 -35.56 -27.03
N ALA A 160 -24.65 -34.68 -27.18
CA ALA A 160 -23.68 -34.82 -28.26
C ALA A 160 -22.27 -34.67 -27.73
N PRO A 161 -21.27 -35.21 -28.45
CA PRO A 161 -19.86 -35.04 -28.00
C PRO A 161 -19.48 -33.58 -27.78
N LYS A 162 -18.43 -33.34 -26.99
CA LYS A 162 -17.98 -31.98 -26.71
C LYS A 162 -16.48 -31.93 -26.73
N THR A 163 -15.92 -30.88 -27.30
CA THR A 163 -14.49 -30.58 -27.15
C THR A 163 -14.37 -29.22 -26.49
N ALA A 164 -13.44 -29.08 -25.56
CA ALA A 164 -13.25 -27.80 -24.89
C ALA A 164 -11.82 -27.67 -24.43
N THR A 165 -11.33 -26.43 -24.43
CA THR A 165 -10.07 -26.17 -23.79
C THR A 165 -10.31 -25.40 -22.52
N LEU A 166 -9.70 -25.88 -21.44
CA LEU A 166 -9.65 -25.22 -20.14
C LEU A 166 -8.28 -24.56 -19.91
N PHE A 167 -8.31 -23.37 -19.31
CA PHE A 167 -7.12 -22.59 -19.06
C PHE A 167 -7.17 -22.29 -17.58
N SER A 168 -6.25 -22.84 -16.80
CA SER A 168 -6.14 -22.43 -15.41
C SER A 168 -5.50 -21.05 -15.37
N PHE A 169 -5.81 -20.26 -14.34
CA PHE A 169 -5.18 -18.95 -14.19
C PHE A 169 -5.04 -18.59 -12.72
N VAL A 170 -3.86 -18.08 -12.38
CA VAL A 170 -3.62 -17.54 -11.05
C VAL A 170 -2.53 -16.48 -11.17
N GLU A 171 -2.63 -15.42 -10.37
CA GLU A 171 -1.67 -14.32 -10.46
C GLU A 171 -0.74 -14.31 -9.23
N PHE A 172 0.56 -14.38 -9.48
CA PHE A 172 1.53 -14.36 -8.39
C PHE A 172 1.68 -13.01 -7.74
N CYS A 173 1.88 -13.01 -6.43
CA CYS A 173 2.22 -11.80 -5.71
C CYS A 173 3.71 -11.92 -5.52
N LEU A 174 4.41 -10.82 -5.27
CA LEU A 174 5.87 -10.90 -5.16
C LEU A 174 6.36 -11.10 -3.71
N TRP A 175 5.57 -11.84 -2.93
CA TRP A 175 5.90 -12.27 -1.56
C TRP A 175 5.60 -11.24 -0.50
N ASN A 176 6.32 -10.12 -0.55
CA ASN A 176 6.10 -8.98 0.31
C ASN A 176 4.94 -8.21 -0.25
N ALA A 177 3.78 -8.28 0.37
CA ALA A 177 2.62 -7.64 -0.22
C ALA A 177 2.78 -6.13 -0.18
N GLN A 178 3.49 -5.62 0.84
CA GLN A 178 3.65 -4.17 0.96
C GLN A 178 4.44 -3.64 -0.22
N ASP A 179 5.54 -4.32 -0.50
CA ASP A 179 6.40 -3.95 -1.58
C ASP A 179 5.68 -4.22 -2.90
N ASP A 180 4.92 -5.32 -2.94
CA ASP A 180 4.20 -5.69 -4.14
C ASP A 180 3.41 -4.50 -4.72
N GLN A 181 2.74 -3.76 -3.84
CA GLN A 181 1.75 -2.80 -4.30
C GLN A 181 2.26 -1.39 -4.27
N THR A 182 3.52 -1.19 -3.93
CA THR A 182 4.08 0.17 -3.83
C THR A 182 5.44 0.35 -4.46
N ASN A 183 6.16 -0.74 -4.74
CA ASN A 183 7.56 -0.60 -5.10
C ASN A 183 7.91 -1.03 -6.51
N TYR A 184 7.00 -0.71 -7.44
CA TYR A 184 7.20 -0.93 -8.88
C TYR A 184 8.52 -0.42 -9.41
N GLN A 185 9.01 0.71 -8.90
CA GLN A 185 10.26 1.26 -9.41
C GLN A 185 11.39 0.20 -9.38
N ARG A 186 11.24 -0.77 -8.49
CA ARG A 186 12.13 -1.92 -8.40
C ARG A 186 11.47 -3.14 -9.01
N ASN A 187 10.32 -3.50 -8.42
CA ASN A 187 9.80 -4.86 -8.49
C ASN A 187 9.24 -5.24 -9.87
N LEU A 188 9.06 -4.24 -10.74
CA LEU A 188 8.69 -4.55 -12.12
C LEU A 188 9.78 -5.29 -12.92
N SER A 189 10.96 -5.42 -12.31
CA SER A 189 12.14 -5.94 -12.98
C SER A 189 12.66 -7.23 -12.37
N ILE A 190 12.05 -7.67 -11.28
CA ILE A 190 12.59 -8.83 -10.57
C ILE A 190 11.84 -10.12 -10.76
N GLY A 191 10.65 -10.08 -11.35
CA GLY A 191 9.87 -11.28 -11.55
C GLY A 191 10.59 -12.35 -12.36
N GLU A 192 10.73 -13.52 -11.74
CA GLU A 192 11.23 -14.69 -12.50
C GLU A 192 10.37 -15.96 -12.38
N VAL A 193 10.45 -16.81 -13.41
CA VAL A 193 9.71 -18.07 -13.42
C VAL A 193 10.53 -19.15 -14.07
N GLU A 194 10.22 -20.40 -13.78
CA GLU A 194 10.67 -21.53 -14.59
C GLU A 194 9.42 -22.28 -15.04
N VAL A 195 9.52 -22.97 -16.15
CA VAL A 195 8.35 -23.64 -16.71
C VAL A 195 8.76 -25.07 -16.91
N GLU A 196 7.99 -26.01 -16.40
CA GLU A 196 8.29 -27.41 -16.64
C GLU A 196 7.06 -28.10 -17.20
N GLN A 197 7.08 -28.35 -18.51
CA GLN A 197 5.94 -28.97 -19.19
C GLN A 197 5.95 -30.47 -18.99
N ASP A 198 7.16 -31.03 -18.94
CA ASP A 198 7.29 -32.47 -18.86
C ASP A 198 7.92 -32.87 -17.51
N GLY A 199 7.12 -32.71 -16.46
CA GLY A 199 7.52 -33.01 -15.10
C GLY A 199 7.03 -34.39 -14.73
N PRO A 200 7.44 -34.93 -13.58
CA PRO A 200 7.07 -36.32 -13.25
C PRO A 200 5.56 -36.61 -13.19
N HIS A 201 4.69 -35.66 -12.86
CA HIS A 201 3.27 -36.02 -12.82
C HIS A 201 2.37 -35.22 -13.71
N GLY A 202 2.95 -34.29 -14.46
CA GLY A 202 2.18 -33.40 -15.34
C GLY A 202 2.95 -32.12 -15.58
N SER A 203 2.26 -31.02 -15.84
CA SER A 203 2.98 -29.75 -16.05
C SER A 203 2.99 -28.82 -14.84
N ALA A 204 4.15 -28.25 -14.52
CA ALA A 204 4.28 -27.23 -13.45
C ALA A 204 4.87 -25.90 -13.90
N ILE A 205 4.52 -24.83 -13.18
CA ILE A 205 5.12 -23.50 -13.36
C ILE A 205 5.74 -23.05 -12.05
N TYR A 206 6.92 -22.45 -12.10
CA TYR A 206 7.65 -22.01 -10.89
C TYR A 206 7.73 -20.51 -10.76
N HIS A 207 7.09 -19.99 -9.72
CA HIS A 207 7.33 -18.61 -9.36
C HIS A 207 8.41 -18.48 -8.29
N LYS A 208 9.50 -17.84 -8.66
CA LYS A 208 10.70 -17.77 -7.81
C LYS A 208 11.37 -16.40 -7.80
N THR A 209 10.57 -15.35 -7.82
CA THR A 209 11.12 -14.04 -7.68
C THR A 209 12.00 -13.99 -6.44
N GLU A 210 13.24 -13.53 -6.62
CA GLU A 210 14.15 -13.27 -5.49
C GLU A 210 14.70 -14.53 -4.82
N TYR A 211 14.28 -15.68 -5.29
CA TYR A 211 14.92 -16.93 -4.90
C TYR A 211 16.39 -16.84 -5.24
N ARG A 212 16.69 -16.14 -6.34
CA ARG A 212 18.06 -15.84 -6.75
C ARG A 212 18.87 -15.23 -5.62
N GLU A 213 18.21 -14.46 -4.75
CA GLU A 213 18.91 -13.82 -3.64
C GLU A 213 18.57 -14.43 -2.26
N ARG A 214 17.85 -13.70 -1.40
CA ARG A 214 17.69 -14.10 0.01
C ARG A 214 16.52 -15.03 0.30
N ARG A 215 15.69 -15.34 -0.68
CA ARG A 215 14.54 -16.18 -0.37
C ARG A 215 14.97 -17.60 -0.52
N ASP A 216 14.56 -18.48 0.40
CA ASP A 216 14.91 -19.87 0.29
C ASP A 216 13.69 -20.68 -0.13
N HIS A 217 12.76 -19.98 -0.76
CA HIS A 217 11.44 -20.51 -1.04
C HIS A 217 10.89 -20.07 -2.41
N TYR A 218 10.02 -20.89 -2.98
CA TYR A 218 9.36 -20.56 -4.23
C TYR A 218 7.97 -21.20 -4.20
N ALA A 219 7.14 -20.80 -5.17
CA ALA A 219 5.78 -21.30 -5.31
C ALA A 219 5.71 -22.18 -6.53
N VAL A 220 4.86 -23.19 -6.50
CA VAL A 220 4.64 -23.99 -7.71
C VAL A 220 3.18 -23.97 -8.17
N PHE A 221 2.98 -24.04 -9.47
CA PHE A 221 1.62 -24.19 -10.00
C PHE A 221 1.52 -25.35 -10.98
N GLY A 222 0.76 -26.38 -10.62
CA GLY A 222 0.83 -27.60 -11.34
C GLY A 222 -0.49 -28.26 -11.61
N VAL A 223 -0.49 -29.11 -12.63
CA VAL A 223 -1.64 -29.93 -12.95
C VAL A 223 -1.18 -31.39 -13.18
N ASN A 224 -2.06 -32.34 -12.85
CA ASN A 224 -1.78 -33.78 -12.93
C ASN A 224 -1.93 -34.43 -14.31
N THR A 225 -1.38 -33.76 -15.33
CA THR A 225 -1.42 -34.22 -16.70
C THR A 225 -0.44 -33.34 -17.47
N ARG A 226 0.03 -33.86 -18.59
CA ARG A 226 0.84 -33.09 -19.49
C ARG A 226 -0.02 -32.03 -20.23
N ALA A 227 0.19 -30.75 -19.89
CA ALA A 227 -0.53 -29.60 -20.50
C ALA A 227 -0.28 -29.39 -22.01
N ASP A 228 -1.30 -28.94 -22.73
CA ASP A 228 -1.12 -28.58 -24.13
C ASP A 228 -0.31 -27.28 -24.25
N GLY A 229 -0.54 -26.37 -23.31
CA GLY A 229 0.18 -25.12 -23.28
C GLY A 229 0.22 -24.51 -21.89
N PHE A 230 0.92 -23.40 -21.82
CA PHE A 230 1.09 -22.69 -20.59
C PHE A 230 1.26 -21.23 -20.93
N ASP A 231 1.25 -20.42 -19.88
CA ASP A 231 1.50 -19.00 -19.96
C ASP A 231 1.93 -18.53 -18.61
N THR A 232 2.95 -17.69 -18.56
CA THR A 232 3.37 -17.17 -17.27
C THR A 232 3.49 -15.67 -17.23
N ASP A 233 3.17 -15.01 -18.35
CA ASP A 233 3.15 -13.56 -18.43
C ASP A 233 1.73 -12.99 -18.55
N ARG A 234 1.31 -12.23 -17.53
CA ARG A 234 -0.04 -11.72 -17.47
C ARG A 234 -0.43 -10.94 -18.73
N ASP A 235 0.46 -10.04 -19.17
CA ASP A 235 0.13 -9.16 -20.30
C ASP A 235 -0.16 -10.00 -21.55
N THR A 236 0.62 -11.06 -21.80
CA THR A 236 0.41 -11.92 -22.96
C THR A 236 -0.95 -12.62 -22.86
N PHE A 237 -1.19 -13.27 -21.72
CA PHE A 237 -2.41 -14.06 -21.54
C PHE A 237 -3.69 -13.21 -21.49
N VAL A 238 -3.61 -12.01 -20.92
CA VAL A 238 -4.80 -11.16 -20.83
C VAL A 238 -4.94 -10.23 -22.04
N GLY A 239 -3.83 -9.67 -22.49
CA GLY A 239 -3.80 -8.77 -23.64
C GLY A 239 -3.87 -7.29 -23.27
N ALA A 240 -3.24 -6.46 -24.10
CA ALA A 240 -3.31 -5.02 -23.93
C ALA A 240 -4.79 -4.62 -23.93
N TYR A 241 -5.15 -3.72 -22.99
CA TYR A 241 -6.45 -3.02 -22.86
C TYR A 241 -7.58 -3.91 -22.35
N ASN A 242 -7.23 -5.11 -21.89
CA ASN A 242 -8.25 -6.08 -21.49
C ASN A 242 -8.27 -6.24 -20.01
N SER A 243 -9.47 -6.47 -19.46
CA SER A 243 -9.61 -6.96 -18.09
C SER A 243 -9.54 -8.48 -18.10
N LEU A 244 -9.54 -9.10 -16.92
CA LEU A 244 -9.55 -10.56 -16.80
C LEU A 244 -10.77 -11.15 -17.46
N GLY A 245 -11.87 -10.40 -17.44
CA GLY A 245 -13.11 -10.81 -18.06
C GLY A 245 -12.93 -11.08 -19.54
N GLU A 246 -11.97 -10.38 -20.16
CA GLU A 246 -11.75 -10.45 -21.61
C GLU A 246 -10.38 -11.08 -22.00
N ALA A 247 -9.76 -11.87 -21.14
CA ALA A 247 -8.44 -12.47 -21.45
C ALA A 247 -8.27 -12.97 -22.92
N SER A 248 -7.17 -12.59 -23.56
CA SER A 248 -6.99 -12.85 -24.98
C SER A 248 -6.75 -14.30 -25.28
N VAL A 249 -5.95 -14.94 -24.44
CA VAL A 249 -5.51 -16.30 -24.69
C VAL A 249 -6.70 -17.30 -24.77
N PRO A 250 -7.56 -17.33 -23.73
CA PRO A 250 -8.70 -18.24 -23.79
C PRO A 250 -9.57 -17.94 -24.98
N ARG A 251 -9.71 -16.66 -25.31
CA ARG A 251 -10.53 -16.24 -26.43
C ARG A 251 -9.91 -16.72 -27.73
N ALA A 252 -8.58 -16.65 -27.81
CA ALA A 252 -7.78 -17.19 -28.94
C ALA A 252 -7.92 -18.71 -29.04
N GLY A 253 -8.29 -19.33 -27.92
CA GLY A 253 -8.43 -20.79 -27.88
C GLY A 253 -7.15 -21.58 -27.70
N LYS A 254 -6.01 -20.89 -27.61
CA LYS A 254 -4.77 -21.61 -27.26
C LYS A 254 -3.74 -20.77 -26.52
N SER A 255 -2.98 -21.45 -25.66
CA SER A 255 -1.98 -20.77 -24.84
C SER A 255 -0.94 -20.12 -25.74
N ALA A 256 -0.31 -19.07 -25.26
CA ALA A 256 0.72 -18.39 -26.04
C ALA A 256 2.13 -18.83 -25.63
N ASP A 257 2.21 -19.65 -24.57
CA ASP A 257 3.48 -20.15 -24.06
C ASP A 257 4.46 -19.01 -23.68
N SER A 258 3.89 -17.95 -23.09
CA SER A 258 4.69 -16.82 -22.60
C SER A 258 5.55 -17.17 -21.40
N VAL A 259 6.82 -16.74 -21.46
CA VAL A 259 7.77 -16.78 -20.35
C VAL A 259 7.94 -15.36 -19.81
N ALA A 260 7.67 -15.14 -18.54
CA ALA A 260 7.77 -13.79 -17.98
C ALA A 260 9.23 -13.44 -17.85
N SER A 261 9.56 -12.18 -18.08
CA SER A 261 10.78 -11.62 -17.55
C SER A 261 10.43 -10.27 -16.96
N GLY A 262 10.37 -10.20 -15.62
CA GLY A 262 9.85 -9.01 -14.94
C GLY A 262 8.37 -8.90 -15.28
N TRP A 263 7.82 -7.69 -15.26
CA TRP A 263 6.36 -7.47 -15.26
C TRP A 263 5.53 -8.34 -14.29
N TYR A 264 4.43 -8.93 -14.77
CA TYR A 264 3.51 -9.63 -13.87
C TYR A 264 3.42 -11.13 -14.14
N PRO A 265 4.10 -11.93 -13.31
CA PRO A 265 4.11 -13.39 -13.56
C PRO A 265 2.83 -14.07 -13.14
N ILE A 266 2.31 -14.95 -13.98
CA ILE A 266 1.12 -15.73 -13.66
C ILE A 266 1.40 -17.21 -13.73
N GLY A 267 0.42 -18.02 -13.36
CA GLY A 267 0.44 -19.46 -13.54
C GLY A 267 -0.76 -19.83 -14.41
N SER A 268 -0.51 -20.63 -15.44
CA SER A 268 -1.53 -20.96 -16.41
C SER A 268 -1.16 -22.13 -17.30
N HIS A 269 -2.04 -23.14 -17.26
CA HIS A 269 -1.97 -24.30 -18.12
C HIS A 269 -3.23 -24.42 -18.92
N SER A 270 -3.09 -24.95 -20.14
CA SER A 270 -4.21 -25.26 -21.02
C SER A 270 -4.41 -26.79 -21.25
N VAL A 271 -5.64 -27.26 -21.16
CA VAL A 271 -5.92 -28.69 -21.29
C VAL A 271 -7.18 -28.93 -22.14
N ALA A 272 -6.97 -29.48 -23.32
CA ALA A 272 -8.05 -29.80 -24.25
C ALA A 272 -8.64 -31.16 -23.87
N VAL A 273 -9.96 -31.18 -23.63
CA VAL A 273 -10.69 -32.43 -23.32
C VAL A 273 -11.81 -32.70 -24.32
N THR A 274 -12.09 -33.98 -24.55
CA THR A 274 -13.17 -34.41 -25.40
C THR A 274 -14.01 -35.38 -24.59
N LEU A 275 -15.32 -35.11 -24.49
CA LEU A 275 -16.24 -35.93 -23.73
C LEU A 275 -17.47 -36.40 -24.54
N GLN A 276 -17.82 -37.67 -24.39
CA GLN A 276 -19.07 -38.15 -24.96
C GLN A 276 -20.22 -37.76 -24.03
N PRO A 277 -21.50 -37.86 -24.49
CA PRO A 277 -22.60 -37.50 -23.59
C PRO A 277 -22.46 -38.18 -22.23
N GLY A 278 -22.67 -37.43 -21.15
CA GLY A 278 -22.66 -38.00 -19.80
C GLY A 278 -21.29 -38.33 -19.22
N GLU A 279 -20.22 -38.12 -20.00
CA GLU A 279 -18.84 -38.41 -19.54
C GLU A 279 -18.21 -37.29 -18.74
N SER A 280 -17.27 -37.63 -17.86
CA SER A 280 -16.50 -36.63 -17.14
C SER A 280 -15.01 -36.93 -17.00
N ARG A 281 -14.25 -35.91 -16.65
CA ARG A 281 -12.81 -35.97 -16.57
C ARG A 281 -12.41 -35.18 -15.33
N ASP A 282 -11.41 -35.66 -14.61
CA ASP A 282 -10.88 -34.99 -13.41
C ASP A 282 -9.55 -34.35 -13.70
N LEU A 283 -9.39 -33.11 -13.26
CA LEU A 283 -8.12 -32.45 -13.28
C LEU A 283 -7.75 -31.99 -11.88
N VAL A 284 -6.50 -32.21 -11.50
CA VAL A 284 -6.07 -31.84 -10.16
C VAL A 284 -4.97 -30.81 -10.24
N TYR A 285 -5.26 -29.60 -9.76
CA TYR A 285 -4.27 -28.50 -9.72
C TYR A 285 -3.81 -28.28 -8.29
N VAL A 286 -2.54 -27.90 -8.17
CA VAL A 286 -1.92 -27.64 -6.90
C VAL A 286 -1.14 -26.35 -7.00
N LEU A 287 -1.43 -25.42 -6.08
CA LEU A 287 -0.60 -24.24 -5.91
C LEU A 287 0.15 -24.44 -4.61
N GLY A 288 1.47 -24.61 -4.69
CA GLY A 288 2.25 -24.98 -3.52
C GLY A 288 3.37 -24.04 -3.11
N TYR A 289 3.64 -24.01 -1.81
CA TYR A 289 4.72 -23.22 -1.25
C TYR A 289 5.78 -24.22 -0.85
N LEU A 290 6.99 -24.00 -1.34
CA LEU A 290 8.11 -24.92 -1.08
C LEU A 290 9.30 -24.15 -0.57
N GLU A 291 10.10 -24.82 0.26
CA GLU A 291 11.35 -24.30 0.81
C GLU A 291 12.47 -25.27 0.56
N ASN A 292 13.70 -24.79 0.53
CA ASN A 292 14.87 -25.66 0.48
C ASN A 292 15.88 -25.15 1.49
N PRO A 293 16.59 -26.06 2.15
CA PRO A 293 17.77 -25.62 2.90
C PRO A 293 18.78 -25.11 1.87
N ASP A 294 19.53 -24.07 2.18
CA ASP A 294 20.16 -23.32 1.09
C ASP A 294 21.35 -24.07 0.51
N GLU A 295 21.76 -25.11 1.24
CA GLU A 295 22.70 -26.13 0.79
C GLU A 295 22.16 -26.80 -0.47
N GLU A 296 20.87 -27.08 -0.43
CA GLU A 296 20.13 -27.72 -1.51
C GLU A 296 19.26 -26.73 -2.31
N LYS A 297 19.66 -25.46 -2.42
CA LYS A 297 18.83 -24.49 -3.13
C LYS A 297 18.69 -24.76 -4.64
N TRP A 298 19.77 -25.23 -5.24
CA TRP A 298 19.91 -25.29 -6.67
C TRP A 298 20.13 -26.68 -7.22
N ALA A 299 19.61 -26.90 -8.42
CA ALA A 299 19.78 -28.14 -9.15
C ALA A 299 21.17 -28.27 -9.78
N ASP A 300 21.90 -27.15 -9.85
CA ASP A 300 23.09 -27.04 -10.69
C ASP A 300 24.27 -26.36 -9.97
N ASP A 301 25.49 -26.60 -10.43
CA ASP A 301 26.65 -25.95 -9.84
C ASP A 301 26.62 -24.42 -10.02
N ALA A 302 26.06 -23.96 -11.14
CA ALA A 302 25.98 -22.53 -11.48
C ALA A 302 24.84 -21.75 -10.79
N HIS A 303 24.04 -22.43 -9.97
CA HIS A 303 22.95 -21.77 -9.22
C HIS A 303 21.97 -20.99 -10.10
N GLN A 304 21.55 -21.59 -11.19
CA GLN A 304 20.62 -20.93 -12.09
C GLN A 304 19.25 -21.63 -12.10
N VAL A 305 19.21 -22.83 -11.54
CA VAL A 305 18.06 -23.68 -11.72
C VAL A 305 17.60 -24.12 -10.35
N VAL A 306 16.34 -23.83 -10.02
CA VAL A 306 15.90 -24.19 -8.69
C VAL A 306 15.79 -25.69 -8.54
N ASN A 307 16.20 -26.15 -7.36
CA ASN A 307 16.01 -27.53 -6.99
C ASN A 307 14.53 -27.77 -6.79
N LYS A 308 14.01 -28.83 -7.43
CA LYS A 308 12.56 -29.04 -7.56
C LYS A 308 12.07 -30.28 -6.80
N ALA A 309 12.96 -30.90 -6.04
CA ALA A 309 12.55 -32.07 -5.26
C ALA A 309 11.24 -31.82 -4.46
N PRO A 310 11.23 -30.88 -3.49
CA PRO A 310 9.99 -30.66 -2.73
C PRO A 310 8.77 -30.48 -3.64
N ALA A 311 8.91 -29.68 -4.70
CA ALA A 311 7.83 -29.45 -5.64
C ALA A 311 7.36 -30.74 -6.30
N HIS A 312 8.27 -31.63 -6.68
CA HIS A 312 7.83 -32.91 -7.28
C HIS A 312 7.16 -33.84 -6.24
N ALA A 313 7.67 -33.85 -5.00
CA ALA A 313 6.99 -34.62 -3.94
C ALA A 313 5.56 -34.10 -3.76
N LEU A 314 5.40 -32.80 -3.56
CA LEU A 314 4.09 -32.23 -3.48
C LEU A 314 3.16 -32.67 -4.62
N LEU A 315 3.58 -32.53 -5.88
CA LEU A 315 2.67 -32.82 -6.99
C LEU A 315 2.38 -34.33 -7.05
N GLY A 316 3.33 -35.12 -6.55
CA GLY A 316 3.20 -36.55 -6.52
C GLY A 316 2.23 -37.03 -5.46
N ARG A 317 2.02 -36.19 -4.43
CA ARG A 317 1.06 -36.54 -3.37
C ARG A 317 -0.35 -36.16 -3.77
N PHE A 318 -0.48 -35.42 -4.88
CA PHE A 318 -1.80 -35.04 -5.42
C PHE A 318 -2.01 -35.27 -6.92
N ALA A 319 -1.33 -36.30 -7.44
CA ALA A 319 -1.40 -36.67 -8.84
C ALA A 319 -2.74 -37.34 -9.24
N THR A 320 -3.53 -37.81 -8.28
CA THR A 320 -4.72 -38.62 -8.57
C THR A 320 -5.94 -38.14 -7.79
N SER A 321 -7.14 -38.46 -8.29
CA SER A 321 -8.39 -38.13 -7.59
C SER A 321 -8.56 -38.95 -6.31
N GLU A 322 -7.94 -40.13 -6.27
CA GLU A 322 -8.04 -40.98 -5.10
C GLU A 322 -7.28 -40.28 -3.96
N GLN A 323 -6.12 -39.71 -4.29
CA GLN A 323 -5.29 -39.02 -3.31
C GLN A 323 -6.04 -37.83 -2.72
N VAL A 324 -6.68 -37.06 -3.60
CA VAL A 324 -7.53 -35.92 -3.18
C VAL A 324 -8.67 -36.34 -2.24
N ASP A 325 -9.53 -37.24 -2.70
CA ASP A 325 -10.63 -37.69 -1.86
C ASP A 325 -10.11 -38.21 -0.48
N ALA A 326 -8.98 -38.92 -0.46
CA ALA A 326 -8.38 -39.37 0.82
C ALA A 326 -8.08 -38.20 1.77
N ALA A 327 -7.57 -37.11 1.21
CA ALA A 327 -7.16 -35.98 2.00
C ALA A 327 -8.38 -35.24 2.49
N LEU A 328 -9.39 -35.19 1.62
CA LEU A 328 -10.63 -34.57 1.94
C LEU A 328 -11.37 -35.38 3.00
N GLU A 329 -11.35 -36.70 2.88
CA GLU A 329 -11.88 -37.53 3.98
C GLU A 329 -11.14 -37.30 5.29
N ALA A 330 -9.83 -37.08 5.23
CA ALA A 330 -9.04 -36.98 6.45
C ALA A 330 -9.41 -35.65 7.12
N LEU A 331 -9.57 -34.61 6.29
CA LEU A 331 -9.95 -33.28 6.73
C LEU A 331 -11.37 -33.27 7.37
N ASN A 332 -12.30 -33.98 6.75
CA ASN A 332 -13.62 -34.15 7.31
C ASN A 332 -13.55 -34.73 8.73
N SER A 333 -12.78 -35.82 8.88
CA SER A 333 -12.52 -36.47 10.16
C SER A 333 -11.93 -35.57 11.23
N TYR A 334 -11.03 -34.68 10.82
CA TYR A 334 -10.33 -33.80 11.74
C TYR A 334 -11.38 -32.80 12.24
N TRP A 335 -12.22 -32.32 11.35
CA TRP A 335 -13.26 -31.42 11.81
C TRP A 335 -14.24 -32.07 12.80
N THR A 336 -14.72 -33.26 12.46
CA THR A 336 -15.56 -34.08 13.31
C THR A 336 -14.92 -34.25 14.68
N ASN A 337 -13.63 -34.56 14.67
CA ASN A 337 -12.89 -34.54 15.91
C ASN A 337 -12.97 -33.21 16.67
N LEU A 338 -12.64 -32.11 16.01
CA LEU A 338 -12.61 -30.84 16.67
C LEU A 338 -13.94 -30.53 17.26
N LEU A 339 -15.01 -30.87 16.55
CA LEU A 339 -16.33 -30.40 16.93
C LEU A 339 -17.01 -31.31 17.94
N SER A 340 -16.29 -32.35 18.34
CA SER A 340 -16.85 -33.33 19.25
C SER A 340 -16.70 -32.93 20.74
N THR A 341 -15.83 -31.96 21.04
CA THR A 341 -15.64 -31.51 22.41
C THR A 341 -16.85 -30.77 23.01
N TYR A 342 -17.47 -29.91 22.24
CA TYR A 342 -18.67 -29.30 22.76
C TYR A 342 -19.76 -29.45 21.75
N SER A 343 -20.95 -29.83 22.15
CA SER A 343 -22.12 -29.69 21.25
C SER A 343 -23.46 -29.80 21.97
N VAL A 344 -24.49 -29.38 21.27
CA VAL A 344 -25.77 -29.20 21.88
C VAL A 344 -26.81 -29.67 20.90
N SER A 345 -27.84 -30.24 21.47
CA SER A 345 -29.00 -30.61 20.74
C SER A 345 -30.15 -30.02 21.50
N SER A 346 -30.92 -29.16 20.83
CA SER A 346 -32.01 -28.44 21.48
C SER A 346 -33.23 -28.40 20.57
N THR A 347 -34.21 -27.57 20.89
CA THR A 347 -35.38 -27.42 20.02
C THR A 347 -35.18 -26.34 18.96
N ASP A 348 -34.09 -25.58 19.06
CA ASP A 348 -33.80 -24.42 18.19
C ASP A 348 -32.61 -24.70 17.28
N GLU A 349 -32.89 -24.98 16.02
CA GLU A 349 -31.82 -25.36 15.12
C GLU A 349 -30.92 -24.21 14.64
N LYS A 350 -31.29 -22.96 14.91
CA LYS A 350 -30.38 -21.85 14.64
C LYS A 350 -29.30 -21.73 15.70
N LEU A 351 -29.69 -21.89 16.96
CA LEU A 351 -28.76 -22.11 18.05
C LEU A 351 -27.85 -23.29 17.75
N ASP A 352 -28.46 -24.43 17.42
CA ASP A 352 -27.72 -25.68 17.21
C ASP A 352 -26.60 -25.54 16.16
N ARG A 353 -26.91 -24.94 15.00
CA ARG A 353 -25.92 -24.82 13.96
C ARG A 353 -24.82 -23.86 14.35
N MET A 354 -25.14 -22.82 15.11
CA MET A 354 -24.09 -21.94 15.59
C MET A 354 -23.18 -22.64 16.61
N VAL A 355 -23.74 -23.20 17.67
CA VAL A 355 -22.89 -23.80 18.66
C VAL A 355 -22.16 -25.03 18.11
N ASN A 356 -22.87 -25.86 17.33
CA ASN A 356 -22.26 -27.09 16.83
C ASN A 356 -21.23 -26.91 15.71
N ILE A 357 -21.43 -25.93 14.83
CA ILE A 357 -20.59 -25.86 13.66
C ILE A 357 -20.00 -24.50 13.50
N TRP A 358 -20.83 -23.51 13.20
CA TRP A 358 -20.33 -22.28 12.61
C TRP A 358 -19.46 -21.41 13.52
N ASN A 359 -19.90 -21.19 14.76
CA ASN A 359 -19.14 -20.38 15.72
C ASN A 359 -17.74 -21.02 16.04
N GLN A 360 -17.64 -22.35 16.08
CA GLN A 360 -16.37 -23.02 16.45
C GLN A 360 -15.38 -22.98 15.28
N TYR A 361 -15.94 -23.08 14.08
CA TYR A 361 -15.20 -22.93 12.88
C TYR A 361 -14.54 -21.56 12.84
N GLN A 362 -15.38 -20.52 13.06
CA GLN A 362 -14.87 -19.13 13.09
C GLN A 362 -13.75 -18.96 14.07
N CYS A 363 -13.87 -19.60 15.24
CA CYS A 363 -12.88 -19.49 16.29
C CYS A 363 -11.53 -20.02 15.90
N MET A 364 -11.54 -21.17 15.21
CA MET A 364 -10.37 -21.73 14.62
C MET A 364 -9.72 -20.72 13.68
N VAL A 365 -10.54 -20.07 12.84
CA VAL A 365 -10.02 -19.07 11.90
C VAL A 365 -9.44 -17.83 12.60
N THR A 366 -10.15 -17.28 13.59
CA THR A 366 -9.63 -16.15 14.35
C THR A 366 -8.34 -16.56 15.10
N PHE A 367 -8.28 -17.75 15.66
CA PHE A 367 -7.07 -18.13 16.34
C PHE A 367 -5.91 -18.06 15.36
N ASN A 368 -6.17 -18.49 14.14
CA ASN A 368 -5.17 -18.48 13.10
C ASN A 368 -4.83 -17.10 12.54
N MET A 369 -5.84 -16.29 12.21
CA MET A 369 -5.61 -15.05 11.48
C MET A 369 -5.41 -13.82 12.35
N SER A 370 -5.82 -13.91 13.62
CA SER A 370 -5.98 -12.75 14.49
C SER A 370 -6.87 -11.67 13.83
N ARG A 371 -6.29 -10.53 13.51
CA ARG A 371 -7.02 -9.56 12.74
C ARG A 371 -6.22 -9.10 11.52
N SER A 372 -5.40 -9.99 10.96
CA SER A 372 -4.54 -9.54 9.87
C SER A 372 -5.18 -9.49 8.52
N ALA A 373 -5.81 -10.59 8.09
CA ALA A 373 -6.21 -10.72 6.66
C ALA A 373 -7.66 -11.17 6.41
N SER A 374 -8.52 -10.24 6.04
CA SER A 374 -9.86 -10.60 5.65
C SER A 374 -10.11 -9.94 4.31
N PHE A 375 -11.35 -9.88 3.85
CA PHE A 375 -11.62 -9.01 2.71
C PHE A 375 -11.75 -7.53 3.13
N PHE A 376 -11.50 -7.24 4.42
CA PHE A 376 -11.40 -5.87 4.91
C PHE A 376 -10.04 -5.61 5.55
N GLU A 377 -9.52 -6.59 6.27
CA GLU A 377 -8.17 -6.49 6.83
C GLU A 377 -7.20 -6.90 5.72
N THR A 378 -6.23 -6.04 5.43
CA THR A 378 -5.54 -6.08 4.18
C THR A 378 -4.32 -6.94 4.24
N GLY A 379 -4.10 -7.54 5.42
CA GLY A 379 -2.94 -8.38 5.64
C GLY A 379 -1.62 -7.65 5.47
N ILE A 380 -1.54 -6.41 5.97
CA ILE A 380 -0.34 -5.58 5.85
C ILE A 380 0.11 -5.00 7.21
N GLY A 381 -0.51 -3.91 7.67
CA GLY A 381 -0.22 -3.38 8.99
C GLY A 381 -0.38 -4.35 10.17
N ARG A 382 -1.53 -5.03 10.28
CA ARG A 382 -1.83 -5.83 11.48
C ARG A 382 -1.23 -7.20 11.37
N GLY A 383 -0.50 -7.58 12.41
CA GLY A 383 -0.08 -8.97 12.62
C GLY A 383 -0.94 -9.65 13.68
N MET A 384 -0.32 -10.39 14.59
CA MET A 384 -1.07 -11.02 15.69
C MET A 384 -1.21 -10.08 16.90
N GLY A 385 -2.42 -9.60 17.15
CA GLY A 385 -2.66 -8.71 18.28
C GLY A 385 -2.51 -9.39 19.64
N PHE A 386 -1.87 -8.71 20.59
CA PHE A 386 -1.75 -9.18 21.98
C PHE A 386 -3.13 -9.36 22.61
N ARG A 387 -3.85 -8.25 22.78
CA ARG A 387 -5.22 -8.31 23.20
C ARG A 387 -6.02 -9.26 22.29
N ASP A 388 -5.75 -9.20 20.99
CA ASP A 388 -6.60 -9.92 20.02
C ASP A 388 -6.43 -11.43 20.13
N SER A 389 -5.18 -11.88 20.14
CA SER A 389 -4.92 -13.31 20.24
C SER A 389 -5.14 -13.95 21.62
N ASN A 390 -4.92 -13.19 22.69
CA ASN A 390 -5.34 -13.60 24.03
C ASN A 390 -6.84 -13.84 24.13
N GLN A 391 -7.63 -12.89 23.68
CA GLN A 391 -9.11 -13.02 23.71
C GLN A 391 -9.63 -14.18 22.87
N ASP A 392 -9.15 -14.28 21.63
CA ASP A 392 -9.44 -15.44 20.77
C ASP A 392 -9.23 -16.75 21.52
N LEU A 393 -8.25 -16.79 22.43
CA LEU A 393 -7.93 -18.02 23.13
C LEU A 393 -9.13 -18.56 23.87
N LEU A 394 -10.00 -17.64 24.35
CA LEU A 394 -11.13 -18.06 25.18
C LEU A 394 -12.09 -18.96 24.40
N GLY A 395 -12.13 -18.81 23.08
CA GLY A 395 -12.97 -19.63 22.20
C GLY A 395 -12.23 -20.77 21.54
N PHE A 396 -10.93 -20.87 21.78
CA PHE A 396 -10.17 -21.88 21.11
C PHE A 396 -9.67 -23.01 22.04
N VAL A 397 -9.61 -22.78 23.37
CA VAL A 397 -8.92 -23.73 24.28
C VAL A 397 -9.51 -25.14 24.30
N HIS A 398 -10.83 -25.24 24.15
CA HIS A 398 -11.50 -26.54 24.14
C HIS A 398 -11.23 -27.31 22.83
N LEU A 399 -10.91 -26.57 21.75
CA LEU A 399 -10.71 -27.16 20.43
C LEU A 399 -9.37 -27.83 20.26
N ILE A 400 -8.27 -27.08 20.31
CA ILE A 400 -6.93 -27.69 20.35
C ILE A 400 -6.03 -27.06 21.43
N PRO A 401 -6.08 -27.60 22.66
CA PRO A 401 -5.36 -26.97 23.80
C PRO A 401 -3.84 -26.92 23.63
N GLU A 402 -3.24 -27.98 23.08
CA GLU A 402 -1.79 -28.01 22.82
C GLU A 402 -1.35 -26.82 21.95
N ARG A 403 -2.23 -26.38 21.06
CA ARG A 403 -1.92 -25.24 20.24
C ARG A 403 -2.20 -23.94 20.96
N ALA A 404 -3.18 -23.95 21.86
CA ALA A 404 -3.39 -22.78 22.68
C ALA A 404 -2.22 -22.65 23.61
N ARG A 405 -1.66 -23.76 24.03
CA ARG A 405 -0.58 -23.72 25.00
C ARG A 405 0.59 -23.03 24.37
N GLU A 406 0.90 -23.44 23.15
CA GLU A 406 2.02 -22.85 22.43
C GLU A 406 1.81 -21.37 22.19
N ARG A 407 0.60 -20.99 21.78
CA ARG A 407 0.28 -19.61 21.45
C ARG A 407 0.46 -18.68 22.65
N ILE A 408 0.00 -19.12 23.83
CA ILE A 408 0.25 -18.41 25.07
C ILE A 408 1.74 -18.12 25.25
N ILE A 409 2.60 -19.13 25.08
CA ILE A 409 4.05 -18.91 25.21
C ILE A 409 4.44 -17.77 24.23
N ASP A 410 3.99 -17.88 22.98
CA ASP A 410 4.30 -16.90 21.95
C ASP A 410 3.90 -15.49 22.35
N ILE A 411 2.66 -15.30 22.75
CA ILE A 411 2.23 -14.01 23.23
C ILE A 411 3.09 -13.49 24.40
N ALA A 412 3.25 -14.29 25.45
CA ALA A 412 3.95 -13.86 26.65
C ALA A 412 5.37 -13.45 26.35
N SER A 413 5.89 -13.97 25.23
CA SER A 413 7.28 -13.80 24.78
C SER A 413 7.50 -12.41 24.20
N THR A 414 6.40 -11.71 23.91
CA THR A 414 6.47 -10.35 23.39
C THR A 414 6.17 -9.35 24.48
N GLN A 415 6.02 -9.84 25.72
CA GLN A 415 5.83 -8.96 26.88
C GLN A 415 7.16 -8.31 27.27
N PHE A 416 7.13 -7.05 27.73
CA PHE A 416 8.31 -6.42 28.36
C PHE A 416 8.38 -6.77 29.85
N ALA A 417 9.57 -6.65 30.43
CA ALA A 417 9.80 -7.00 31.82
C ALA A 417 8.96 -6.16 32.74
N ASP A 418 8.70 -4.92 32.36
CA ASP A 418 7.98 -4.01 33.26
C ASP A 418 6.48 -4.34 33.29
N GLY A 419 6.09 -5.31 32.46
CA GLY A 419 4.72 -5.77 32.42
C GLY A 419 3.89 -5.32 31.24
N SER A 420 4.26 -4.19 30.64
CA SER A 420 3.59 -3.74 29.43
C SER A 420 4.04 -4.62 28.25
N ALA A 421 3.47 -4.41 27.06
CA ALA A 421 3.76 -5.31 25.90
C ALA A 421 3.68 -4.69 24.49
N TYR A 422 4.35 -5.33 23.54
CA TYR A 422 4.19 -4.96 22.16
C TYR A 422 2.72 -5.16 21.86
N HIS A 423 2.09 -4.24 21.15
CA HIS A 423 0.63 -4.33 20.90
C HIS A 423 0.33 -5.51 19.99
N GLN A 424 1.35 -5.93 19.21
CA GLN A 424 1.22 -7.06 18.30
C GLN A 424 2.55 -7.63 17.90
N TYR A 425 2.49 -8.82 17.31
CA TYR A 425 3.67 -9.42 16.75
C TYR A 425 3.53 -9.84 15.28
N GLN A 426 4.65 -9.88 14.56
CA GLN A 426 4.70 -10.28 13.16
C GLN A 426 4.49 -11.78 13.10
N PRO A 427 3.43 -12.26 12.41
CA PRO A 427 3.27 -13.72 12.47
C PRO A 427 4.49 -14.52 11.98
N LEU A 428 5.22 -14.05 10.98
CA LEU A 428 6.28 -14.89 10.43
C LEU A 428 7.43 -15.07 11.42
N THR A 429 7.74 -13.99 12.12
CA THR A 429 8.90 -13.98 13.04
C THR A 429 8.59 -14.22 14.52
N LYS A 430 7.34 -13.98 14.92
CA LYS A 430 6.91 -13.98 16.35
C LYS A 430 7.55 -12.89 17.22
N ARG A 431 7.96 -11.81 16.58
CA ARG A 431 8.63 -10.68 17.25
C ARG A 431 7.66 -9.50 17.23
N GLY A 432 7.49 -8.80 18.36
CA GLY A 432 6.48 -7.76 18.45
C GLY A 432 6.91 -6.49 17.76
N ASN A 433 5.95 -5.64 17.37
CA ASN A 433 6.28 -4.32 16.84
C ASN A 433 5.27 -3.24 17.29
N ASN A 434 5.59 -1.99 16.95
CA ASN A 434 4.77 -0.82 17.23
C ASN A 434 4.04 -0.27 15.97
N ASP A 435 3.95 -1.07 14.91
CA ASP A 435 3.31 -0.57 13.69
C ASP A 435 1.86 -0.06 13.87
N ILE A 436 1.11 -0.57 14.84
CA ILE A 436 -0.18 0.03 15.13
C ILE A 436 -0.31 0.61 16.55
N GLY A 437 0.84 1.01 17.13
CA GLY A 437 0.88 1.76 18.38
C GLY A 437 1.55 1.01 19.51
N SER A 438 1.69 1.68 20.65
CA SER A 438 2.21 1.05 21.87
C SER A 438 1.60 1.72 23.09
N GLY A 439 1.72 1.07 24.25
CA GLY A 439 1.17 1.63 25.47
C GLY A 439 -0.34 1.61 25.60
N PHE A 440 -0.95 0.51 25.13
CA PHE A 440 -2.35 0.17 25.45
C PHE A 440 -2.41 -0.54 26.83
N ASN A 441 -2.79 0.21 27.86
CA ASN A 441 -2.76 -0.32 29.23
C ASN A 441 -3.75 -1.43 29.57
N ASP A 442 -4.62 -1.80 28.64
CA ASP A 442 -5.51 -2.91 28.90
C ASP A 442 -4.86 -4.20 28.46
N ASP A 443 -3.94 -4.11 27.51
CA ASP A 443 -3.26 -5.30 27.00
C ASP A 443 -2.80 -6.24 28.12
N PRO A 444 -1.95 -5.76 29.05
CA PRO A 444 -1.28 -6.69 29.96
C PRO A 444 -2.23 -7.66 30.69
N LEU A 445 -3.42 -7.18 31.04
CA LEU A 445 -4.36 -8.03 31.77
C LEU A 445 -4.91 -9.21 30.98
N TRP A 446 -4.98 -9.08 29.64
CA TRP A 446 -5.58 -10.12 28.81
C TRP A 446 -4.73 -11.38 28.88
N LEU A 447 -3.43 -11.22 29.08
CA LEU A 447 -2.57 -12.38 29.30
C LEU A 447 -3.11 -13.29 30.43
N ILE A 448 -3.52 -12.69 31.55
CA ILE A 448 -4.09 -13.44 32.66
C ILE A 448 -5.42 -14.09 32.24
N ALA A 449 -6.22 -13.37 31.46
CA ALA A 449 -7.48 -13.91 30.96
C ALA A 449 -7.27 -15.17 30.13
N GLY A 450 -6.30 -15.11 29.23
CA GLY A 450 -5.98 -16.24 28.38
C GLY A 450 -5.56 -17.40 29.27
N VAL A 451 -4.56 -17.17 30.10
CA VAL A 451 -4.04 -18.26 30.92
C VAL A 451 -5.08 -18.86 31.90
N ALA A 452 -5.90 -18.01 32.53
CA ALA A 452 -6.96 -18.52 33.39
C ALA A 452 -7.79 -19.49 32.58
N ALA A 453 -8.29 -19.05 31.41
CA ALA A 453 -9.17 -19.86 30.55
C ALA A 453 -8.51 -21.16 30.17
N TYR A 454 -7.24 -21.09 29.85
CA TYR A 454 -6.53 -22.28 29.44
C TYR A 454 -6.34 -23.30 30.57
N ILE A 455 -5.97 -22.82 31.76
CA ILE A 455 -5.82 -23.72 32.90
C ILE A 455 -7.13 -24.40 33.26
N LYS A 456 -8.21 -23.62 33.42
CA LYS A 456 -9.53 -24.21 33.69
C LYS A 456 -9.86 -25.32 32.73
N GLU A 457 -9.68 -25.07 31.44
CA GLU A 457 -9.95 -26.06 30.40
C GLU A 457 -9.10 -27.31 30.54
N SER A 458 -7.78 -27.14 30.38
CA SER A 458 -6.83 -28.25 30.35
C SER A 458 -6.46 -28.79 31.71
N GLY A 459 -6.36 -27.93 32.71
CA GLY A 459 -5.86 -28.34 34.03
C GLY A 459 -4.34 -28.57 34.01
N ASP A 460 -3.69 -27.89 33.07
CA ASP A 460 -2.27 -28.05 32.83
C ASP A 460 -1.54 -26.96 33.56
N TRP A 461 -1.47 -27.10 34.88
CA TRP A 461 -0.76 -26.19 35.75
C TRP A 461 0.74 -26.08 35.45
N GLY A 462 1.33 -27.07 34.81
CA GLY A 462 2.76 -27.04 34.43
C GLY A 462 3.13 -25.92 33.46
N ILE A 463 2.09 -25.29 32.88
CA ILE A 463 2.27 -24.11 32.08
C ILE A 463 2.79 -22.90 32.87
N LEU A 464 2.39 -22.74 34.13
CA LEU A 464 2.84 -21.60 34.94
C LEU A 464 4.33 -21.65 35.23
N ASP A 465 4.92 -22.82 35.00
CA ASP A 465 6.34 -23.06 35.19
C ASP A 465 7.14 -22.94 33.91
N GLU A 466 6.48 -22.75 32.78
CA GLU A 466 7.19 -22.67 31.51
C GLU A 466 8.10 -21.45 31.54
N PRO A 467 9.38 -21.63 31.22
CA PRO A 467 10.29 -20.48 31.14
C PRO A 467 9.99 -19.65 29.87
N VAL A 468 9.83 -18.33 30.01
CA VAL A 468 9.33 -17.51 28.94
C VAL A 468 10.08 -16.17 28.90
N PRO A 469 10.70 -15.85 27.75
CA PRO A 469 11.59 -14.71 27.62
C PRO A 469 10.83 -13.40 27.75
N PHE A 470 11.53 -12.31 28.02
CA PHE A 470 10.92 -11.00 27.83
C PHE A 470 11.36 -10.39 26.52
N ASP A 471 10.39 -9.96 25.73
CA ASP A 471 10.67 -9.40 24.41
C ASP A 471 11.64 -10.31 23.66
N ASN A 472 11.42 -11.62 23.72
CA ASN A 472 12.32 -12.61 23.06
C ASN A 472 13.84 -12.62 23.44
N GLU A 473 14.26 -11.78 24.39
CA GLU A 473 15.64 -11.79 24.88
C GLU A 473 16.05 -13.17 25.37
N PRO A 474 16.99 -13.83 24.67
CA PRO A 474 17.42 -15.12 25.23
C PRO A 474 18.23 -14.84 26.47
N GLY A 475 18.13 -15.70 27.49
CA GLY A 475 18.76 -15.40 28.76
C GLY A 475 17.82 -14.79 29.76
N SER A 476 16.80 -14.07 29.29
CA SER A 476 15.81 -13.37 30.17
C SER A 476 14.63 -14.20 30.71
N GLU A 477 14.49 -15.44 30.22
CA GLU A 477 13.40 -16.34 30.60
C GLU A 477 13.07 -16.32 32.10
N VAL A 478 11.78 -16.23 32.42
CA VAL A 478 11.30 -16.43 33.76
C VAL A 478 10.11 -17.36 33.68
N PRO A 479 9.56 -17.79 34.83
CA PRO A 479 8.39 -18.67 34.68
C PRO A 479 7.19 -17.89 34.13
N LEU A 480 6.30 -18.59 33.41
CA LEU A 480 5.09 -17.93 32.87
C LEU A 480 4.40 -17.18 33.98
N PHE A 481 4.12 -17.85 35.09
CA PHE A 481 3.40 -17.21 36.16
C PHE A 481 3.95 -15.79 36.43
N GLU A 482 5.29 -15.67 36.47
CA GLU A 482 5.95 -14.41 36.77
C GLU A 482 5.52 -13.30 35.81
N HIS A 483 5.47 -13.62 34.51
CA HIS A 483 4.93 -12.76 33.48
C HIS A 483 3.60 -12.22 33.92
N LEU A 484 2.80 -13.08 34.55
CA LEU A 484 1.46 -12.72 34.96
C LEU A 484 1.54 -11.78 36.11
N THR A 485 2.45 -12.04 37.04
CA THR A 485 2.55 -11.10 38.13
C THR A 485 2.91 -9.70 37.58
N ARG A 486 3.78 -9.63 36.56
CA ARG A 486 4.11 -8.33 35.94
C ARG A 486 2.84 -7.63 35.46
N SER A 487 2.01 -8.32 34.69
CA SER A 487 0.73 -7.76 34.24
C SER A 487 -0.10 -7.22 35.39
N PHE A 488 -0.31 -8.06 36.40
CA PHE A 488 -1.02 -7.66 37.60
C PHE A 488 -0.40 -6.41 38.25
N GLN A 489 0.92 -6.46 38.48
CA GLN A 489 1.70 -5.32 39.02
C GLN A 489 1.62 -4.05 38.15
N PHE A 490 1.68 -4.22 36.83
CA PHE A 490 1.63 -3.07 35.95
C PHE A 490 0.45 -2.20 36.29
N THR A 491 -0.74 -2.78 36.41
CA THR A 491 -1.94 -2.00 36.65
C THR A 491 -2.00 -1.48 38.10
N VAL A 492 -1.51 -2.31 39.04
CA VAL A 492 -1.39 -1.90 40.42
C VAL A 492 -0.55 -0.64 40.49
N GLN A 493 0.55 -0.61 39.76
CA GLN A 493 1.50 0.47 39.93
C GLN A 493 1.27 1.61 38.95
N ASN A 494 0.10 1.59 38.29
CA ASN A 494 -0.31 2.64 37.38
C ASN A 494 -1.77 3.04 37.55
N ARG A 495 -2.10 3.58 38.72
CA ARG A 495 -3.46 4.00 38.97
C ARG A 495 -3.51 5.49 39.15
N GLY A 496 -4.63 6.11 38.79
CA GLY A 496 -4.78 7.55 38.97
C GLY A 496 -5.36 8.08 40.28
N PRO A 497 -5.88 9.30 40.24
CA PRO A 497 -6.30 9.94 41.50
C PRO A 497 -7.65 9.50 42.03
N HIS A 498 -8.37 8.63 41.32
CA HIS A 498 -9.50 7.94 41.94
C HIS A 498 -9.19 6.48 42.23
N GLY A 499 -7.95 6.08 42.04
CA GLY A 499 -7.62 4.66 42.15
C GLY A 499 -8.09 3.80 40.97
N LEU A 500 -8.64 4.41 39.93
CA LEU A 500 -8.84 3.68 38.66
C LEU A 500 -7.52 3.58 37.90
N PRO A 501 -7.34 2.52 37.09
CA PRO A 501 -6.15 2.37 36.22
C PRO A 501 -5.93 3.53 35.27
N LEU A 502 -4.67 3.92 35.06
CA LEU A 502 -4.30 4.93 34.07
C LEU A 502 -4.49 4.35 32.66
N ILE A 503 -5.17 5.11 31.79
CA ILE A 503 -5.55 4.61 30.46
C ILE A 503 -4.39 4.49 29.44
N GLY A 504 -3.39 5.38 29.50
CA GLY A 504 -2.28 5.34 28.53
C GLY A 504 -2.80 5.61 27.12
N ARG A 505 -2.27 4.92 26.10
CA ARG A 505 -2.63 5.25 24.72
C ARG A 505 -4.11 5.09 24.45
N ALA A 506 -4.65 3.95 24.87
CA ALA A 506 -6.09 3.68 24.85
C ALA A 506 -6.32 2.41 25.66
N ASP A 507 -7.58 2.05 25.85
CA ASP A 507 -7.87 0.76 26.50
C ASP A 507 -8.45 -0.19 25.45
N TRP A 508 -9.29 -1.14 25.87
CA TRP A 508 -9.91 -2.03 24.89
C TRP A 508 -10.40 -1.24 23.66
N ASN A 509 -10.93 -0.05 23.92
CA ASN A 509 -11.34 0.87 22.86
C ASN A 509 -10.15 1.64 22.37
N ASP A 510 -9.73 1.28 21.15
CA ASP A 510 -8.61 1.88 20.48
C ASP A 510 -8.89 3.33 20.18
N CYS A 511 -10.15 3.72 20.12
CA CYS A 511 -10.47 5.04 19.66
C CYS A 511 -10.68 6.05 20.78
N LEU A 512 -10.53 5.60 22.03
CA LEU A 512 -10.59 6.54 23.13
C LEU A 512 -9.18 6.89 23.50
N ASN A 513 -8.69 7.93 22.86
CA ASN A 513 -7.31 8.39 23.07
C ASN A 513 -7.33 9.64 23.92
N LEU A 514 -7.20 9.46 25.22
CA LEU A 514 -7.38 10.59 26.11
C LEU A 514 -6.10 11.42 26.27
N ASN A 515 -4.95 10.83 25.90
CA ASN A 515 -3.64 11.50 25.99
C ASN A 515 -3.07 12.00 24.65
N CYS A 516 -3.93 12.50 23.79
CA CYS A 516 -3.56 12.69 22.39
C CYS A 516 -3.60 14.13 21.89
N PHE A 517 -4.78 14.72 21.85
CA PHE A 517 -4.93 16.10 21.43
C PHE A 517 -4.26 16.40 20.08
N SER A 518 -4.65 15.67 19.04
CA SER A 518 -4.04 15.85 17.73
C SER A 518 -4.82 16.84 16.92
N THR A 519 -4.10 17.67 16.18
CA THR A 519 -4.72 18.66 15.28
C THR A 519 -4.06 18.60 13.92
N THR A 520 -3.11 17.68 13.77
CA THR A 520 -2.37 17.52 12.52
C THR A 520 -3.10 16.46 11.73
N PRO A 521 -3.65 16.83 10.58
CA PRO A 521 -4.43 15.83 9.85
C PRO A 521 -3.53 14.74 9.32
N GLY A 522 -4.13 13.56 9.19
CA GLY A 522 -3.55 12.43 8.45
C GLY A 522 -2.47 11.63 9.15
N GLU A 523 -2.14 12.02 10.37
CA GLU A 523 -1.29 11.20 11.25
C GLU A 523 -2.18 10.37 12.12
N SER A 524 -1.88 9.09 12.23
CA SER A 524 -2.82 8.17 12.86
C SER A 524 -2.85 8.29 14.39
N PHE A 525 -4.07 8.19 14.95
CA PHE A 525 -4.24 8.18 16.39
C PHE A 525 -3.56 6.98 17.02
N GLN A 526 -3.35 5.91 16.28
CA GLN A 526 -2.77 4.71 16.89
C GLN A 526 -1.24 4.83 17.06
N THR A 527 -0.58 5.61 16.19
CA THR A 527 0.89 5.71 16.18
C THR A 527 1.45 7.07 16.63
N THR A 528 0.62 8.12 16.56
CA THR A 528 1.04 9.49 16.83
C THR A 528 1.48 9.62 18.28
N GLU A 529 2.46 10.50 18.52
CA GLU A 529 3.03 10.67 19.85
C GLU A 529 1.98 11.06 20.88
N ASN A 530 2.22 10.68 22.14
CA ASN A 530 1.26 10.99 23.17
C ASN A 530 1.83 11.98 24.17
N GLN A 531 0.93 12.73 24.80
CA GLN A 531 1.27 13.72 25.81
C GLN A 531 1.59 13.03 27.13
N ALA A 532 2.74 13.34 27.72
CA ALA A 532 3.06 12.87 29.06
C ALA A 532 2.17 13.58 30.10
N GLY A 533 2.00 12.96 31.28
CA GLY A 533 1.15 13.53 32.34
C GLY A 533 -0.38 13.55 32.14
N GLY A 534 -1.05 14.50 32.81
CA GLY A 534 -2.50 14.47 32.94
C GLY A 534 -2.93 13.31 33.84
N VAL A 535 -4.24 13.09 33.93
CA VAL A 535 -4.74 12.18 34.95
C VAL A 535 -5.78 11.21 34.42
N ALA A 536 -5.75 10.97 33.10
CA ALA A 536 -6.75 10.13 32.41
C ALA A 536 -6.84 8.69 32.93
N GLU A 537 -8.04 8.29 33.36
CA GLU A 537 -8.28 6.95 33.96
C GLU A 537 -9.41 6.19 33.26
N SER A 538 -9.36 4.87 33.30
CA SER A 538 -10.32 4.03 32.59
C SER A 538 -11.14 3.15 33.52
N VAL A 539 -12.45 3.30 33.45
CA VAL A 539 -13.33 2.47 34.24
C VAL A 539 -13.24 1.05 33.67
N PHE A 540 -13.14 0.95 32.33
CA PHE A 540 -12.95 -0.34 31.69
C PHE A 540 -11.80 -1.17 32.27
N ILE A 541 -10.59 -0.61 32.24
CA ILE A 541 -9.39 -1.29 32.76
C ILE A 541 -9.62 -1.65 34.24
N ALA A 542 -10.40 -0.81 34.93
CA ALA A 542 -10.75 -1.05 36.34
C ALA A 542 -11.52 -2.35 36.47
N ALA A 543 -12.66 -2.43 35.76
CA ALA A 543 -13.44 -3.67 35.62
C ALA A 543 -12.52 -4.82 35.24
N GLN A 544 -11.77 -4.63 34.16
CA GLN A 544 -10.87 -5.65 33.70
C GLN A 544 -10.02 -6.19 34.85
N PHE A 545 -9.46 -5.28 35.64
CA PHE A 545 -8.59 -5.64 36.74
C PHE A 545 -9.33 -6.43 37.81
N VAL A 546 -10.58 -6.07 38.05
CA VAL A 546 -11.33 -6.77 39.10
C VAL A 546 -11.59 -8.21 38.67
N LEU A 547 -12.00 -8.38 37.42
CA LEU A 547 -12.21 -9.70 36.90
C LEU A 547 -10.89 -10.46 36.93
N TYR A 548 -9.87 -10.00 36.22
CA TYR A 548 -8.69 -10.85 36.06
C TYR A 548 -7.70 -10.84 37.21
N GLY A 549 -7.79 -9.81 38.05
CA GLY A 549 -7.01 -9.77 39.27
C GLY A 549 -7.44 -10.92 40.17
N ALA A 550 -8.75 -11.14 40.26
CA ALA A 550 -9.28 -12.32 40.94
C ALA A 550 -8.75 -13.65 40.36
N GLU A 551 -8.63 -13.74 39.04
CA GLU A 551 -8.03 -14.94 38.48
C GLU A 551 -6.60 -15.06 38.97
N TYR A 552 -5.83 -13.98 38.83
CA TYR A 552 -4.42 -13.95 39.26
C TYR A 552 -4.23 -14.30 40.72
N ALA A 553 -5.00 -13.63 41.58
CA ALA A 553 -5.13 -14.02 42.99
C ALA A 553 -5.35 -15.52 43.19
N THR A 554 -6.28 -16.09 42.46
CA THR A 554 -6.59 -17.50 42.63
C THR A 554 -5.39 -18.38 42.22
N LEU A 555 -4.65 -17.96 41.19
CA LEU A 555 -3.45 -18.70 40.78
C LEU A 555 -2.27 -18.56 41.76
N ALA A 556 -2.10 -17.38 42.36
CA ALA A 556 -1.06 -17.19 43.41
C ALA A 556 -1.30 -18.15 44.58
N GLU A 557 -2.54 -18.15 45.05
CA GLU A 557 -3.02 -19.04 46.11
C GLU A 557 -2.69 -20.51 45.81
N ARG A 558 -2.96 -20.95 44.59
CA ARG A 558 -2.76 -22.34 44.19
C ARG A 558 -1.31 -22.74 43.99
N ARG A 559 -0.43 -21.78 43.65
CA ARG A 559 0.99 -22.08 43.45
C ARG A 559 1.72 -22.05 44.79
N GLY A 560 0.95 -21.77 45.85
CA GLY A 560 1.44 -21.80 47.21
C GLY A 560 1.93 -20.44 47.65
N LEU A 561 1.58 -19.41 46.88
CA LEU A 561 2.06 -18.05 47.13
C LEU A 561 1.09 -17.25 48.01
N ALA A 562 0.82 -17.83 49.20
CA ALA A 562 0.12 -17.19 50.33
C ALA A 562 0.00 -15.67 50.31
N ASP A 563 1.13 -14.97 50.39
CA ASP A 563 1.10 -13.53 50.63
C ASP A 563 0.81 -12.68 49.42
N VAL A 564 1.36 -13.10 48.28
CA VAL A 564 1.05 -12.50 47.01
C VAL A 564 -0.46 -12.58 46.78
N ALA A 565 -1.05 -13.74 47.07
CA ALA A 565 -2.49 -13.90 46.93
C ALA A 565 -3.23 -12.94 47.86
N THR A 566 -2.74 -12.76 49.07
CA THR A 566 -3.46 -11.90 50.03
C THR A 566 -3.36 -10.45 49.57
N GLU A 567 -2.14 -10.07 49.17
CA GLU A 567 -1.87 -8.76 48.61
C GLU A 567 -2.72 -8.45 47.36
N ALA A 568 -2.81 -9.43 46.45
CA ALA A 568 -3.58 -9.32 45.21
C ALA A 568 -5.05 -9.07 45.46
N ARG A 569 -5.59 -9.74 46.48
CA ARG A 569 -6.99 -9.56 46.88
C ARG A 569 -7.28 -8.17 47.44
N LYS A 570 -6.34 -7.62 48.23
CA LYS A 570 -6.48 -6.27 48.74
C LYS A 570 -6.58 -5.27 47.58
N TYR A 571 -5.69 -5.41 46.60
CA TYR A 571 -5.70 -4.48 45.48
C TYR A 571 -6.99 -4.60 44.67
N VAL A 572 -7.46 -5.84 44.50
CA VAL A 572 -8.61 -6.10 43.69
C VAL A 572 -9.78 -5.38 44.34
N ASP A 573 -9.91 -5.51 45.66
CA ASP A 573 -11.01 -4.87 46.43
C ASP A 573 -10.99 -3.35 46.41
N GLU A 574 -9.78 -2.78 46.38
CA GLU A 574 -9.58 -1.35 46.25
C GLU A 574 -10.10 -0.86 44.91
N VAL A 575 -9.65 -1.49 43.83
CA VAL A 575 -10.12 -1.10 42.50
C VAL A 575 -11.65 -1.21 42.36
N ARG A 576 -12.25 -2.15 43.09
CA ARG A 576 -13.70 -2.34 43.08
C ARG A 576 -14.40 -1.26 43.86
N ALA A 577 -13.86 -0.89 45.02
CA ALA A 577 -14.34 0.26 45.80
C ALA A 577 -14.32 1.54 44.97
N ALA A 578 -13.20 1.74 44.29
CA ALA A 578 -13.01 2.86 43.40
C ALA A 578 -14.10 2.93 42.30
N VAL A 579 -14.35 1.80 41.63
CA VAL A 579 -15.38 1.76 40.60
C VAL A 579 -16.72 2.26 41.14
N LEU A 580 -17.12 1.69 42.27
CA LEU A 580 -18.36 2.10 42.89
C LEU A 580 -18.35 3.52 43.49
N GLU A 581 -17.24 3.95 44.13
CA GLU A 581 -17.20 5.34 44.61
C GLU A 581 -17.09 6.43 43.52
N HIS A 582 -16.18 6.22 42.57
CA HIS A 582 -15.81 7.24 41.60
C HIS A 582 -16.21 6.91 40.16
N GLY A 583 -16.64 5.67 39.90
CA GLY A 583 -16.94 5.27 38.53
C GLY A 583 -18.41 5.10 38.21
N TRP A 584 -19.27 5.60 39.12
CA TRP A 584 -20.72 5.47 39.01
C TRP A 584 -21.41 6.81 38.68
N ASP A 585 -22.19 6.87 37.60
CA ASP A 585 -22.81 8.14 37.17
C ASP A 585 -24.21 8.43 37.79
N GLY A 586 -24.87 7.41 38.35
CA GLY A 586 -26.24 7.53 38.83
C GLY A 586 -27.09 6.40 38.32
N GLN A 587 -27.16 6.26 37.00
CA GLN A 587 -27.98 5.23 36.36
C GLN A 587 -27.14 4.30 35.48
N TRP A 588 -25.85 4.61 35.37
CA TRP A 588 -24.86 3.73 34.71
C TRP A 588 -23.44 4.00 35.15
N PHE A 589 -22.52 3.30 34.51
CA PHE A 589 -21.10 3.38 34.86
C PHE A 589 -20.38 4.46 34.03
N LEU A 590 -19.46 5.21 34.64
CA LEU A 590 -18.63 6.11 33.87
C LEU A 590 -17.77 5.29 32.91
N ARG A 591 -17.37 5.88 31.80
CA ARG A 591 -16.41 5.24 30.91
C ARG A 591 -14.92 5.55 31.28
N ALA A 592 -14.66 6.80 31.71
CA ALA A 592 -13.29 7.27 32.01
C ALA A 592 -13.19 8.70 32.58
N TYR A 593 -12.03 9.06 33.15
CA TYR A 593 -11.72 10.47 33.44
C TYR A 593 -10.70 10.91 32.43
N ASP A 594 -10.97 11.99 31.73
CA ASP A 594 -10.09 12.45 30.64
C ASP A 594 -8.75 13.04 31.15
N TYR A 595 -7.96 13.62 30.25
CA TYR A 595 -6.63 14.15 30.61
C TYR A 595 -6.68 15.19 31.76
N TYR A 596 -7.75 15.98 31.80
CA TYR A 596 -7.92 17.04 32.79
C TYR A 596 -8.55 16.54 34.09
N GLY A 597 -9.01 15.29 34.09
CA GLY A 597 -9.75 14.79 35.22
C GLY A 597 -11.26 14.98 35.13
N ASN A 598 -11.78 15.23 33.93
CA ASN A 598 -13.24 15.34 33.75
C ASN A 598 -13.93 14.04 33.31
N PRO A 599 -15.14 13.79 33.86
CA PRO A 599 -15.83 12.52 33.61
C PRO A 599 -16.18 12.32 32.13
N VAL A 600 -16.13 11.07 31.67
CA VAL A 600 -16.51 10.70 30.30
C VAL A 600 -17.59 9.62 30.35
N GLY A 601 -18.65 9.83 29.57
CA GLY A 601 -19.78 8.91 29.56
C GLY A 601 -20.66 9.14 30.77
N THR A 602 -21.05 10.41 30.95
CA THR A 602 -21.88 10.88 32.04
C THR A 602 -23.09 11.55 31.42
N ASP A 603 -24.16 11.70 32.20
CA ASP A 603 -25.38 12.33 31.73
C ASP A 603 -25.21 13.83 31.66
N ALA A 604 -24.14 14.32 32.29
CA ALA A 604 -23.79 15.75 32.26
C ALA A 604 -23.51 16.27 30.84
N LYS A 605 -22.74 15.51 30.05
CA LYS A 605 -22.46 15.87 28.65
C LYS A 605 -23.70 15.58 27.81
N PRO A 606 -23.89 16.35 26.72
CA PRO A 606 -24.96 16.15 25.74
C PRO A 606 -24.78 14.93 24.80
N GLU A 607 -23.53 14.56 24.52
CA GLU A 607 -23.22 13.39 23.69
C GLU A 607 -22.28 12.47 24.42
N GLY A 608 -22.36 11.19 24.09
CA GLY A 608 -21.56 10.19 24.73
C GLY A 608 -22.04 10.03 26.16
N LYS A 609 -23.36 10.13 26.38
CA LYS A 609 -23.91 10.00 27.71
C LYS A 609 -23.57 8.68 28.37
N ILE A 610 -23.75 7.58 27.63
CA ILE A 610 -23.56 6.21 28.15
C ILE A 610 -22.77 5.34 27.16
N TRP A 611 -21.79 4.62 27.69
CA TRP A 611 -20.85 3.78 26.94
C TRP A 611 -20.98 2.37 27.44
N ILE A 612 -20.91 1.40 26.52
CA ILE A 612 -21.31 0.03 26.81
C ILE A 612 -20.26 -0.77 27.59
N GLU A 613 -18.99 -0.45 27.35
CA GLU A 613 -17.91 -1.33 27.74
C GLU A 613 -17.86 -1.54 29.22
N PRO A 614 -17.85 -0.46 30.01
CA PRO A 614 -17.80 -0.68 31.44
C PRO A 614 -19.10 -1.23 32.01
N GLN A 615 -20.24 -1.01 31.36
CA GLN A 615 -21.49 -1.64 31.81
C GLN A 615 -21.35 -3.14 31.69
N GLY A 616 -20.98 -3.64 30.50
CA GLY A 616 -20.83 -5.06 30.28
C GLY A 616 -19.87 -5.64 31.29
N PHE A 617 -18.66 -5.09 31.34
CA PHE A 617 -17.56 -5.71 32.07
C PHE A 617 -17.60 -5.55 33.59
N ALA A 618 -18.13 -4.46 34.10
CA ALA A 618 -18.16 -4.28 35.54
C ALA A 618 -19.07 -5.31 36.17
N VAL A 619 -20.21 -5.51 35.52
CA VAL A 619 -21.17 -6.54 35.92
C VAL A 619 -20.63 -8.01 35.79
N MET A 620 -19.73 -8.31 34.85
CA MET A 620 -19.16 -9.66 34.81
C MET A 620 -18.23 -9.83 36.02
N ALA A 621 -17.64 -8.71 36.43
CA ALA A 621 -16.76 -8.69 37.59
C ALA A 621 -17.60 -8.77 38.85
N GLY A 622 -18.91 -8.62 38.72
CA GLY A 622 -19.82 -8.79 39.84
C GLY A 622 -20.09 -7.49 40.59
N ILE A 623 -19.40 -6.42 40.18
CA ILE A 623 -19.55 -5.07 40.73
C ILE A 623 -20.99 -4.58 40.63
N GLY A 624 -21.57 -4.18 41.77
CA GLY A 624 -22.92 -3.62 41.81
C GLY A 624 -24.13 -4.55 41.68
N VAL A 625 -23.91 -5.86 41.85
CA VAL A 625 -24.97 -6.88 41.78
C VAL A 625 -25.79 -7.02 43.04
N GLY A 626 -27.12 -6.92 42.90
CA GLY A 626 -28.07 -7.04 44.02
C GLY A 626 -28.30 -8.48 44.42
N GLU A 627 -29.51 -8.80 44.85
CA GLU A 627 -29.81 -10.19 45.20
C GLU A 627 -30.81 -10.81 44.25
N GLY A 628 -31.08 -10.14 43.14
CA GLY A 628 -31.84 -10.73 42.07
C GLY A 628 -32.09 -9.80 40.93
N PRO A 629 -32.60 -10.34 39.81
CA PRO A 629 -32.93 -9.61 38.59
C PRO A 629 -34.02 -8.61 38.85
N ASP A 630 -34.67 -8.75 39.99
CA ASP A 630 -35.85 -7.97 40.26
C ASP A 630 -35.55 -6.89 41.29
N ASP A 631 -34.26 -6.74 41.58
CA ASP A 631 -33.75 -5.70 42.47
C ASP A 631 -33.35 -4.43 41.68
N ALA A 632 -34.39 -3.67 41.30
CA ALA A 632 -34.29 -2.40 40.57
C ALA A 632 -33.36 -1.35 41.22
N ASP A 633 -32.79 -1.70 42.37
CA ASP A 633 -31.97 -0.77 43.14
C ASP A 633 -30.47 -1.01 42.99
N ALA A 634 -30.13 -2.20 42.49
CA ALA A 634 -28.74 -2.58 42.25
C ALA A 634 -28.13 -1.81 41.07
N PRO A 635 -26.91 -1.32 41.25
CA PRO A 635 -26.28 -0.62 40.16
C PRO A 635 -26.28 -1.50 38.88
N ALA A 636 -25.91 -2.77 39.03
CA ALA A 636 -25.88 -3.71 37.93
C ALA A 636 -27.17 -3.77 37.11
N VAL A 637 -28.32 -3.73 37.78
CA VAL A 637 -29.61 -3.72 37.07
C VAL A 637 -29.90 -2.38 36.37
N LYS A 638 -29.54 -1.29 37.04
CA LYS A 638 -29.80 0.03 36.47
C LYS A 638 -28.97 0.19 35.21
N ALA A 639 -27.69 -0.17 35.36
CA ALA A 639 -26.72 -0.19 34.26
C ALA A 639 -27.30 -0.89 33.02
N LEU A 640 -27.68 -2.14 33.20
CA LEU A 640 -28.26 -2.92 32.11
C LEU A 640 -29.57 -2.38 31.60
N ASP A 641 -30.38 -1.74 32.44
CA ASP A 641 -31.60 -1.16 31.92
C ASP A 641 -31.34 0.11 31.14
N SER A 642 -30.33 0.88 31.53
CA SER A 642 -29.96 2.04 30.74
C SER A 642 -29.41 1.56 29.42
N VAL A 643 -28.53 0.56 29.48
CA VAL A 643 -28.01 -0.07 28.27
C VAL A 643 -29.18 -0.51 27.41
N ASN A 644 -30.14 -1.22 28.01
CA ASN A 644 -31.22 -1.73 27.20
C ASN A 644 -31.95 -0.64 26.40
N GLU A 645 -32.12 0.52 27.04
CA GLU A 645 -33.00 1.58 26.57
C GLU A 645 -32.26 2.61 25.68
N MET A 646 -31.04 2.94 26.06
CA MET A 646 -30.25 3.93 25.34
C MET A 646 -29.42 3.33 24.22
N LEU A 647 -29.07 2.05 24.36
CA LEU A 647 -28.14 1.42 23.44
C LEU A 647 -28.77 0.41 22.51
N GLY A 648 -29.98 -0.06 22.86
CA GLY A 648 -30.64 -1.15 22.17
C GLY A 648 -31.11 -0.83 20.78
N THR A 649 -30.81 -1.74 19.84
CA THR A 649 -31.40 -1.71 18.51
C THR A 649 -31.76 -3.14 18.09
N PRO A 650 -32.60 -3.26 17.05
CA PRO A 650 -32.94 -4.54 16.46
C PRO A 650 -31.71 -5.35 16.01
N HIS A 651 -30.58 -4.68 15.79
CA HIS A 651 -29.38 -5.32 15.27
C HIS A 651 -28.28 -5.54 16.30
N GLY A 652 -28.56 -5.23 17.55
CA GLY A 652 -27.55 -5.30 18.57
C GLY A 652 -27.48 -4.01 19.33
N LEU A 653 -26.41 -3.86 20.08
CA LEU A 653 -26.26 -2.75 21.00
C LEU A 653 -25.14 -1.82 20.54
N VAL A 654 -25.50 -0.56 20.29
CA VAL A 654 -24.53 0.49 19.92
C VAL A 654 -23.55 0.75 21.07
N LEU A 655 -22.43 1.38 20.74
CA LEU A 655 -21.29 1.39 21.66
C LEU A 655 -21.45 2.46 22.71
N GLN A 656 -21.87 3.64 22.27
CA GLN A 656 -22.31 4.72 23.13
C GLN A 656 -23.40 5.61 22.47
N TYR A 657 -24.03 6.47 23.28
CA TYR A 657 -25.19 7.25 22.89
C TYR A 657 -25.24 8.55 23.66
N PRO A 658 -25.54 9.66 22.98
CA PRO A 658 -25.60 9.70 21.53
C PRO A 658 -24.19 9.67 20.97
N ALA A 659 -24.09 9.35 19.70
CA ALA A 659 -22.84 9.48 18.99
C ALA A 659 -22.51 10.96 18.89
N TYR A 660 -21.20 11.26 18.85
CA TYR A 660 -20.66 12.61 18.73
C TYR A 660 -20.79 13.16 17.35
N THR A 661 -21.18 14.42 17.24
CA THR A 661 -21.45 14.99 15.94
C THR A 661 -20.45 16.05 15.59
N THR A 662 -19.51 16.32 16.48
CA THR A 662 -18.39 17.22 16.15
C THR A 662 -17.10 16.69 16.77
N TYR A 663 -15.95 17.19 16.34
CA TYR A 663 -14.65 16.64 16.78
C TYR A 663 -14.31 17.04 18.20
N GLN A 664 -14.11 16.03 19.05
CA GLN A 664 -13.88 16.25 20.47
C GLN A 664 -12.45 15.95 20.71
N ILE A 665 -11.67 17.02 20.81
CA ILE A 665 -10.23 16.89 20.72
C ILE A 665 -9.60 16.06 21.88
N GLU A 666 -10.30 15.96 23.00
CA GLU A 666 -9.74 15.35 24.20
C GLU A 666 -9.95 13.84 24.16
N LEU A 667 -10.73 13.39 23.19
CA LEU A 667 -11.16 11.97 23.14
C LEU A 667 -10.49 11.15 22.03
N GLY A 668 -9.81 11.83 21.12
CA GLY A 668 -9.00 11.13 20.16
C GLY A 668 -9.76 10.75 18.92
N GLU A 669 -9.71 9.47 18.56
CA GLU A 669 -10.19 9.01 17.28
C GLU A 669 -11.70 8.85 17.27
N VAL A 670 -12.29 8.67 18.43
CA VAL A 670 -13.70 8.26 18.51
C VAL A 670 -14.66 9.14 17.73
N SER A 671 -14.58 10.46 17.88
CA SER A 671 -15.52 11.38 17.22
C SER A 671 -15.12 11.70 15.80
N THR A 672 -14.05 11.05 15.34
CA THR A 672 -13.67 11.22 13.93
C THR A 672 -14.55 10.40 12.99
N TYR A 673 -15.20 9.34 13.48
CA TYR A 673 -16.15 8.58 12.65
C TYR A 673 -17.52 9.23 12.58
N PRO A 674 -18.13 9.30 11.37
CA PRO A 674 -19.53 9.75 11.32
C PRO A 674 -20.37 8.93 12.29
N PRO A 675 -21.40 9.55 12.88
CA PRO A 675 -22.29 8.90 13.84
C PRO A 675 -22.89 7.59 13.31
N GLY A 676 -22.88 6.54 14.13
CA GLY A 676 -23.46 5.22 13.81
C GLY A 676 -22.48 4.20 13.25
N TYR A 677 -21.21 4.57 13.17
CA TYR A 677 -20.21 3.74 12.52
C TYR A 677 -18.99 3.53 13.36
N LYS A 678 -18.45 2.32 13.29
CA LYS A 678 -17.30 1.93 14.13
C LYS A 678 -17.46 2.40 15.57
N GLU A 679 -16.43 2.97 16.13
CA GLU A 679 -16.50 3.22 17.56
C GLU A 679 -17.39 4.41 17.93
N ASN A 680 -18.01 5.05 16.93
CA ASN A 680 -18.83 6.26 17.20
C ASN A 680 -20.28 5.93 16.90
N GLY A 681 -20.78 5.02 17.74
CA GLY A 681 -22.16 4.59 17.72
C GLY A 681 -22.44 3.43 16.80
N GLY A 682 -21.39 2.76 16.33
CA GLY A 682 -21.60 1.50 15.66
C GLY A 682 -21.96 0.44 16.70
N ILE A 683 -22.54 -0.65 16.23
CA ILE A 683 -22.60 -1.82 17.08
C ILE A 683 -21.25 -2.47 16.91
N PHE A 684 -20.45 -2.45 17.97
CA PHE A 684 -19.22 -3.20 17.94
C PHE A 684 -19.51 -4.56 18.54
N CYS A 685 -19.81 -5.53 17.68
CA CYS A 685 -20.39 -6.78 18.13
C CYS A 685 -19.62 -7.46 19.24
N HIS A 686 -18.29 -7.36 19.17
CA HIS A 686 -17.36 -7.83 20.21
C HIS A 686 -17.84 -7.53 21.64
N ASN A 687 -18.29 -6.30 21.90
CA ASN A 687 -18.72 -5.97 23.28
C ASN A 687 -20.14 -6.43 23.65
N ASN A 688 -20.96 -6.78 22.66
CA ASN A 688 -22.28 -7.33 22.98
C ASN A 688 -22.27 -8.58 23.90
N PRO A 689 -21.33 -9.53 23.68
CA PRO A 689 -21.25 -10.69 24.61
C PRO A 689 -20.89 -10.33 26.05
N TRP A 690 -20.26 -9.18 26.25
CA TRP A 690 -20.04 -8.72 27.60
C TRP A 690 -21.34 -8.36 28.31
N VAL A 691 -22.31 -7.81 27.58
CA VAL A 691 -23.62 -7.53 28.15
C VAL A 691 -24.44 -8.81 28.32
N ILE A 692 -24.38 -9.69 27.31
CA ILE A 692 -25.09 -10.97 27.35
C ILE A 692 -24.72 -11.76 28.59
N ILE A 693 -23.42 -11.94 28.83
CA ILE A 693 -22.94 -12.58 30.05
C ILE A 693 -23.37 -11.76 31.27
N ALA A 694 -23.30 -10.44 31.18
CA ALA A 694 -23.67 -9.62 32.35
C ALA A 694 -25.09 -9.95 32.74
N GLU A 695 -25.94 -10.22 31.73
CA GLU A 695 -27.36 -10.41 31.98
C GLU A 695 -27.62 -11.74 32.68
N THR A 696 -26.92 -12.77 32.25
CA THR A 696 -26.99 -14.04 32.92
C THR A 696 -26.49 -13.85 34.33
N VAL A 697 -25.48 -13.01 34.54
CA VAL A 697 -25.00 -12.80 35.90
C VAL A 697 -26.08 -12.24 36.84
N VAL A 698 -26.86 -11.25 36.40
CA VAL A 698 -27.92 -10.73 37.25
C VAL A 698 -29.16 -11.62 37.21
N GLY A 699 -29.18 -12.59 36.29
CA GLY A 699 -30.18 -13.64 36.29
C GLY A 699 -31.37 -13.31 35.42
N ARG A 700 -31.11 -12.61 34.32
CA ARG A 700 -32.09 -12.35 33.30
C ARG A 700 -31.72 -13.04 31.96
N GLY A 701 -31.60 -14.37 32.01
CA GLY A 701 -31.45 -15.21 30.82
C GLY A 701 -32.28 -14.84 29.61
N ALA A 702 -33.56 -14.52 29.83
CA ALA A 702 -34.50 -14.25 28.70
C ALA A 702 -33.97 -13.14 27.81
N GLN A 703 -33.50 -12.08 28.44
CA GLN A 703 -32.94 -10.96 27.74
C GLN A 703 -31.52 -11.18 27.18
N ALA A 704 -30.71 -11.98 27.88
CA ALA A 704 -29.39 -12.30 27.39
C ALA A 704 -29.52 -13.06 26.05
N PHE A 705 -30.47 -14.00 25.99
CA PHE A 705 -30.75 -14.71 24.76
C PHE A 705 -31.28 -13.82 23.65
N ASP A 706 -32.11 -12.85 24.02
CA ASP A 706 -32.56 -11.83 23.09
C ASP A 706 -31.32 -11.26 22.43
N TYR A 707 -30.43 -10.68 23.25
CA TYR A 707 -29.25 -9.98 22.76
C TYR A 707 -28.39 -10.83 21.87
N TYR A 708 -28.25 -12.10 22.24
CA TYR A 708 -27.46 -13.04 21.47
C TYR A 708 -28.09 -13.20 20.09
N LYS A 709 -29.42 -13.20 20.05
CA LYS A 709 -30.12 -13.42 18.79
C LYS A 709 -29.98 -12.26 17.83
N ARG A 710 -29.89 -11.04 18.36
CA ARG A 710 -29.85 -9.87 17.48
C ARG A 710 -28.61 -9.86 16.59
N ILE A 711 -27.47 -10.30 17.14
CA ILE A 711 -26.17 -10.27 16.42
C ILE A 711 -25.73 -11.59 15.78
N THR A 712 -26.47 -12.67 15.98
CA THR A 712 -25.95 -13.98 15.61
C THR A 712 -26.22 -14.40 14.14
N PRO A 713 -25.18 -14.90 13.43
CA PRO A 713 -25.31 -15.22 12.00
C PRO A 713 -26.60 -15.96 11.60
N ALA A 714 -26.95 -17.05 12.27
CA ALA A 714 -28.12 -17.86 11.87
C ALA A 714 -29.51 -17.14 12.00
N TYR A 715 -29.57 -16.18 12.93
CA TYR A 715 -30.76 -15.40 13.15
C TYR A 715 -30.85 -14.21 12.22
N ARG A 716 -29.78 -13.96 11.45
CA ARG A 716 -29.74 -12.77 10.63
C ARG A 716 -29.74 -13.10 9.14
N GLU A 717 -29.67 -14.40 8.84
CA GLU A 717 -29.70 -14.88 7.47
C GLU A 717 -30.96 -14.37 6.80
N ASP A 718 -32.00 -14.21 7.61
CA ASP A 718 -33.27 -13.73 7.06
C ASP A 718 -33.19 -12.31 6.49
N ILE A 719 -32.23 -11.53 6.96
CA ILE A 719 -32.04 -10.18 6.46
C ILE A 719 -30.74 -10.01 5.69
N SER A 720 -30.33 -11.04 4.95
CA SER A 720 -29.04 -11.00 4.21
C SER A 720 -28.82 -9.75 3.35
N ASP A 721 -29.89 -9.20 2.79
CA ASP A 721 -29.78 -7.96 2.02
C ASP A 721 -29.49 -6.73 2.90
N THR A 722 -29.70 -6.86 4.19
CA THR A 722 -29.41 -5.76 5.10
C THR A 722 -28.05 -5.95 5.68
N HIS A 723 -27.79 -7.13 6.18
CA HIS A 723 -26.52 -7.41 6.80
C HIS A 723 -25.46 -7.29 5.74
N LYS A 724 -25.76 -7.69 4.51
CA LYS A 724 -24.85 -7.51 3.39
C LYS A 724 -23.75 -8.56 3.34
N LEU A 725 -23.14 -8.85 4.50
CA LEU A 725 -21.95 -9.69 4.56
C LEU A 725 -22.30 -11.17 4.79
N GLU A 726 -21.28 -12.02 4.98
CA GLU A 726 -21.45 -13.46 5.18
C GLU A 726 -22.49 -13.77 6.25
N PRO A 727 -23.49 -14.59 5.89
CA PRO A 727 -24.57 -14.89 6.82
C PRO A 727 -24.27 -16.08 7.74
N TYR A 728 -23.04 -16.55 7.70
CA TYR A 728 -22.59 -17.68 8.54
C TYR A 728 -21.48 -17.34 9.54
N VAL A 729 -20.96 -16.11 9.51
CA VAL A 729 -19.93 -15.71 10.47
C VAL A 729 -20.23 -14.33 10.99
N TYR A 730 -19.88 -14.09 12.26
CA TYR A 730 -19.93 -12.76 12.87
C TYR A 730 -19.03 -11.72 12.20
N ALA A 731 -19.42 -10.46 12.27
CA ALA A 731 -18.58 -9.37 11.80
C ALA A 731 -18.15 -8.45 12.98
N GLN A 732 -17.22 -7.53 12.74
CA GLN A 732 -16.74 -6.67 13.81
C GLN A 732 -17.74 -5.57 14.11
N MET A 733 -18.38 -5.01 13.07
CA MET A 733 -19.26 -3.87 13.31
C MET A 733 -20.51 -3.85 12.45
N ILE A 734 -21.63 -3.53 13.10
CA ILE A 734 -22.94 -3.40 12.41
C ILE A 734 -23.41 -1.94 12.56
N ALA A 735 -23.69 -1.28 11.43
CA ALA A 735 -24.05 0.13 11.47
C ALA A 735 -25.23 0.32 12.46
N GLY A 736 -25.11 1.32 13.32
CA GLY A 736 -26.06 1.52 14.42
C GLY A 736 -27.21 2.46 14.12
N LYS A 737 -27.99 2.81 15.13
CA LYS A 737 -29.24 3.52 14.91
C LYS A 737 -29.01 4.96 14.39
N GLU A 738 -27.84 5.50 14.68
CA GLU A 738 -27.55 6.84 14.16
C GLU A 738 -27.06 6.83 12.71
N ALA A 739 -26.62 5.67 12.21
CA ALA A 739 -26.19 5.55 10.83
C ALA A 739 -27.35 5.41 9.82
N VAL A 740 -27.20 6.11 8.71
CA VAL A 740 -28.08 6.02 7.55
C VAL A 740 -28.15 4.57 7.05
N ARG A 741 -27.06 3.84 7.21
CA ARG A 741 -26.99 2.45 6.80
C ARG A 741 -27.21 1.49 7.98
N ALA A 742 -27.94 1.93 9.00
CA ALA A 742 -28.24 1.08 10.16
C ALA A 742 -28.50 -0.37 9.71
N GLY A 743 -27.73 -1.31 10.29
CA GLY A 743 -27.95 -2.74 10.06
C GLY A 743 -26.97 -3.43 9.13
N GLU A 744 -26.23 -2.64 8.35
CA GLU A 744 -25.20 -3.24 7.46
C GLU A 744 -23.85 -3.39 8.15
N ALA A 745 -23.32 -4.62 8.11
CA ALA A 745 -22.05 -4.97 8.73
C ALA A 745 -20.84 -4.56 7.89
N LYS A 746 -19.65 -4.49 8.50
CA LYS A 746 -18.36 -4.37 7.77
C LYS A 746 -17.36 -5.20 8.52
N ASN A 747 -16.22 -5.53 7.90
CA ASN A 747 -15.17 -6.31 8.58
C ASN A 747 -15.70 -7.62 9.16
N SER A 748 -16.10 -8.50 8.26
CA SER A 748 -16.55 -9.81 8.66
C SER A 748 -15.38 -10.73 8.94
N TRP A 749 -15.74 -11.91 9.47
CA TRP A 749 -14.83 -12.98 9.82
C TRP A 749 -13.88 -12.66 11.00
N LEU A 750 -13.07 -11.62 10.89
CA LEU A 750 -12.00 -11.46 11.84
C LEU A 750 -12.35 -10.55 12.99
N THR A 751 -12.87 -11.14 14.04
CA THR A 751 -13.38 -10.40 15.18
C THR A 751 -13.35 -11.20 16.48
N GLY A 752 -13.28 -10.50 17.60
CA GLY A 752 -13.34 -11.16 18.89
C GLY A 752 -14.76 -11.58 19.20
N THR A 753 -15.72 -11.02 18.48
CA THR A 753 -17.12 -11.40 18.68
C THR A 753 -17.29 -12.92 18.65
N ALA A 754 -16.50 -13.57 17.79
CA ALA A 754 -16.65 -14.98 17.58
C ALA A 754 -16.39 -15.71 18.88
N ALA A 755 -15.22 -15.48 19.47
CA ALA A 755 -14.85 -16.19 20.67
C ALA A 755 -15.68 -15.69 21.87
N TRP A 756 -15.91 -14.39 21.96
CA TRP A 756 -16.78 -13.92 23.02
C TRP A 756 -18.23 -14.44 22.91
N ASN A 757 -18.76 -14.66 21.72
CA ASN A 757 -20.10 -15.25 21.69
C ASN A 757 -20.05 -16.72 21.98
N PHE A 758 -18.98 -17.36 21.54
CA PHE A 758 -18.85 -18.72 21.91
C PHE A 758 -18.79 -18.82 23.41
N VAL A 759 -17.99 -17.98 24.06
CA VAL A 759 -17.99 -18.05 25.52
C VAL A 759 -19.38 -17.79 26.05
N ALA A 760 -19.98 -16.70 25.59
CA ALA A 760 -21.30 -16.30 26.05
C ALA A 760 -22.30 -17.47 25.98
N VAL A 761 -22.43 -18.07 24.82
CA VAL A 761 -23.51 -19.02 24.60
C VAL A 761 -23.20 -20.39 25.18
N SER A 762 -21.95 -20.82 25.01
CA SER A 762 -21.60 -22.16 25.46
C SER A 762 -21.53 -22.23 26.97
N GLN A 763 -21.10 -21.13 27.57
CA GLN A 763 -20.69 -21.17 28.97
C GLN A 763 -21.65 -20.47 29.91
N TYR A 764 -22.35 -19.47 29.40
CA TYR A 764 -23.24 -18.67 30.23
C TYR A 764 -24.72 -18.83 29.91
N LEU A 765 -25.10 -18.82 28.65
CA LEU A 765 -26.49 -19.09 28.28
C LEU A 765 -26.86 -20.56 28.59
N LEU A 766 -26.22 -21.48 27.87
CA LEU A 766 -26.42 -22.89 28.06
C LEU A 766 -25.82 -23.37 29.38
N GLY A 767 -24.73 -22.76 29.82
CA GLY A 767 -24.28 -22.90 31.19
C GLY A 767 -23.09 -23.81 31.50
N VAL A 768 -22.40 -24.31 30.49
CA VAL A 768 -21.41 -25.34 30.71
C VAL A 768 -20.00 -24.80 30.60
N ARG A 769 -19.33 -24.65 31.74
CA ARG A 769 -18.01 -24.02 31.74
C ARG A 769 -17.01 -24.66 32.69
N PRO A 770 -15.81 -24.96 32.19
CA PRO A 770 -14.87 -25.53 33.15
C PRO A 770 -14.38 -24.47 34.12
N ASP A 771 -14.10 -24.94 35.32
CA ASP A 771 -13.58 -24.17 36.42
C ASP A 771 -12.29 -24.95 36.82
N TYR A 772 -11.55 -24.49 37.80
CA TYR A 772 -10.30 -25.18 38.18
C TYR A 772 -10.50 -26.67 38.51
N ASP A 773 -11.55 -26.99 39.28
CA ASP A 773 -11.62 -28.32 39.92
C ASP A 773 -12.76 -29.17 39.48
N GLY A 774 -13.69 -28.55 38.77
CA GLY A 774 -14.84 -29.24 38.28
C GLY A 774 -15.55 -28.44 37.21
N LEU A 775 -16.61 -29.02 36.68
CA LEU A 775 -17.35 -28.47 35.58
C LEU A 775 -18.61 -27.79 36.11
N VAL A 776 -18.78 -26.51 35.80
CA VAL A 776 -19.93 -25.75 36.27
C VAL A 776 -21.10 -25.96 35.31
N VAL A 777 -22.28 -26.24 35.84
CA VAL A 777 -23.50 -26.32 35.01
C VAL A 777 -24.50 -25.27 35.53
N ASP A 778 -24.56 -24.13 34.85
CA ASP A 778 -25.34 -23.00 35.30
C ASP A 778 -26.16 -22.38 34.18
N PRO A 779 -27.14 -23.14 33.64
CA PRO A 779 -28.00 -22.58 32.58
C PRO A 779 -28.65 -21.27 32.98
N GLN A 780 -28.66 -20.31 32.06
CA GLN A 780 -29.39 -19.05 32.24
C GLN A 780 -29.82 -18.52 30.86
N ILE A 781 -30.91 -19.03 30.33
CA ILE A 781 -31.20 -18.72 28.95
C ILE A 781 -32.65 -18.28 28.74
N GLY A 782 -33.48 -18.35 29.77
CA GLY A 782 -34.85 -17.96 29.61
C GLY A 782 -35.66 -19.04 28.91
N PRO A 783 -36.98 -18.79 28.73
CA PRO A 783 -37.93 -19.81 28.28
C PRO A 783 -37.90 -20.23 26.81
N ASP A 784 -37.21 -19.50 25.92
CA ASP A 784 -37.24 -19.85 24.48
C ASP A 784 -36.53 -21.16 24.17
N VAL A 785 -35.69 -21.62 25.10
CA VAL A 785 -35.04 -22.92 24.95
C VAL A 785 -35.45 -23.79 26.11
N PRO A 786 -36.67 -24.33 26.03
CA PRO A 786 -37.25 -25.03 27.19
C PRO A 786 -36.49 -26.31 27.53
N SER A 787 -35.80 -26.93 26.57
CA SER A 787 -35.01 -28.11 26.89
C SER A 787 -33.94 -28.47 25.86
N TYR A 788 -32.79 -28.90 26.37
CA TYR A 788 -31.64 -29.31 25.54
C TYR A 788 -30.74 -30.27 26.25
N THR A 789 -29.75 -30.75 25.51
CA THR A 789 -28.71 -31.64 26.01
C THR A 789 -27.33 -31.16 25.54
N VAL A 790 -26.35 -31.16 26.41
CA VAL A 790 -25.01 -30.78 26.00
C VAL A 790 -24.09 -31.95 26.24
N THR A 791 -23.21 -32.19 25.29
CA THR A 791 -22.20 -33.21 25.41
C THR A 791 -20.93 -32.44 25.46
N ARG A 792 -20.27 -32.51 26.59
CA ARG A 792 -19.06 -31.77 26.83
C ARG A 792 -17.96 -32.72 27.21
N VAL A 793 -16.86 -32.79 26.44
CA VAL A 793 -15.67 -33.55 26.86
C VAL A 793 -14.70 -32.61 27.57
N ALA A 794 -14.39 -32.91 28.84
CA ALA A 794 -13.42 -32.14 29.65
C ALA A 794 -12.48 -33.06 30.41
N ARG A 795 -11.19 -32.80 30.34
CA ARG A 795 -10.19 -33.60 31.05
C ARG A 795 -10.43 -35.07 30.72
N GLY A 796 -10.72 -35.33 29.45
CA GLY A 796 -10.81 -36.70 28.94
C GLY A 796 -12.05 -37.46 29.38
N ALA A 797 -12.97 -36.77 30.03
CA ALA A 797 -14.22 -37.41 30.41
C ALA A 797 -15.35 -36.81 29.58
N THR A 798 -16.37 -37.60 29.27
CA THR A 798 -17.55 -37.05 28.61
C THR A 798 -18.64 -36.73 29.62
N TYR A 799 -19.10 -35.49 29.65
CA TYR A 799 -20.24 -35.11 30.47
C TYR A 799 -21.52 -34.99 29.62
N GLU A 800 -22.56 -35.80 29.90
CA GLU A 800 -23.85 -35.71 29.15
C GLU A 800 -24.90 -34.99 29.95
N ILE A 801 -25.07 -33.71 29.65
CA ILE A 801 -25.77 -32.79 30.51
C ILE A 801 -27.17 -32.56 29.97
N THR A 802 -28.21 -33.04 30.68
CA THR A 802 -29.58 -33.07 30.11
C THR A 802 -30.41 -32.06 30.84
N VAL A 803 -30.83 -31.01 30.15
CA VAL A 803 -31.47 -29.86 30.81
C VAL A 803 -32.96 -29.69 30.52
N THR A 804 -33.72 -29.58 31.60
CA THR A 804 -35.11 -29.12 31.58
C THR A 804 -35.19 -27.66 32.12
N ASN A 805 -35.63 -26.73 31.29
CA ASN A 805 -35.50 -25.31 31.61
C ASN A 805 -36.82 -24.50 31.55
N SER A 806 -37.28 -24.05 32.70
CA SER A 806 -38.45 -23.16 32.75
C SER A 806 -38.13 -21.73 32.31
N GLY A 807 -36.84 -21.36 32.36
CA GLY A 807 -36.38 -20.00 32.05
C GLY A 807 -36.97 -18.85 32.87
N ALA A 808 -37.44 -19.17 34.07
CA ALA A 808 -38.00 -18.20 35.03
C ALA A 808 -36.88 -17.33 35.59
N PRO A 809 -37.08 -16.00 35.60
CA PRO A 809 -35.92 -15.14 35.83
C PRO A 809 -35.45 -15.29 37.26
N GLY A 810 -34.16 -15.40 37.44
CA GLY A 810 -33.58 -15.57 38.77
C GLY A 810 -33.36 -17.03 39.11
N ALA A 811 -34.23 -17.90 38.59
CA ALA A 811 -34.11 -19.34 38.82
C ALA A 811 -32.79 -19.86 38.27
N ARG A 812 -32.18 -20.77 39.02
CA ARG A 812 -30.80 -21.19 38.84
C ARG A 812 -30.84 -22.71 39.01
N ALA A 813 -29.94 -23.43 38.35
CA ALA A 813 -30.04 -24.89 38.28
C ALA A 813 -29.77 -25.64 39.57
N SER A 814 -30.42 -26.79 39.74
CA SER A 814 -29.86 -27.84 40.60
C SER A 814 -29.61 -29.12 39.83
N LEU A 815 -28.74 -29.96 40.39
CA LEU A 815 -28.15 -31.07 39.64
C LEU A 815 -28.27 -32.40 40.33
N THR A 816 -28.48 -33.44 39.54
CA THR A 816 -28.14 -34.78 39.99
C THR A 816 -27.12 -35.41 39.03
N VAL A 817 -26.16 -36.10 39.62
CA VAL A 817 -25.09 -36.74 38.89
C VAL A 817 -25.17 -38.24 39.16
N ASP A 818 -25.18 -39.02 38.09
CA ASP A 818 -25.44 -40.48 38.13
C ASP A 818 -26.47 -40.94 39.15
N GLY A 819 -27.62 -40.29 39.19
CA GLY A 819 -28.69 -40.70 40.08
C GLY A 819 -28.68 -39.99 41.41
N ALA A 820 -27.52 -39.49 41.82
CA ALA A 820 -27.40 -38.80 43.10
C ALA A 820 -27.52 -37.29 42.98
N PRO A 821 -28.29 -36.66 43.89
CA PRO A 821 -28.36 -35.21 44.12
C PRO A 821 -27.08 -34.68 44.72
N VAL A 822 -26.64 -33.49 44.26
CA VAL A 822 -25.41 -32.82 44.73
C VAL A 822 -25.75 -31.34 44.98
N ASP A 823 -24.86 -30.58 45.61
CA ASP A 823 -25.19 -29.18 45.91
C ASP A 823 -24.39 -28.20 45.10
N GLY A 824 -25.04 -27.07 44.84
CA GLY A 824 -24.49 -26.07 43.98
C GLY A 824 -24.39 -26.68 42.61
N ARG A 825 -23.55 -26.06 41.78
CA ARG A 825 -23.61 -26.29 40.36
C ARG A 825 -22.29 -26.70 39.78
N THR A 826 -21.44 -27.32 40.59
CA THR A 826 -20.12 -27.65 40.13
C THR A 826 -19.90 -29.13 40.28
N VAL A 827 -19.65 -29.81 39.17
CA VAL A 827 -19.43 -31.24 39.23
C VAL A 827 -17.94 -31.47 39.19
N PRO A 828 -17.34 -31.91 40.32
CA PRO A 828 -15.93 -32.28 40.37
C PRO A 828 -15.55 -33.18 39.19
N TYR A 829 -14.38 -32.97 38.61
CA TYR A 829 -14.00 -33.69 37.42
C TYR A 829 -13.86 -35.17 37.69
N ALA A 830 -14.55 -35.95 36.86
CA ALA A 830 -14.44 -37.38 36.90
C ALA A 830 -13.13 -37.81 36.25
N PRO A 831 -12.64 -39.03 36.57
CA PRO A 831 -11.38 -39.49 35.95
C PRO A 831 -11.51 -39.48 34.43
N ALA A 832 -10.39 -39.49 33.71
CA ALA A 832 -10.46 -39.67 32.26
C ALA A 832 -11.06 -41.03 32.02
N GLY A 833 -11.83 -41.14 30.93
CA GLY A 833 -12.38 -42.43 30.51
C GLY A 833 -13.85 -42.53 30.80
N SER A 834 -14.31 -41.78 31.81
CA SER A 834 -15.70 -41.91 32.26
C SER A 834 -16.69 -41.03 31.53
N THR A 835 -17.95 -41.46 31.58
CA THR A 835 -19.11 -40.74 31.07
C THR A 835 -19.96 -40.46 32.28
N VAL A 836 -20.43 -39.23 32.40
CA VAL A 836 -21.03 -38.75 33.61
C VAL A 836 -22.30 -38.10 33.18
N ARG A 837 -23.42 -38.63 33.66
CA ARG A 837 -24.74 -38.16 33.25
C ARG A 837 -25.29 -37.14 34.24
N VAL A 838 -25.58 -35.95 33.76
CA VAL A 838 -25.97 -34.86 34.64
C VAL A 838 -27.39 -34.47 34.32
N GLU A 839 -28.22 -34.55 35.34
CA GLU A 839 -29.61 -34.19 35.21
C GLU A 839 -29.73 -32.76 35.70
N VAL A 840 -30.29 -31.87 34.88
CA VAL A 840 -30.34 -30.46 35.24
C VAL A 840 -31.77 -29.91 35.33
N THR A 841 -32.06 -29.19 36.40
CA THR A 841 -33.38 -28.58 36.57
C THR A 841 -33.25 -27.13 36.94
N VAL A 842 -33.76 -26.30 36.05
CA VAL A 842 -33.92 -24.86 36.25
C VAL A 842 -35.43 -24.59 36.23
N MET B 21 7.24 1.16 -35.74
CA MET B 21 7.79 2.54 -35.70
C MET B 21 7.00 3.40 -34.68
N ARG B 22 6.05 4.26 -35.12
CA ARG B 22 5.52 5.39 -34.30
C ARG B 22 4.01 5.40 -33.96
N TYR B 23 3.63 6.04 -32.85
CA TYR B 23 2.21 6.16 -32.46
C TYR B 23 1.68 7.59 -32.43
N GLY B 24 2.51 8.53 -32.86
CA GLY B 24 2.06 9.91 -32.93
C GLY B 24 3.24 10.68 -33.42
N HIS B 25 3.24 11.98 -33.22
CA HIS B 25 4.36 12.77 -33.72
C HIS B 25 4.47 14.05 -32.89
N PHE B 26 5.62 14.72 -32.97
CA PHE B 26 5.84 16.00 -32.31
C PHE B 26 5.17 17.10 -33.14
N ASP B 27 4.69 18.14 -32.46
CA ASP B 27 4.26 19.35 -33.14
C ASP B 27 5.05 20.55 -32.56
N ASP B 28 6.19 20.81 -33.17
CA ASP B 28 7.07 21.90 -32.75
C ASP B 28 6.40 23.29 -32.63
N ALA B 29 5.63 23.75 -33.62
CA ALA B 29 4.96 25.07 -33.50
C ALA B 29 3.97 25.14 -32.31
N ALA B 30 3.25 24.05 -32.11
CA ALA B 30 2.23 24.00 -31.08
C ALA B 30 2.85 23.64 -29.73
N ARG B 31 4.07 23.11 -29.75
CA ARG B 31 4.81 22.68 -28.54
C ARG B 31 4.13 21.47 -27.87
N GLU B 32 3.61 20.59 -28.72
CA GLU B 32 2.81 19.47 -28.31
C GLU B 32 3.38 18.18 -28.88
N TYR B 33 3.06 17.08 -28.23
CA TYR B 33 3.24 15.78 -28.84
C TYR B 33 1.85 15.22 -29.02
N VAL B 34 1.64 14.68 -30.21
CA VAL B 34 0.33 14.34 -30.69
C VAL B 34 0.29 12.83 -30.83
N ILE B 35 -0.60 12.22 -30.07
CA ILE B 35 -0.77 10.77 -30.05
C ILE B 35 -2.00 10.46 -30.85
N THR B 36 -1.79 9.64 -31.88
CA THR B 36 -2.80 9.45 -32.90
C THR B 36 -3.54 8.13 -32.78
N THR B 37 -3.27 7.33 -31.75
CA THR B 37 -4.04 6.13 -31.51
C THR B 37 -4.22 5.94 -30.02
N PRO B 38 -5.42 5.47 -29.58
CA PRO B 38 -5.46 5.09 -28.17
C PRO B 38 -4.67 3.83 -27.85
N HIS B 39 -4.20 3.11 -28.88
CA HIS B 39 -3.52 1.84 -28.64
C HIS B 39 -2.02 2.03 -28.59
N THR B 40 -1.56 2.79 -27.59
CA THR B 40 -0.13 2.89 -27.37
C THR B 40 0.40 1.66 -26.62
N PRO B 41 1.73 1.48 -26.64
CA PRO B 41 2.41 0.34 -26.00
C PRO B 41 2.35 0.31 -24.49
N TYR B 42 2.23 1.48 -23.86
CA TYR B 42 1.98 1.63 -22.42
C TYR B 42 1.32 3.03 -22.27
N PRO B 43 0.48 3.23 -21.23
CA PRO B 43 -0.08 4.55 -20.95
C PRO B 43 0.99 5.66 -20.96
N TRP B 44 0.78 6.70 -21.76
CA TRP B 44 1.75 7.82 -21.90
C TRP B 44 1.18 9.05 -21.29
N ILE B 45 1.90 9.66 -20.34
CA ILE B 45 1.29 10.73 -19.51
C ILE B 45 1.88 12.12 -19.72
N ASN B 46 1.14 13.11 -19.24
CA ASN B 46 1.59 14.48 -19.13
C ASN B 46 1.40 14.88 -17.67
N TYR B 47 2.12 15.90 -17.25
CA TYR B 47 2.00 16.43 -15.91
C TYR B 47 1.37 17.81 -16.07
N LEU B 48 0.20 18.03 -15.48
CA LEU B 48 -0.37 19.39 -15.47
C LEU B 48 0.05 20.13 -14.18
N GLY B 49 0.30 21.43 -14.29
CA GLY B 49 0.65 22.20 -13.11
C GLY B 49 2.15 22.28 -12.87
N SER B 50 2.56 23.35 -12.20
CA SER B 50 3.97 23.63 -12.03
C SER B 50 4.27 24.38 -10.72
N GLU B 51 3.22 24.63 -9.95
CA GLU B 51 3.36 25.36 -8.70
C GLU B 51 3.23 24.46 -7.50
N GLN B 52 2.03 24.36 -6.90
CA GLN B 52 1.82 23.41 -5.80
C GLN B 52 0.73 22.38 -6.03
N PHE B 53 -0.01 22.51 -7.13
CA PHE B 53 -1.06 21.54 -7.46
C PHE B 53 -0.64 20.73 -8.70
N PHE B 54 -0.87 19.42 -8.72
CA PHE B 54 -0.42 18.63 -9.88
C PHE B 54 -1.34 17.53 -10.27
N SER B 55 -1.36 17.25 -11.56
CA SER B 55 -2.17 16.21 -12.14
C SER B 55 -1.31 15.32 -13.04
N LEU B 56 -1.40 14.00 -12.79
CA LEU B 56 -0.91 13.01 -13.75
C LEU B 56 -2.08 12.64 -14.65
N LEU B 57 -1.90 12.88 -15.96
CA LEU B 57 -2.91 12.63 -16.97
C LEU B 57 -2.41 11.81 -18.15
N SER B 58 -2.90 10.58 -18.27
CA SER B 58 -2.56 9.74 -19.38
C SER B 58 -3.37 10.13 -20.59
N HIS B 59 -2.94 9.66 -21.74
CA HIS B 59 -3.60 9.92 -22.99
C HIS B 59 -4.96 9.21 -23.07
N GLN B 60 -5.45 8.67 -21.96
CA GLN B 60 -6.83 8.14 -21.85
C GLN B 60 -7.43 8.68 -20.55
N ALA B 61 -7.07 9.92 -20.22
CA ALA B 61 -7.62 10.63 -19.06
C ALA B 61 -7.46 9.87 -17.74
N GLY B 62 -6.50 8.96 -17.70
CA GLY B 62 -6.20 8.16 -16.50
C GLY B 62 -5.16 8.87 -15.67
N GLY B 63 -5.10 8.58 -14.37
CA GLY B 63 -4.18 9.27 -13.48
C GLY B 63 -4.94 9.86 -12.32
N TYR B 64 -4.37 10.92 -11.71
CA TYR B 64 -4.87 11.52 -10.48
C TYR B 64 -4.19 12.84 -10.19
N SER B 65 -4.66 13.54 -9.14
CA SER B 65 -4.18 14.87 -8.76
C SER B 65 -3.97 14.98 -7.26
N PHE B 66 -2.93 15.75 -6.91
CA PHE B 66 -2.63 16.03 -5.52
C PHE B 66 -2.19 17.45 -5.31
N TYR B 67 -2.20 17.82 -4.02
CA TYR B 67 -1.79 19.13 -3.58
C TYR B 67 -0.50 19.00 -2.81
N ARG B 68 0.56 19.57 -3.36
CA ARG B 68 1.85 19.65 -2.70
C ARG B 68 2.52 18.32 -2.47
N ASP B 69 1.75 17.29 -2.14
CA ASP B 69 2.26 16.02 -1.58
C ASP B 69 1.40 14.83 -2.02
N ALA B 70 1.93 13.98 -2.88
CA ALA B 70 1.13 12.91 -3.45
C ALA B 70 0.73 11.80 -2.45
N LYS B 71 1.46 11.71 -1.35
CA LYS B 71 1.09 10.77 -0.32
C LYS B 71 -0.02 11.34 0.52
N MET B 72 0.01 12.65 0.71
CA MET B 72 -0.68 13.24 1.86
C MET B 72 -1.92 14.07 1.59
N ARG B 73 -2.05 14.58 0.38
CA ARG B 73 -3.21 15.35 -0.04
C ARG B 73 -3.49 14.94 -1.47
N ARG B 74 -3.79 13.65 -1.62
CA ARG B 74 -4.15 13.15 -2.93
C ARG B 74 -5.67 13.28 -3.11
N LEU B 75 -6.13 14.01 -4.12
CA LEU B 75 -7.57 14.25 -4.24
C LEU B 75 -8.41 13.13 -4.84
N THR B 76 -7.78 12.33 -5.71
CA THR B 76 -8.49 11.36 -6.54
C THR B 76 -7.76 10.04 -6.50
N ARG B 77 -8.48 8.92 -6.34
CA ARG B 77 -7.90 7.57 -6.37
C ARG B 77 -7.38 7.18 -7.76
N TYR B 78 -6.31 6.37 -7.78
CA TYR B 78 -5.78 5.74 -8.99
C TYR B 78 -5.12 4.45 -8.60
N ARG B 79 -5.27 3.42 -9.43
CA ARG B 79 -4.77 2.09 -9.13
C ARG B 79 -3.60 1.78 -10.04
N TYR B 80 -2.46 1.52 -9.41
CA TYR B 80 -1.31 1.02 -10.11
C TYR B 80 -1.54 -0.48 -10.29
N ASN B 81 -0.94 -1.07 -11.32
CA ASN B 81 -1.15 -2.48 -11.57
C ASN B 81 -2.63 -2.91 -11.60
N ASN B 82 -3.43 -2.16 -12.34
CA ASN B 82 -4.78 -2.53 -12.59
C ASN B 82 -4.80 -3.35 -13.87
N ILE B 83 -5.78 -4.25 -13.96
CA ILE B 83 -6.05 -5.05 -15.13
C ILE B 83 -7.41 -4.58 -15.70
N PRO B 84 -7.39 -3.84 -16.83
CA PRO B 84 -6.21 -3.36 -17.56
C PRO B 84 -5.54 -2.14 -16.88
N ALA B 85 -4.31 -1.86 -17.27
CA ALA B 85 -3.59 -0.67 -16.79
C ALA B 85 -4.37 0.58 -17.15
N ASP B 86 -4.42 1.52 -16.22
CA ASP B 86 -4.99 2.85 -16.51
C ASP B 86 -6.53 2.90 -16.64
N ALA B 87 -7.25 1.98 -16.02
CA ALA B 87 -8.70 2.08 -15.95
C ALA B 87 -9.05 2.85 -14.71
N GLY B 88 -9.13 4.16 -14.86
CA GLY B 88 -9.32 5.04 -13.75
C GLY B 88 -8.70 6.39 -14.05
N GLY B 89 -9.58 7.39 -14.20
CA GLY B 89 -9.17 8.78 -14.41
C GLY B 89 -10.39 9.66 -14.52
N ARG B 90 -10.33 10.66 -15.38
CA ARG B 90 -11.43 11.60 -15.51
C ARG B 90 -12.26 11.33 -16.75
N TYR B 91 -13.46 10.79 -16.54
CA TYR B 91 -14.23 10.20 -17.64
C TYR B 91 -15.52 10.92 -17.96
N LEU B 92 -15.85 10.91 -19.25
CA LEU B 92 -17.07 11.52 -19.71
C LEU B 92 -17.81 10.50 -20.54
N TYR B 93 -18.86 9.97 -19.92
CA TYR B 93 -19.69 8.97 -20.53
C TYR B 93 -20.73 9.67 -21.38
N VAL B 94 -20.70 9.41 -22.68
CA VAL B 94 -21.67 9.96 -23.55
C VAL B 94 -22.66 8.86 -23.85
N ASN B 95 -23.94 9.12 -23.55
CA ASN B 95 -25.07 8.29 -23.96
C ASN B 95 -25.84 8.99 -25.09
N ASP B 96 -25.66 8.47 -26.30
CA ASP B 96 -26.36 8.91 -27.49
C ASP B 96 -27.39 7.87 -27.88
N GLY B 97 -28.61 8.11 -27.43
CA GLY B 97 -29.72 7.24 -27.80
C GLY B 97 -29.53 5.82 -27.33
N GLY B 98 -29.06 5.65 -26.09
CA GLY B 98 -28.85 4.32 -25.50
C GLY B 98 -27.43 3.83 -25.69
N ASP B 99 -26.79 4.31 -26.75
CA ASP B 99 -25.43 3.86 -27.02
C ASP B 99 -24.34 4.60 -26.17
N VAL B 100 -23.62 3.86 -25.33
CA VAL B 100 -22.63 4.51 -24.44
C VAL B 100 -21.16 4.41 -24.88
N TRP B 101 -20.47 5.54 -24.85
CA TRP B 101 -19.06 5.59 -25.17
C TRP B 101 -18.31 6.69 -24.39
N THR B 102 -16.98 6.61 -24.43
CA THR B 102 -16.09 7.59 -23.83
C THR B 102 -15.08 8.00 -24.90
N PRO B 103 -14.82 9.31 -25.01
CA PRO B 103 -13.84 9.89 -25.93
C PRO B 103 -12.36 9.63 -25.55
N SER B 104 -12.09 9.32 -24.28
CA SER B 104 -10.82 8.67 -23.94
C SER B 104 -10.68 7.21 -24.44
N TRP B 105 -11.71 6.65 -25.06
CA TRP B 105 -11.75 5.22 -25.39
C TRP B 105 -12.05 4.42 -24.13
N LEU B 106 -11.02 3.96 -23.43
CA LEU B 106 -11.13 3.52 -22.03
C LEU B 106 -12.02 4.50 -21.24
N PRO B 107 -12.85 3.98 -20.34
CA PRO B 107 -12.92 2.56 -20.02
C PRO B 107 -13.83 1.82 -20.98
N VAL B 108 -14.76 2.55 -21.62
CA VAL B 108 -15.83 1.88 -22.34
C VAL B 108 -15.38 1.10 -23.59
N LYS B 109 -14.39 1.61 -24.29
CA LYS B 109 -13.77 0.91 -25.46
C LYS B 109 -14.67 0.74 -26.71
N ALA B 110 -15.54 1.71 -26.94
CA ALA B 110 -16.35 1.73 -28.14
C ALA B 110 -15.45 2.16 -29.28
N ASP B 111 -15.78 1.67 -30.46
CA ASP B 111 -15.09 2.08 -31.67
C ASP B 111 -15.31 3.55 -31.91
N LEU B 112 -14.22 4.26 -32.17
CA LEU B 112 -14.30 5.67 -32.48
C LEU B 112 -14.08 5.91 -33.98
N ASP B 113 -14.78 6.90 -34.52
CA ASP B 113 -14.54 7.33 -35.88
C ASP B 113 -13.20 8.07 -35.97
N HIS B 114 -12.88 8.84 -34.92
CA HIS B 114 -11.60 9.54 -34.77
C HIS B 114 -11.26 9.62 -33.28
N PHE B 115 -9.99 9.47 -32.97
CA PHE B 115 -9.44 9.74 -31.65
C PHE B 115 -8.15 10.55 -31.75
N GLU B 116 -7.91 11.43 -30.78
CA GLU B 116 -6.63 12.12 -30.72
C GLU B 116 -6.31 12.65 -29.33
N ALA B 117 -5.05 12.48 -28.93
CA ALA B 117 -4.56 13.10 -27.70
C ALA B 117 -3.37 14.03 -27.94
N ARG B 118 -3.52 15.31 -27.61
CA ARG B 118 -2.40 16.22 -27.69
C ARG B 118 -1.88 16.48 -26.28
N HIS B 119 -0.62 16.11 -26.03
CA HIS B 119 0.05 16.49 -24.80
C HIS B 119 0.84 17.78 -25.03
N GLY B 120 0.45 18.82 -24.32
CA GLY B 120 1.07 20.12 -24.46
C GLY B 120 1.81 20.47 -23.18
N LEU B 121 2.24 21.72 -23.08
CA LEU B 121 2.96 22.20 -21.90
C LEU B 121 2.02 22.71 -20.82
N GLY B 122 1.77 21.87 -19.82
CA GLY B 122 0.86 22.25 -18.76
C GLY B 122 -0.62 22.04 -19.08
N TYR B 123 -0.89 21.38 -20.20
CA TYR B 123 -2.24 21.01 -20.60
C TYR B 123 -2.21 19.84 -21.58
N SER B 124 -3.36 19.20 -21.75
CA SER B 124 -3.57 18.23 -22.82
C SER B 124 -4.97 18.34 -23.44
N ARG B 125 -5.06 17.93 -24.70
CA ARG B 125 -6.35 17.85 -25.36
C ARG B 125 -6.59 16.40 -25.66
N ILE B 126 -7.77 15.91 -25.32
CA ILE B 126 -8.21 14.58 -25.76
C ILE B 126 -9.54 14.70 -26.54
N THR B 127 -9.57 14.12 -27.74
CA THR B 127 -10.76 14.19 -28.61
C THR B 127 -11.14 12.78 -29.07
N GLY B 128 -12.42 12.45 -28.96
CA GLY B 128 -12.95 11.27 -29.57
C GLY B 128 -14.26 11.59 -30.26
N GLU B 129 -14.44 11.07 -31.46
CA GLU B 129 -15.68 11.24 -32.18
C GLU B 129 -16.36 9.88 -32.47
N ARG B 130 -17.68 9.82 -32.25
CA ARG B 130 -18.44 8.60 -32.51
C ARG B 130 -19.86 8.89 -32.97
N ASN B 131 -20.23 8.29 -34.10
CA ASN B 131 -21.56 8.40 -34.71
C ASN B 131 -22.14 9.80 -34.64
N GLY B 132 -21.40 10.76 -35.20
CA GLY B 132 -21.86 12.14 -35.35
C GLY B 132 -21.75 13.04 -34.14
N LEU B 133 -20.94 12.68 -33.16
CA LEU B 133 -20.81 13.50 -31.95
C LEU B 133 -19.33 13.52 -31.50
N LYS B 134 -18.70 14.69 -31.59
CA LYS B 134 -17.31 14.87 -31.27
C LYS B 134 -17.17 15.52 -29.90
N VAL B 135 -16.54 14.80 -28.96
CA VAL B 135 -16.25 15.36 -27.62
C VAL B 135 -14.76 15.53 -27.48
N GLU B 136 -14.35 16.80 -27.30
CA GLU B 136 -12.97 17.23 -27.06
C GLU B 136 -12.82 17.81 -25.65
N THR B 137 -12.05 17.15 -24.79
CA THR B 137 -11.70 17.71 -23.49
C THR B 137 -10.30 18.32 -23.52
N LEU B 138 -10.19 19.56 -23.05
CA LEU B 138 -8.92 20.18 -22.78
C LEU B 138 -8.66 20.14 -21.27
N PHE B 139 -7.54 19.53 -20.88
CA PHE B 139 -7.23 19.39 -19.45
C PHE B 139 -6.10 20.30 -19.08
N PHE B 140 -6.19 20.94 -17.92
CA PHE B 140 -5.05 21.70 -17.43
C PHE B 140 -5.20 22.24 -16.05
N VAL B 141 -4.08 22.66 -15.47
CA VAL B 141 -4.06 23.28 -14.15
C VAL B 141 -3.73 24.77 -14.33
N PRO B 142 -4.64 25.65 -13.93
CA PRO B 142 -4.39 27.06 -14.12
C PRO B 142 -3.32 27.65 -13.15
N LEU B 143 -2.62 28.68 -13.62
CA LEU B 143 -1.64 29.38 -12.83
C LEU B 143 -2.25 30.02 -11.57
N GLY B 144 -1.65 29.79 -10.42
CA GLY B 144 -2.15 30.34 -9.19
C GLY B 144 -3.42 29.66 -8.67
N GLU B 145 -3.74 28.52 -9.25
CA GLU B 145 -4.98 27.85 -8.91
C GLU B 145 -4.71 26.42 -8.47
N ASN B 146 -5.37 26.01 -7.39
CA ASN B 146 -5.26 24.63 -6.94
C ASN B 146 -6.45 23.84 -7.43
N ALA B 147 -6.45 23.62 -8.73
CA ALA B 147 -7.55 22.94 -9.38
C ALA B 147 -7.12 22.39 -10.73
N GLU B 148 -7.85 21.38 -11.18
CA GLU B 148 -7.70 20.90 -12.53
C GLU B 148 -9.00 21.14 -13.32
N VAL B 149 -8.83 21.78 -14.48
CA VAL B 149 -9.96 22.29 -15.24
C VAL B 149 -10.12 21.55 -16.56
N GLN B 150 -11.37 21.25 -16.88
CA GLN B 150 -11.69 20.60 -18.12
C GLN B 150 -12.61 21.49 -18.90
N LYS B 151 -12.22 21.76 -20.13
CA LYS B 151 -13.09 22.48 -21.05
C LYS B 151 -13.53 21.41 -22.02
N VAL B 152 -14.79 21.03 -21.91
CA VAL B 152 -15.33 20.00 -22.77
C VAL B 152 -16.03 20.66 -23.93
N THR B 153 -15.72 20.25 -25.16
CA THR B 153 -16.42 20.77 -26.34
C THR B 153 -17.12 19.67 -27.14
N VAL B 154 -18.44 19.64 -27.05
CA VAL B 154 -19.21 18.60 -27.75
C VAL B 154 -19.80 19.20 -29.03
N THR B 155 -19.50 18.60 -30.18
CA THR B 155 -19.85 19.18 -31.48
C THR B 155 -20.63 18.17 -32.25
N ASN B 156 -21.80 18.55 -32.75
CA ASN B 156 -22.54 17.72 -33.67
C ASN B 156 -21.90 17.75 -35.05
N THR B 157 -21.46 16.60 -35.56
CA THR B 157 -20.80 16.55 -36.87
C THR B 157 -21.66 15.84 -37.97
N SER B 158 -22.86 15.42 -37.59
CA SER B 158 -23.80 14.81 -38.53
C SER B 158 -24.52 15.93 -39.25
N ASP B 159 -25.31 15.56 -40.25
CA ASP B 159 -26.17 16.56 -40.88
C ASP B 159 -27.61 16.58 -40.30
N ALA B 160 -27.81 15.96 -39.13
CA ALA B 160 -29.11 16.01 -38.45
C ALA B 160 -28.98 16.47 -36.99
N PRO B 161 -30.06 17.02 -36.40
CA PRO B 161 -29.99 17.41 -34.98
C PRO B 161 -29.86 16.19 -34.07
N LYS B 162 -29.07 16.32 -33.00
CA LYS B 162 -28.73 15.21 -32.11
C LYS B 162 -28.94 15.58 -30.65
N THR B 163 -29.12 14.56 -29.84
CA THR B 163 -29.31 14.74 -28.42
C THR B 163 -28.52 13.67 -27.67
N ALA B 164 -28.00 14.01 -26.50
CA ALA B 164 -27.21 13.07 -25.74
C ALA B 164 -27.17 13.49 -24.30
N THR B 165 -26.78 12.55 -23.43
CA THR B 165 -26.47 12.92 -22.03
C THR B 165 -24.99 12.68 -21.76
N LEU B 166 -24.37 13.61 -21.03
CA LEU B 166 -22.98 13.45 -20.65
C LEU B 166 -22.89 13.15 -19.14
N PHE B 167 -22.12 12.13 -18.78
CA PHE B 167 -21.89 11.77 -17.38
C PHE B 167 -20.44 11.96 -17.00
N SER B 168 -20.16 12.99 -16.20
CA SER B 168 -18.80 13.22 -15.78
C SER B 168 -18.54 12.24 -14.67
N PHE B 169 -17.27 11.87 -14.48
CA PHE B 169 -16.89 10.94 -13.43
C PHE B 169 -15.43 11.09 -12.97
N VAL B 170 -15.28 11.26 -11.66
CA VAL B 170 -14.00 11.25 -11.00
C VAL B 170 -14.12 10.41 -9.73
N GLU B 171 -13.05 9.73 -9.31
CA GLU B 171 -13.13 8.91 -8.11
C GLU B 171 -12.31 9.55 -6.98
N PHE B 172 -12.95 9.88 -5.86
CA PHE B 172 -12.19 10.53 -4.79
C PHE B 172 -11.23 9.57 -4.07
N CYS B 173 -10.10 10.12 -3.62
CA CYS B 173 -9.18 9.40 -2.75
C CYS B 173 -9.37 9.96 -1.35
N LEU B 174 -8.96 9.26 -0.30
CA LEU B 174 -9.22 9.82 1.01
C LEU B 174 -7.99 10.55 1.58
N TRP B 175 -7.34 11.33 0.71
CA TRP B 175 -6.27 12.25 1.06
C TRP B 175 -4.97 11.54 1.42
N ASN B 176 -4.99 10.73 2.48
CA ASN B 176 -3.85 9.90 2.76
C ASN B 176 -3.88 8.66 1.88
N ALA B 177 -3.16 8.68 0.76
CA ALA B 177 -3.15 7.53 -0.15
C ALA B 177 -2.64 6.20 0.45
N GLN B 178 -1.70 6.26 1.37
CA GLN B 178 -1.23 5.01 1.95
C GLN B 178 -2.37 4.33 2.71
N ASP B 179 -3.04 5.14 3.52
CA ASP B 179 -4.21 4.73 4.33
C ASP B 179 -5.33 4.25 3.43
N ASP B 180 -5.63 5.04 2.40
CA ASP B 180 -6.60 4.74 1.35
C ASP B 180 -6.41 3.32 0.79
N GLN B 181 -5.15 2.90 0.67
CA GLN B 181 -4.82 1.61 0.05
C GLN B 181 -4.72 0.42 1.02
N THR B 182 -4.82 0.66 2.33
CA THR B 182 -4.50 -0.39 3.29
C THR B 182 -5.48 -0.50 4.46
N ASN B 183 -6.11 0.60 4.81
CA ASN B 183 -6.86 0.67 6.06
C ASN B 183 -8.40 0.68 5.94
N TYR B 184 -8.96 -0.14 5.04
CA TYR B 184 -10.42 -0.20 4.85
C TYR B 184 -11.18 -0.45 6.16
N GLN B 185 -10.60 -1.25 7.03
CA GLN B 185 -11.17 -1.55 8.31
C GLN B 185 -11.65 -0.29 9.00
N ARG B 186 -10.90 0.81 8.87
CA ARG B 186 -11.31 2.13 9.33
C ARG B 186 -12.05 2.88 8.21
N ASN B 187 -11.40 3.04 7.06
CA ASN B 187 -11.81 4.08 6.12
C ASN B 187 -13.10 3.83 5.28
N LEU B 188 -13.66 2.65 5.36
CA LEU B 188 -14.87 2.37 4.60
C LEU B 188 -16.06 3.08 5.21
N SER B 189 -15.86 3.58 6.43
CA SER B 189 -16.89 4.20 7.24
C SER B 189 -16.77 5.71 7.35
N ILE B 190 -15.67 6.30 6.83
CA ILE B 190 -15.44 7.77 6.92
C ILE B 190 -15.64 8.58 5.64
N GLY B 191 -15.94 7.93 4.51
CA GLY B 191 -16.29 8.69 3.30
C GLY B 191 -17.47 9.64 3.56
N GLU B 192 -17.37 10.89 3.12
CA GLU B 192 -18.38 11.91 3.41
C GLU B 192 -18.47 12.98 2.29
N VAL B 193 -19.69 13.27 1.81
CA VAL B 193 -19.89 14.24 0.72
C VAL B 193 -20.93 15.32 1.01
N GLU B 194 -20.94 16.40 0.22
CA GLU B 194 -22.15 17.27 0.16
C GLU B 194 -22.53 17.52 -1.27
N VAL B 195 -23.81 17.75 -1.48
CA VAL B 195 -24.32 17.90 -2.83
C VAL B 195 -24.93 19.28 -2.95
N GLU B 196 -24.54 20.00 -4.01
CA GLU B 196 -25.04 21.34 -4.22
C GLU B 196 -25.49 21.48 -5.66
N GLN B 197 -26.72 21.06 -5.94
CA GLN B 197 -27.22 21.10 -7.31
C GLN B 197 -27.44 22.52 -7.82
N ASP B 198 -27.78 23.43 -6.90
CA ASP B 198 -28.06 24.81 -7.27
C ASP B 198 -27.13 25.84 -6.57
N GLY B 199 -25.85 25.82 -6.94
CA GLY B 199 -24.88 26.81 -6.46
C GLY B 199 -24.81 28.01 -7.39
N PRO B 200 -23.93 28.99 -7.10
CA PRO B 200 -23.92 30.27 -7.87
C PRO B 200 -23.58 30.14 -9.36
N HIS B 201 -22.89 29.10 -9.80
CA HIS B 201 -22.54 28.98 -11.23
C HIS B 201 -22.86 27.64 -11.87
N GLY B 202 -23.46 26.75 -11.09
CA GLY B 202 -23.84 25.45 -11.58
C GLY B 202 -23.89 24.48 -10.42
N SER B 203 -23.71 23.22 -10.74
CA SER B 203 -23.81 22.20 -9.73
C SER B 203 -22.42 21.80 -9.23
N ALA B 204 -22.33 21.48 -7.96
CA ALA B 204 -21.05 21.09 -7.38
C ALA B 204 -21.23 19.96 -6.39
N ILE B 205 -20.17 19.17 -6.27
CA ILE B 205 -20.10 18.09 -5.30
C ILE B 205 -18.85 18.30 -4.47
N TYR B 206 -18.99 18.01 -3.17
CA TYR B 206 -17.96 18.29 -2.21
C TYR B 206 -17.54 17.04 -1.56
N HIS B 207 -16.29 16.69 -1.76
CA HIS B 207 -15.67 15.63 -1.00
C HIS B 207 -15.04 16.17 0.27
N LYS B 208 -15.55 15.74 1.42
CA LYS B 208 -15.17 16.34 2.70
C LYS B 208 -14.75 15.37 3.82
N THR B 209 -14.36 14.16 3.46
CA THR B 209 -13.87 13.18 4.42
C THR B 209 -12.89 13.80 5.41
N GLU B 210 -13.11 13.52 6.70
CA GLU B 210 -12.24 13.96 7.78
C GLU B 210 -12.13 15.49 7.96
N TYR B 211 -12.99 16.23 7.29
CA TYR B 211 -13.16 17.66 7.54
C TYR B 211 -13.86 17.84 8.89
N ARG B 212 -14.73 16.89 9.22
CA ARG B 212 -15.34 16.72 10.54
C ARG B 212 -14.34 16.91 11.71
N GLU B 213 -13.09 16.47 11.46
CA GLU B 213 -12.02 16.53 12.44
C GLU B 213 -10.86 17.50 12.07
N ARG B 214 -9.67 16.94 11.84
CA ARG B 214 -8.41 17.72 11.81
C ARG B 214 -8.07 18.31 10.44
N ARG B 215 -8.80 17.90 9.39
CA ARG B 215 -8.55 18.43 8.06
C ARG B 215 -9.27 19.74 7.86
N ASP B 216 -8.52 20.74 7.41
CA ASP B 216 -9.03 22.05 7.14
C ASP B 216 -9.31 22.25 5.65
N HIS B 217 -9.35 21.15 4.91
CA HIS B 217 -9.54 21.20 3.47
C HIS B 217 -10.52 20.15 2.95
N TYR B 218 -11.22 20.50 1.88
CA TYR B 218 -12.08 19.58 1.21
C TYR B 218 -11.78 19.65 -0.28
N ALA B 219 -12.57 18.95 -1.08
CA ALA B 219 -12.37 18.97 -2.50
C ALA B 219 -13.68 19.28 -3.22
N VAL B 220 -13.59 19.88 -4.39
CA VAL B 220 -14.82 20.14 -5.15
C VAL B 220 -14.75 19.69 -6.62
N PHE B 221 -15.78 18.94 -7.01
CA PHE B 221 -16.04 18.66 -8.42
C PHE B 221 -17.32 19.40 -8.84
N GLY B 222 -17.19 20.44 -9.67
CA GLY B 222 -18.35 21.20 -10.12
C GLY B 222 -18.35 21.42 -11.63
N VAL B 223 -19.52 21.74 -12.17
CA VAL B 223 -19.66 22.04 -13.59
C VAL B 223 -20.34 23.41 -13.78
N ASN B 224 -20.00 24.13 -14.84
CA ASN B 224 -20.52 25.51 -14.98
C ASN B 224 -21.93 25.57 -15.57
N THR B 225 -22.79 24.68 -15.09
CA THR B 225 -24.18 24.63 -15.51
C THR B 225 -24.95 23.89 -14.42
N ARG B 226 -26.28 23.97 -14.46
CA ARG B 226 -27.12 23.27 -13.47
C ARG B 226 -27.36 21.86 -14.00
N ALA B 227 -26.91 20.85 -13.27
CA ALA B 227 -26.94 19.51 -13.85
C ALA B 227 -28.32 18.87 -13.71
N ASP B 228 -28.63 17.92 -14.57
CA ASP B 228 -29.92 17.27 -14.55
C ASP B 228 -29.98 16.34 -13.36
N GLY B 229 -28.81 15.82 -12.97
CA GLY B 229 -28.72 14.79 -11.95
C GLY B 229 -27.26 14.62 -11.56
N PHE B 230 -27.05 13.90 -10.46
CA PHE B 230 -25.71 13.68 -9.95
C PHE B 230 -25.56 12.28 -9.37
N ASP B 231 -24.29 11.91 -9.14
CA ASP B 231 -23.96 10.74 -8.35
C ASP B 231 -22.65 10.94 -7.59
N THR B 232 -22.67 10.49 -6.32
CA THR B 232 -21.51 10.56 -5.44
C THR B 232 -21.09 9.19 -4.89
N ASP B 233 -21.92 8.17 -5.03
CA ASP B 233 -21.57 6.84 -4.56
C ASP B 233 -21.09 5.92 -5.68
N ARG B 234 -19.86 5.43 -5.58
CA ARG B 234 -19.34 4.59 -6.65
C ARG B 234 -20.23 3.42 -7.01
N ASP B 235 -20.68 2.63 -6.03
CA ASP B 235 -21.37 1.37 -6.36
C ASP B 235 -22.69 1.64 -7.09
N THR B 236 -23.43 2.65 -6.63
CA THR B 236 -24.60 3.01 -7.39
C THR B 236 -24.24 3.42 -8.80
N PHE B 237 -23.24 4.28 -8.94
CA PHE B 237 -22.92 4.75 -10.27
C PHE B 237 -22.49 3.58 -11.18
N VAL B 238 -21.48 2.84 -10.76
CA VAL B 238 -20.95 1.80 -11.63
C VAL B 238 -21.83 0.55 -11.74
N GLY B 239 -22.56 0.25 -10.68
CA GLY B 239 -23.30 -1.01 -10.59
C GLY B 239 -22.51 -2.15 -9.97
N ALA B 240 -23.24 -3.12 -9.40
CA ALA B 240 -22.63 -4.30 -8.82
C ALA B 240 -22.09 -5.17 -9.92
N TYR B 241 -20.97 -5.83 -9.62
CA TYR B 241 -20.31 -6.75 -10.56
C TYR B 241 -19.84 -6.09 -11.85
N ASN B 242 -19.91 -4.76 -11.95
CA ASN B 242 -19.48 -4.04 -13.17
C ASN B 242 -18.15 -3.35 -13.03
N SER B 243 -17.47 -3.18 -14.15
CA SER B 243 -16.24 -2.39 -14.19
C SER B 243 -16.56 -0.98 -14.64
N LEU B 244 -15.59 -0.08 -14.53
CA LEU B 244 -15.78 1.26 -15.01
C LEU B 244 -16.38 1.25 -16.42
N GLY B 245 -15.87 0.35 -17.27
CA GLY B 245 -16.32 0.23 -18.64
C GLY B 245 -17.75 -0.24 -18.85
N GLU B 246 -18.44 -0.65 -17.80
CA GLU B 246 -19.83 -1.05 -17.93
C GLU B 246 -20.71 -0.29 -16.98
N ALA B 247 -20.31 0.93 -16.63
CA ALA B 247 -21.00 1.70 -15.60
C ALA B 247 -22.52 1.73 -15.79
N SER B 248 -23.27 1.37 -14.75
CA SER B 248 -24.73 1.35 -14.83
C SER B 248 -25.44 2.65 -15.24
N VAL B 249 -25.23 3.70 -14.45
CA VAL B 249 -25.85 5.00 -14.66
C VAL B 249 -25.75 5.50 -16.12
N PRO B 250 -24.54 5.54 -16.72
CA PRO B 250 -24.55 5.99 -18.12
C PRO B 250 -25.46 5.15 -19.02
N ARG B 251 -25.50 3.85 -18.80
CA ARG B 251 -26.27 2.94 -19.65
C ARG B 251 -27.76 3.11 -19.43
N ALA B 252 -28.13 3.31 -18.17
CA ALA B 252 -29.51 3.59 -17.81
C ALA B 252 -29.93 4.91 -18.43
N GLY B 253 -28.97 5.80 -18.66
CA GLY B 253 -29.27 7.12 -19.17
C GLY B 253 -29.67 8.12 -18.10
N LYS B 254 -29.92 7.68 -16.88
CA LYS B 254 -30.28 8.64 -15.82
C LYS B 254 -29.32 8.54 -14.66
N SER B 255 -28.92 9.67 -14.06
CA SER B 255 -28.19 9.63 -12.78
C SER B 255 -29.11 9.01 -11.79
N ALA B 256 -28.58 8.65 -10.63
CA ALA B 256 -29.37 8.04 -9.59
C ALA B 256 -29.40 8.93 -8.38
N ASP B 257 -28.71 10.05 -8.45
CA ASP B 257 -28.75 10.99 -7.34
C ASP B 257 -28.31 10.40 -5.98
N SER B 258 -27.38 9.45 -6.02
CA SER B 258 -26.81 8.80 -4.83
C SER B 258 -26.09 9.77 -3.94
N VAL B 259 -26.29 9.62 -2.64
CA VAL B 259 -25.56 10.43 -1.65
C VAL B 259 -24.70 9.50 -0.81
N ALA B 260 -23.42 9.43 -1.16
CA ALA B 260 -22.49 8.53 -0.52
C ALA B 260 -22.55 8.66 1.01
N SER B 261 -22.45 7.52 1.68
CA SER B 261 -22.25 7.47 3.11
C SER B 261 -21.23 6.36 3.42
N GLY B 262 -19.97 6.73 3.63
CA GLY B 262 -18.88 5.77 3.63
C GLY B 262 -18.72 5.14 2.26
N TRP B 263 -17.91 4.08 2.19
CA TRP B 263 -17.61 3.36 0.93
C TRP B 263 -16.84 4.20 -0.05
N TYR B 264 -17.27 4.23 -1.31
CA TYR B 264 -16.46 4.87 -2.33
C TYR B 264 -17.06 6.14 -2.96
N PRO B 265 -16.69 7.33 -2.43
CA PRO B 265 -17.24 8.58 -2.95
C PRO B 265 -16.69 8.96 -4.32
N ILE B 266 -17.57 9.47 -5.19
CA ILE B 266 -17.20 9.90 -6.53
C ILE B 266 -17.87 11.23 -6.79
N GLY B 267 -17.39 11.92 -7.83
CA GLY B 267 -18.04 13.11 -8.35
C GLY B 267 -18.56 12.76 -9.73
N SER B 268 -19.83 13.08 -9.96
CA SER B 268 -20.45 12.89 -11.26
C SER B 268 -21.68 13.73 -11.40
N HIS B 269 -21.76 14.36 -12.54
CA HIS B 269 -22.87 15.16 -12.99
C HIS B 269 -23.34 14.67 -14.36
N SER B 270 -24.65 14.65 -14.55
CA SER B 270 -25.22 14.40 -15.85
C SER B 270 -25.70 15.73 -16.41
N VAL B 271 -25.36 16.00 -17.66
CA VAL B 271 -25.82 17.19 -18.37
C VAL B 271 -26.37 16.75 -19.72
N ALA B 272 -27.59 17.20 -20.03
CA ALA B 272 -28.24 16.85 -21.28
C ALA B 272 -27.91 17.91 -22.34
N VAL B 273 -27.49 17.46 -23.52
CA VAL B 273 -27.19 18.39 -24.60
C VAL B 273 -28.01 18.16 -25.85
N THR B 274 -28.19 19.23 -26.63
CA THR B 274 -28.92 19.15 -27.87
C THR B 274 -28.23 20.09 -28.85
N LEU B 275 -27.92 19.57 -30.03
CA LEU B 275 -27.08 20.31 -30.92
C LEU B 275 -27.67 20.28 -32.32
N GLN B 276 -27.81 21.45 -32.92
CA GLN B 276 -28.15 21.58 -34.32
C GLN B 276 -26.98 21.01 -35.13
N PRO B 277 -27.24 20.59 -36.37
CA PRO B 277 -26.13 20.04 -37.15
C PRO B 277 -25.00 21.07 -37.28
N GLY B 278 -23.77 20.63 -37.04
CA GLY B 278 -22.62 21.54 -36.99
C GLY B 278 -22.53 22.45 -35.74
N GLU B 279 -23.45 22.32 -34.79
CA GLU B 279 -23.38 23.19 -33.61
C GLU B 279 -22.48 22.58 -32.52
N SER B 280 -21.98 23.43 -31.62
CA SER B 280 -21.24 22.91 -30.48
C SER B 280 -21.45 23.66 -29.18
N ARG B 281 -21.10 22.99 -28.08
CA ARG B 281 -21.27 23.51 -26.74
C ARG B 281 -20.06 23.22 -25.83
N ASP B 282 -19.86 24.12 -24.87
CA ASP B 282 -18.77 24.08 -23.94
C ASP B 282 -19.36 23.81 -22.57
N LEU B 283 -18.81 22.83 -21.87
CA LEU B 283 -19.04 22.69 -20.44
C LEU B 283 -17.68 22.86 -19.77
N VAL B 284 -17.67 23.50 -18.61
CA VAL B 284 -16.44 23.65 -17.89
C VAL B 284 -16.55 22.96 -16.51
N TYR B 285 -15.70 21.97 -16.30
CA TYR B 285 -15.68 21.19 -15.07
C TYR B 285 -14.41 21.58 -14.30
N VAL B 286 -14.50 21.55 -12.97
CA VAL B 286 -13.40 21.95 -12.10
C VAL B 286 -13.25 20.99 -10.93
N LEU B 287 -12.06 20.42 -10.79
CA LEU B 287 -11.69 19.66 -9.62
C LEU B 287 -10.78 20.55 -8.77
N GLY B 288 -11.26 21.05 -7.64
CA GLY B 288 -10.45 21.98 -6.89
C GLY B 288 -10.15 21.52 -5.49
N TYR B 289 -9.11 22.14 -4.92
CA TYR B 289 -8.65 21.90 -3.55
C TYR B 289 -8.82 23.20 -2.79
N LEU B 290 -9.60 23.19 -1.72
CA LEU B 290 -9.86 24.39 -0.95
C LEU B 290 -9.51 24.20 0.51
N GLU B 291 -9.32 25.31 1.20
CA GLU B 291 -8.92 25.32 2.58
C GLU B 291 -9.67 26.49 3.18
N ASN B 292 -10.20 26.32 4.40
CA ASN B 292 -10.61 27.45 5.22
C ASN B 292 -9.65 27.61 6.43
N PRO B 293 -9.46 28.85 6.93
CA PRO B 293 -8.92 29.03 8.29
C PRO B 293 -9.91 28.44 9.30
N ASP B 294 -9.44 28.10 10.50
CA ASP B 294 -10.27 27.33 11.45
C ASP B 294 -11.58 28.00 11.83
N GLU B 295 -11.51 29.29 12.13
CA GLU B 295 -12.67 30.07 12.55
C GLU B 295 -13.73 30.24 11.44
N GLU B 296 -13.49 29.65 10.26
CA GLU B 296 -14.39 29.75 9.08
C GLU B 296 -14.68 28.41 8.37
N LYS B 297 -14.47 27.28 9.06
CA LYS B 297 -14.75 25.98 8.45
C LYS B 297 -16.22 25.78 8.09
N TRP B 298 -17.08 26.23 8.98
CA TRP B 298 -18.48 25.83 8.91
C TRP B 298 -19.44 26.93 8.48
N ALA B 299 -20.43 26.54 7.69
CA ALA B 299 -21.47 27.46 7.26
C ALA B 299 -22.40 27.70 8.42
N ASP B 300 -22.46 26.76 9.35
CA ASP B 300 -23.50 26.74 10.36
C ASP B 300 -23.01 26.74 11.81
N ASP B 301 -23.87 27.20 12.72
CA ASP B 301 -23.65 27.08 14.18
C ASP B 301 -23.15 25.67 14.55
N ALA B 302 -23.83 24.67 13.98
CA ALA B 302 -23.75 23.28 14.39
C ALA B 302 -22.47 22.56 13.94
N HIS B 303 -21.88 23.02 12.84
CA HIS B 303 -20.62 22.46 12.36
C HIS B 303 -20.82 21.16 11.54
N GLN B 304 -21.88 21.14 10.74
CA GLN B 304 -22.22 19.98 9.93
C GLN B 304 -22.09 20.28 8.44
N VAL B 305 -21.86 21.54 8.08
CA VAL B 305 -21.99 22.02 6.70
C VAL B 305 -20.76 22.85 6.37
N VAL B 306 -20.07 22.51 5.28
CA VAL B 306 -18.80 23.16 5.02
C VAL B 306 -19.01 24.57 4.51
N ASN B 307 -18.19 25.50 4.98
CA ASN B 307 -18.20 26.84 4.41
C ASN B 307 -17.70 26.72 2.99
N LYS B 308 -18.60 26.98 2.05
CA LYS B 308 -18.28 26.91 0.62
C LYS B 308 -17.74 28.18 -0.02
N ALA B 309 -17.35 29.20 0.75
CA ALA B 309 -16.89 30.47 0.13
C ALA B 309 -15.73 30.30 -0.91
N PRO B 310 -14.62 29.63 -0.48
CA PRO B 310 -13.50 29.42 -1.40
C PRO B 310 -13.87 28.65 -2.67
N ALA B 311 -14.78 27.70 -2.57
CA ALA B 311 -15.13 26.92 -3.75
C ALA B 311 -16.07 27.69 -4.69
N HIS B 312 -16.93 28.51 -4.11
CA HIS B 312 -17.80 29.33 -4.93
C HIS B 312 -16.91 30.27 -5.76
N ALA B 313 -15.85 30.77 -5.13
CA ALA B 313 -14.97 31.72 -5.79
C ALA B 313 -14.23 31.02 -6.95
N LEU B 314 -13.63 29.87 -6.68
CA LEU B 314 -12.98 29.09 -7.71
C LEU B 314 -13.94 28.79 -8.88
N LEU B 315 -15.11 28.25 -8.56
CA LEU B 315 -16.03 27.93 -9.62
C LEU B 315 -16.42 29.21 -10.38
N GLY B 316 -16.56 30.30 -9.62
CA GLY B 316 -16.71 31.66 -10.22
C GLY B 316 -15.63 32.08 -11.23
N ARG B 317 -14.36 31.78 -10.96
CA ARG B 317 -13.29 32.13 -11.88
C ARG B 317 -13.24 31.20 -13.08
N PHE B 318 -13.98 30.12 -13.02
CA PHE B 318 -14.07 29.28 -14.21
C PHE B 318 -15.54 29.06 -14.63
N ALA B 319 -16.33 30.11 -14.42
CA ALA B 319 -17.73 30.10 -14.82
C ALA B 319 -17.89 30.04 -16.31
N THR B 320 -17.04 30.71 -17.09
CA THR B 320 -17.26 30.79 -18.54
C THR B 320 -16.08 30.25 -19.35
N SER B 321 -16.31 29.94 -20.63
CA SER B 321 -15.23 29.55 -21.56
C SER B 321 -14.20 30.64 -21.80
N GLU B 322 -14.61 31.90 -21.71
CA GLU B 322 -13.69 32.97 -21.99
C GLU B 322 -12.58 32.96 -20.93
N GLN B 323 -12.97 32.86 -19.66
CA GLN B 323 -12.05 32.75 -18.52
C GLN B 323 -11.11 31.55 -18.66
N VAL B 324 -11.63 30.43 -19.18
CA VAL B 324 -10.75 29.29 -19.49
C VAL B 324 -9.70 29.68 -20.53
N ASP B 325 -10.12 30.25 -21.65
CA ASP B 325 -9.19 30.63 -22.73
C ASP B 325 -8.09 31.59 -22.27
N ALA B 326 -8.49 32.57 -21.48
CA ALA B 326 -7.59 33.55 -20.91
C ALA B 326 -6.49 32.87 -20.07
N ALA B 327 -6.92 31.96 -19.22
CA ALA B 327 -5.99 31.28 -18.35
C ALA B 327 -5.07 30.41 -19.18
N LEU B 328 -5.60 29.88 -20.28
CA LEU B 328 -4.77 29.04 -21.15
C LEU B 328 -3.77 29.90 -21.90
N GLU B 329 -4.21 31.08 -22.36
CA GLU B 329 -3.30 32.01 -23.00
C GLU B 329 -2.20 32.36 -22.00
N ALA B 330 -2.58 32.58 -20.73
CA ALA B 330 -1.62 33.00 -19.70
C ALA B 330 -0.61 31.91 -19.40
N LEU B 331 -1.06 30.65 -19.46
CA LEU B 331 -0.19 29.50 -19.29
C LEU B 331 0.73 29.37 -20.48
N ASN B 332 0.22 29.69 -21.67
CA ASN B 332 1.07 29.66 -22.86
C ASN B 332 2.20 30.71 -22.75
N SER B 333 1.88 31.87 -22.17
CA SER B 333 2.87 32.96 -22.03
C SER B 333 3.91 32.66 -20.98
N TYR B 334 3.50 31.93 -19.96
CA TYR B 334 4.40 31.50 -18.95
C TYR B 334 5.44 30.55 -19.59
N TRP B 335 5.01 29.65 -20.48
CA TRP B 335 5.96 28.73 -21.09
C TRP B 335 6.88 29.40 -22.14
N THR B 336 6.32 30.27 -22.96
CA THR B 336 7.13 31.03 -23.90
C THR B 336 8.26 31.73 -23.17
N ASN B 337 7.93 32.33 -22.04
CA ASN B 337 8.95 33.10 -21.45
C ASN B 337 9.78 32.38 -20.38
N LEU B 338 9.41 31.14 -20.01
CA LEU B 338 10.38 30.24 -19.34
C LEU B 338 11.39 29.68 -20.35
N LEU B 339 10.96 29.58 -21.59
CA LEU B 339 11.77 28.93 -22.58
C LEU B 339 12.64 29.92 -23.37
N SER B 340 12.51 31.22 -23.05
CA SER B 340 13.30 32.23 -23.78
C SER B 340 14.76 32.28 -23.33
N THR B 341 15.02 31.84 -22.11
CA THR B 341 16.35 31.92 -21.48
C THR B 341 17.46 31.13 -22.21
N TYR B 342 17.13 29.92 -22.66
CA TYR B 342 18.01 29.09 -23.50
C TYR B 342 17.28 28.54 -24.74
N SER B 343 17.82 28.84 -25.90
CA SER B 343 17.20 28.39 -27.12
C SER B 343 18.25 28.03 -28.17
N VAL B 344 17.95 27.07 -29.03
CA VAL B 344 18.86 26.78 -30.13
C VAL B 344 18.17 26.71 -31.48
N SER B 345 18.83 27.19 -32.51
CA SER B 345 18.48 26.85 -33.88
C SER B 345 19.69 26.25 -34.59
N SER B 346 19.46 25.08 -35.16
CA SER B 346 20.50 24.22 -35.68
C SER B 346 19.92 23.47 -36.88
N THR B 347 20.80 22.73 -37.56
CA THR B 347 20.41 21.90 -38.71
C THR B 347 19.75 20.57 -38.34
N ASP B 348 19.71 20.22 -37.05
CA ASP B 348 19.08 18.99 -36.57
C ASP B 348 17.84 19.37 -35.75
N GLU B 349 16.66 19.03 -36.25
CA GLU B 349 15.39 19.48 -35.68
C GLU B 349 15.02 18.65 -34.45
N LYS B 350 15.53 17.41 -34.41
CA LYS B 350 15.38 16.57 -33.25
C LYS B 350 16.15 17.15 -32.06
N LEU B 351 17.39 17.56 -32.32
CA LEU B 351 18.14 18.23 -31.27
C LEU B 351 17.42 19.50 -30.87
N ASP B 352 16.92 20.29 -31.81
CA ASP B 352 16.21 21.55 -31.49
C ASP B 352 15.00 21.33 -30.59
N ARG B 353 14.18 20.33 -30.92
CA ARG B 353 12.95 20.13 -30.17
C ARG B 353 13.28 19.63 -28.74
N MET B 354 14.33 18.82 -28.60
CA MET B 354 14.78 18.44 -27.25
C MET B 354 15.22 19.62 -26.42
N VAL B 355 16.05 20.48 -26.99
CA VAL B 355 16.61 21.60 -26.26
C VAL B 355 15.61 22.72 -26.05
N ASN B 356 14.82 23.03 -27.08
CA ASN B 356 13.97 24.20 -26.98
C ASN B 356 12.70 23.96 -26.17
N ILE B 357 12.26 22.70 -26.09
CA ILE B 357 10.99 22.39 -25.41
C ILE B 357 11.06 21.27 -24.38
N TRP B 358 11.32 20.05 -24.85
CA TRP B 358 11.06 18.85 -24.06
C TRP B 358 11.98 18.63 -22.88
N ASN B 359 13.28 18.74 -23.09
CA ASN B 359 14.23 18.56 -22.01
C ASN B 359 13.89 19.60 -20.92
N GLN B 360 13.69 20.86 -21.31
CA GLN B 360 13.32 21.91 -20.34
C GLN B 360 12.01 21.60 -19.60
N TYR B 361 10.94 21.36 -20.36
CA TYR B 361 9.71 20.89 -19.77
C TYR B 361 9.94 19.81 -18.71
N GLN B 362 10.65 18.74 -19.07
CA GLN B 362 10.86 17.67 -18.11
C GLN B 362 11.56 18.15 -16.81
N CYS B 363 12.46 19.14 -16.91
CA CYS B 363 13.19 19.57 -15.75
C CYS B 363 12.31 20.29 -14.76
N MET B 364 11.32 21.01 -15.29
CA MET B 364 10.33 21.66 -14.47
C MET B 364 9.62 20.57 -13.67
N VAL B 365 9.24 19.49 -14.33
CA VAL B 365 8.52 18.41 -13.67
C VAL B 365 9.34 17.75 -12.57
N THR B 366 10.58 17.40 -12.87
CA THR B 366 11.44 16.77 -11.87
C THR B 366 11.69 17.75 -10.73
N PHE B 367 11.95 19.00 -11.04
CA PHE B 367 12.16 19.94 -9.99
C PHE B 367 10.97 19.87 -9.03
N ASN B 368 9.78 19.76 -9.61
CA ASN B 368 8.59 19.79 -8.81
C ASN B 368 8.32 18.49 -8.04
N MET B 369 8.62 17.36 -8.66
CA MET B 369 8.16 16.08 -8.11
C MET B 369 9.24 15.23 -7.48
N SER B 370 10.51 15.55 -7.77
CA SER B 370 11.66 14.70 -7.40
C SER B 370 11.41 13.31 -7.99
N ARG B 371 11.39 12.28 -7.15
CA ARG B 371 11.10 10.93 -7.67
C ARG B 371 9.88 10.36 -7.00
N SER B 372 8.89 11.23 -6.77
CA SER B 372 7.80 10.95 -5.87
C SER B 372 6.68 10.20 -6.53
N ALA B 373 6.05 10.85 -7.51
CA ALA B 373 4.83 10.32 -8.12
C ALA B 373 4.83 10.31 -9.65
N SER B 374 4.96 9.13 -10.24
CA SER B 374 4.81 8.93 -11.71
C SER B 374 3.74 7.85 -11.91
N PHE B 375 3.80 7.15 -13.04
CA PHE B 375 3.01 5.93 -13.23
C PHE B 375 3.83 4.68 -12.87
N PHE B 376 4.95 4.95 -12.21
CA PHE B 376 5.88 3.94 -11.76
C PHE B 376 6.23 4.23 -10.31
N GLU B 377 6.54 5.48 -9.98
CA GLU B 377 6.78 5.85 -8.59
C GLU B 377 5.37 6.07 -8.06
N THR B 378 5.03 5.49 -6.93
CA THR B 378 3.62 5.42 -6.55
C THR B 378 3.15 6.55 -5.66
N GLY B 379 4.01 7.55 -5.48
CA GLY B 379 3.74 8.64 -4.54
C GLY B 379 3.39 8.21 -3.11
N ILE B 380 4.12 7.25 -2.55
CA ILE B 380 3.92 6.82 -1.15
C ILE B 380 5.21 6.99 -0.31
N GLY B 381 6.21 6.15 -0.57
CA GLY B 381 7.50 6.19 0.12
C GLY B 381 8.41 7.38 -0.20
N ARG B 382 8.67 7.62 -1.49
CA ARG B 382 9.59 8.68 -1.91
C ARG B 382 8.98 10.06 -1.72
N GLY B 383 9.74 10.93 -1.04
CA GLY B 383 9.45 12.35 -1.02
C GLY B 383 10.44 13.15 -1.87
N MET B 384 11.01 14.19 -1.28
CA MET B 384 11.93 15.05 -1.99
C MET B 384 13.33 14.57 -1.63
N GLY B 385 14.02 13.96 -2.58
CA GLY B 385 15.26 13.27 -2.29
C GLY B 385 16.34 14.30 -2.24
N PHE B 386 17.16 14.26 -1.17
CA PHE B 386 18.32 15.15 -1.03
C PHE B 386 19.23 15.14 -2.27
N ARG B 387 19.76 13.97 -2.58
CA ARG B 387 20.56 13.78 -3.77
C ARG B 387 19.86 14.22 -5.04
N ASP B 388 18.58 13.88 -5.18
CA ASP B 388 17.90 14.01 -6.46
C ASP B 388 17.48 15.45 -6.72
N SER B 389 16.96 16.09 -5.68
CA SER B 389 16.51 17.45 -5.80
C SER B 389 17.64 18.50 -5.93
N ASN B 390 18.83 18.15 -5.45
CA ASN B 390 20.02 18.94 -5.67
C ASN B 390 20.48 18.87 -7.11
N GLN B 391 20.40 17.67 -7.66
CA GLN B 391 20.76 17.46 -9.04
C GLN B 391 19.73 18.03 -10.01
N ASP B 392 18.44 18.05 -9.62
CA ASP B 392 17.40 18.63 -10.48
C ASP B 392 17.80 20.08 -10.72
N LEU B 393 18.32 20.70 -9.67
CA LEU B 393 18.66 22.10 -9.70
C LEU B 393 19.49 22.51 -10.91
N LEU B 394 20.45 21.64 -11.25
CA LEU B 394 21.40 21.90 -12.34
C LEU B 394 20.71 22.19 -13.65
N GLY B 395 19.54 21.57 -13.78
CA GLY B 395 18.73 21.69 -14.98
C GLY B 395 17.56 22.65 -14.87
N PHE B 396 17.35 23.17 -13.68
CA PHE B 396 16.25 24.05 -13.42
C PHE B 396 16.66 25.53 -13.15
N VAL B 397 17.89 25.77 -12.65
CA VAL B 397 18.28 27.13 -12.17
C VAL B 397 18.14 28.21 -13.22
N HIS B 398 18.22 27.84 -14.49
CA HIS B 398 18.08 28.82 -15.57
C HIS B 398 16.62 29.18 -15.86
N LEU B 399 15.67 28.32 -15.51
CA LEU B 399 14.25 28.65 -15.69
C LEU B 399 13.65 29.65 -14.65
N ILE B 400 13.55 29.25 -13.38
CA ILE B 400 13.07 30.19 -12.37
C ILE B 400 14.03 30.12 -11.22
N PRO B 401 15.12 30.92 -11.26
CA PRO B 401 16.10 30.83 -10.19
C PRO B 401 15.60 31.19 -8.75
N GLU B 402 14.66 32.13 -8.59
CA GLU B 402 14.17 32.47 -7.24
C GLU B 402 13.66 31.21 -6.57
N ARG B 403 13.02 30.35 -7.35
CA ARG B 403 12.44 29.15 -6.79
C ARG B 403 13.52 28.10 -6.52
N ALA B 404 14.55 28.07 -7.36
CA ALA B 404 15.72 27.29 -7.06
C ALA B 404 16.34 27.73 -5.72
N ARG B 405 16.52 29.04 -5.55
CA ARG B 405 16.98 29.59 -4.30
C ARG B 405 16.18 29.04 -3.11
N GLU B 406 14.86 29.13 -3.17
CA GLU B 406 14.05 28.55 -2.11
C GLU B 406 14.33 27.06 -1.91
N ARG B 407 14.60 26.34 -2.99
CA ARG B 407 14.73 24.90 -2.89
C ARG B 407 16.00 24.54 -2.14
N ILE B 408 17.10 25.21 -2.49
CA ILE B 408 18.35 25.03 -1.76
C ILE B 408 18.17 25.21 -0.26
N ILE B 409 17.50 26.31 0.15
CA ILE B 409 17.21 26.58 1.56
C ILE B 409 16.41 25.41 2.18
N ASP B 410 15.37 24.96 1.48
CA ASP B 410 14.54 23.85 1.94
C ASP B 410 15.38 22.61 2.14
N ILE B 411 16.15 22.24 1.11
CA ILE B 411 17.03 21.06 1.15
C ILE B 411 18.07 21.16 2.29
N ALA B 412 18.85 22.24 2.29
CA ALA B 412 19.91 22.42 3.25
C ALA B 412 19.38 22.40 4.67
N SER B 413 18.15 22.85 4.86
CA SER B 413 17.52 22.79 6.17
C SER B 413 17.30 21.35 6.69
N THR B 414 17.47 20.35 5.82
CA THR B 414 17.36 18.96 6.30
C THR B 414 18.75 18.34 6.53
N GLN B 415 19.80 19.15 6.53
CA GLN B 415 21.15 18.65 6.76
C GLN B 415 21.46 18.63 8.24
N PHE B 416 22.29 17.70 8.69
CA PHE B 416 22.72 17.67 10.10
C PHE B 416 24.03 18.41 10.31
N ALA B 417 24.26 18.83 11.54
CA ALA B 417 25.48 19.56 11.94
C ALA B 417 26.78 18.89 11.53
N ASP B 418 26.83 17.56 11.47
CA ASP B 418 28.05 16.88 10.95
C ASP B 418 28.14 16.86 9.42
N GLY B 419 27.15 17.44 8.75
CA GLY B 419 27.16 17.51 7.30
C GLY B 419 26.58 16.29 6.56
N SER B 420 26.27 15.23 7.29
CA SER B 420 25.46 14.17 6.72
C SER B 420 24.02 14.70 6.63
N ALA B 421 23.13 13.98 5.96
CA ALA B 421 21.80 14.53 5.81
C ALA B 421 20.70 13.51 5.81
N TYR B 422 19.49 14.00 6.00
CA TYR B 422 18.35 13.19 5.70
C TYR B 422 18.33 12.94 4.20
N HIS B 423 18.12 11.69 3.84
CA HIS B 423 18.18 11.28 2.44
C HIS B 423 17.06 11.85 1.60
N GLN B 424 15.96 12.23 2.25
CA GLN B 424 14.82 12.84 1.59
C GLN B 424 13.94 13.53 2.61
N TYR B 425 13.08 14.40 2.12
CA TYR B 425 12.14 15.07 3.01
C TYR B 425 10.71 14.97 2.54
N GLN B 426 9.78 15.03 3.50
CA GLN B 426 8.35 14.97 3.18
C GLN B 426 7.91 16.28 2.52
N PRO B 427 7.43 16.21 1.26
CA PRO B 427 7.01 17.43 0.54
C PRO B 427 6.06 18.34 1.32
N LEU B 428 5.03 17.81 1.95
CA LEU B 428 4.11 18.69 2.64
C LEU B 428 4.74 19.42 3.81
N THR B 429 5.56 18.73 4.60
CA THR B 429 6.09 19.31 5.82
C THR B 429 7.50 19.92 5.67
N LYS B 430 8.23 19.49 4.64
CA LYS B 430 9.62 19.94 4.43
C LYS B 430 10.58 19.39 5.50
N ARG B 431 10.09 18.50 6.37
CA ARG B 431 10.90 17.84 7.41
C ARG B 431 11.52 16.52 6.88
N GLY B 432 12.79 16.25 7.20
CA GLY B 432 13.51 15.10 6.65
C GLY B 432 13.00 13.80 7.24
N ASN B 433 13.23 12.68 6.55
CA ASN B 433 12.90 11.34 7.09
C ASN B 433 13.83 10.19 6.61
N ASN B 434 13.73 9.03 7.27
CA ASN B 434 14.57 7.87 6.99
C ASN B 434 13.85 6.73 6.28
N ASP B 435 12.68 7.02 5.73
CA ASP B 435 11.83 5.99 5.15
C ASP B 435 12.50 5.18 4.03
N ILE B 436 13.32 5.79 3.22
CA ILE B 436 14.02 5.03 2.19
C ILE B 436 15.57 5.02 2.43
N GLY B 437 15.95 5.06 3.73
CA GLY B 437 17.34 4.92 4.15
C GLY B 437 18.05 6.17 4.72
N SER B 438 19.20 5.94 5.34
CA SER B 438 20.02 7.01 5.88
C SER B 438 21.48 6.65 5.71
N GLY B 439 22.34 7.66 5.83
CA GLY B 439 23.80 7.49 5.79
C GLY B 439 24.37 7.11 4.44
N PHE B 440 23.86 7.72 3.37
CA PHE B 440 24.43 7.55 2.03
C PHE B 440 25.48 8.61 1.89
N ASN B 441 26.72 8.17 1.81
CA ASN B 441 27.85 9.09 1.94
C ASN B 441 28.05 10.00 0.75
N ASP B 442 27.40 9.71 -0.36
CA ASP B 442 27.43 10.63 -1.49
C ASP B 442 26.54 11.87 -1.30
N ASP B 443 25.62 11.81 -0.34
CA ASP B 443 24.60 12.85 -0.22
C ASP B 443 25.18 14.27 -0.09
N PRO B 444 26.04 14.50 0.94
CA PRO B 444 26.46 15.84 1.31
C PRO B 444 27.07 16.65 0.16
N LEU B 445 27.95 16.05 -0.62
CA LEU B 445 28.59 16.86 -1.65
C LEU B 445 27.61 17.38 -2.72
N TRP B 446 26.52 16.66 -2.95
CA TRP B 446 25.55 17.15 -3.89
C TRP B 446 25.08 18.55 -3.56
N LEU B 447 24.91 18.85 -2.28
CA LEU B 447 24.51 20.21 -1.91
C LEU B 447 25.47 21.29 -2.48
N ILE B 448 26.75 20.97 -2.61
CA ILE B 448 27.68 21.95 -3.13
C ILE B 448 27.40 22.12 -4.61
N ALA B 449 27.10 21.01 -5.28
CA ALA B 449 26.88 21.02 -6.71
C ALA B 449 25.75 21.96 -7.05
N GLY B 450 24.68 21.84 -6.28
CA GLY B 450 23.48 22.62 -6.53
C GLY B 450 23.71 24.10 -6.31
N VAL B 451 24.41 24.42 -5.23
CA VAL B 451 24.63 25.80 -4.88
C VAL B 451 25.63 26.45 -5.84
N ALA B 452 26.72 25.73 -6.15
CA ALA B 452 27.61 26.16 -7.25
C ALA B 452 26.81 26.45 -8.50
N ALA B 453 26.01 25.51 -8.97
CA ALA B 453 25.21 25.76 -10.18
C ALA B 453 24.35 27.01 -10.05
N TYR B 454 23.66 27.19 -8.92
CA TYR B 454 22.81 28.36 -8.72
C TYR B 454 23.60 29.67 -8.83
N ILE B 455 24.79 29.69 -8.24
CA ILE B 455 25.54 30.93 -8.19
C ILE B 455 26.18 31.25 -9.52
N LYS B 456 26.59 30.22 -10.26
CA LYS B 456 27.15 30.49 -11.58
C LYS B 456 26.07 31.13 -12.42
N GLU B 457 24.89 30.52 -12.42
CA GLU B 457 23.71 31.03 -13.15
C GLU B 457 23.27 32.47 -12.83
N SER B 458 23.15 32.80 -11.56
CA SER B 458 22.46 34.04 -11.15
C SER B 458 23.37 35.10 -10.57
N GLY B 459 24.54 34.66 -10.12
CA GLY B 459 25.47 35.51 -9.40
C GLY B 459 25.01 35.99 -8.03
N ASP B 460 23.97 35.37 -7.49
CA ASP B 460 23.46 35.74 -6.17
C ASP B 460 24.31 35.17 -5.02
N TRP B 461 25.54 35.67 -4.92
CA TRP B 461 26.47 35.34 -3.81
C TRP B 461 25.86 35.50 -2.40
N GLY B 462 24.90 36.41 -2.26
CA GLY B 462 24.25 36.64 -0.99
C GLY B 462 23.50 35.44 -0.45
N ILE B 463 23.43 34.38 -1.23
CA ILE B 463 22.83 33.13 -0.77
C ILE B 463 23.74 32.46 0.27
N LEU B 464 25.05 32.51 0.06
CA LEU B 464 25.98 31.91 1.01
C LEU B 464 25.82 32.49 2.42
N ASP B 465 25.33 33.72 2.48
CA ASP B 465 24.98 34.34 3.75
C ASP B 465 23.58 33.99 4.30
N GLU B 466 22.75 33.28 3.55
CA GLU B 466 21.41 32.99 4.08
C GLU B 466 21.54 32.10 5.32
N PRO B 467 20.91 32.49 6.44
CA PRO B 467 20.99 31.68 7.66
C PRO B 467 20.12 30.46 7.46
N VAL B 468 20.62 29.27 7.80
CA VAL B 468 19.93 28.02 7.49
C VAL B 468 20.00 27.07 8.71
N PRO B 469 18.85 26.56 9.18
CA PRO B 469 18.95 25.72 10.36
C PRO B 469 19.49 24.35 9.98
N PHE B 470 19.86 23.56 10.99
CA PHE B 470 20.20 22.15 10.82
C PHE B 470 19.04 21.32 11.32
N ASP B 471 18.68 20.29 10.54
CA ASP B 471 17.44 19.52 10.73
C ASP B 471 16.33 20.39 11.32
N ASN B 472 16.15 21.58 10.74
CA ASN B 472 15.05 22.48 11.09
C ASN B 472 15.01 23.05 12.52
N GLU B 473 16.08 22.88 13.28
CA GLU B 473 16.14 23.32 14.67
C GLU B 473 16.01 24.82 14.81
N PRO B 474 15.09 25.26 15.69
CA PRO B 474 15.18 26.68 15.96
C PRO B 474 16.47 26.94 16.77
N GLY B 475 17.25 27.93 16.33
CA GLY B 475 18.48 28.34 17.04
C GLY B 475 19.76 27.78 16.48
N SER B 476 19.65 26.85 15.55
CA SER B 476 20.81 26.20 14.96
C SER B 476 21.30 26.86 13.67
N GLU B 477 20.63 27.92 13.20
CA GLU B 477 21.00 28.60 11.94
C GLU B 477 22.47 28.99 11.83
N VAL B 478 23.12 28.58 10.72
CA VAL B 478 24.41 29.12 10.32
C VAL B 478 24.27 29.67 8.89
N PRO B 479 25.24 30.45 8.42
CA PRO B 479 24.96 30.81 7.01
C PRO B 479 25.05 29.60 6.07
N LEU B 480 24.29 29.61 4.98
CA LEU B 480 24.33 28.54 3.99
C LEU B 480 25.75 28.10 3.71
N PHE B 481 26.67 29.05 3.55
CA PHE B 481 28.07 28.68 3.28
C PHE B 481 28.73 27.73 4.34
N GLU B 482 28.37 27.88 5.63
CA GLU B 482 28.88 26.99 6.63
C GLU B 482 28.34 25.58 6.41
N HIS B 483 27.08 25.47 5.94
CA HIS B 483 26.50 24.14 5.60
C HIS B 483 27.39 23.49 4.58
N LEU B 484 27.83 24.30 3.62
CA LEU B 484 28.74 23.85 2.61
C LEU B 484 30.01 23.36 3.23
N THR B 485 30.50 24.06 4.27
CA THR B 485 31.75 23.60 4.84
C THR B 485 31.55 22.27 5.59
N ARG B 486 30.38 22.08 6.19
CA ARG B 486 30.10 20.83 6.87
C ARG B 486 30.11 19.62 5.90
N SER B 487 29.50 19.76 4.72
CA SER B 487 29.58 18.74 3.67
C SER B 487 30.98 18.49 3.22
N PHE B 488 31.77 19.53 3.07
CA PHE B 488 33.14 19.36 2.60
C PHE B 488 33.96 18.59 3.61
N GLN B 489 33.91 19.05 4.86
CA GLN B 489 34.50 18.35 6.01
C GLN B 489 33.98 16.92 6.25
N PHE B 490 32.76 16.61 5.83
CA PHE B 490 32.26 15.25 6.04
C PHE B 490 33.09 14.23 5.29
N THR B 491 33.40 14.50 4.02
CA THR B 491 34.29 13.64 3.27
C THR B 491 35.74 13.69 3.74
N VAL B 492 36.29 14.88 4.04
CA VAL B 492 37.69 14.87 4.41
C VAL B 492 37.92 14.04 5.66
N GLN B 493 37.01 14.15 6.61
CA GLN B 493 37.07 13.43 7.89
C GLN B 493 36.49 12.01 7.88
N ASN B 494 36.11 11.50 6.69
CA ASN B 494 35.54 10.13 6.51
C ASN B 494 36.15 9.43 5.30
N ARG B 495 37.49 9.51 5.19
CA ARG B 495 38.27 8.69 4.25
C ARG B 495 38.72 7.40 4.91
N GLY B 496 38.96 6.38 4.10
CA GLY B 496 39.43 5.10 4.59
C GLY B 496 40.84 4.79 4.18
N PRO B 497 41.27 3.53 4.32
CA PRO B 497 42.70 3.17 4.29
C PRO B 497 43.44 3.62 3.03
N HIS B 498 42.84 3.52 1.84
CA HIS B 498 43.47 4.06 0.62
C HIS B 498 43.30 5.57 0.43
N GLY B 499 42.82 6.29 1.43
CA GLY B 499 42.54 7.72 1.23
C GLY B 499 41.28 8.02 0.40
N LEU B 500 40.42 7.02 0.20
CA LEU B 500 39.18 7.23 -0.52
C LEU B 500 38.01 7.33 0.49
N PRO B 501 36.95 8.08 0.11
CA PRO B 501 35.83 8.34 0.99
C PRO B 501 35.12 7.05 1.36
N LEU B 502 34.88 6.88 2.66
CA LEU B 502 34.09 5.76 3.14
C LEU B 502 32.68 5.80 2.51
N ILE B 503 32.08 4.64 2.27
CA ILE B 503 30.92 4.60 1.39
C ILE B 503 29.62 4.72 2.13
N GLY B 504 29.57 4.26 3.38
CA GLY B 504 28.32 4.17 4.13
C GLY B 504 27.35 3.18 3.49
N ARG B 505 26.05 3.44 3.68
CA ARG B 505 25.01 2.57 3.14
C ARG B 505 25.22 2.35 1.66
N ALA B 506 25.49 3.46 0.95
CA ALA B 506 25.78 3.44 -0.48
C ALA B 506 26.15 4.85 -0.92
N ASP B 507 26.60 4.98 -2.16
CA ASP B 507 26.86 6.26 -2.79
C ASP B 507 25.70 6.58 -3.77
N TRP B 508 25.95 7.32 -4.85
CA TRP B 508 24.94 7.56 -5.88
C TRP B 508 24.29 6.25 -6.27
N ASN B 509 25.05 5.18 -6.30
CA ASN B 509 24.45 3.91 -6.64
C ASN B 509 23.84 3.31 -5.40
N ASP B 510 22.52 3.39 -5.30
CA ASP B 510 21.82 2.91 -4.11
C ASP B 510 21.91 1.40 -3.84
N CYS B 511 22.33 0.62 -4.82
CA CYS B 511 22.27 -0.83 -4.71
C CYS B 511 23.61 -1.41 -4.40
N LEU B 512 24.59 -0.52 -4.26
CA LEU B 512 25.92 -0.90 -3.83
C LEU B 512 26.06 -0.76 -2.29
N ASN B 513 25.67 -1.80 -1.58
CA ASN B 513 25.58 -1.77 -0.13
C ASN B 513 26.64 -2.65 0.44
N LEU B 514 27.80 -2.07 0.71
CA LEU B 514 28.94 -2.87 1.11
C LEU B 514 29.01 -3.10 2.62
N ASN B 515 28.15 -2.43 3.36
CA ASN B 515 28.07 -2.65 4.80
C ASN B 515 26.79 -3.38 5.19
N CYS B 516 26.32 -4.26 4.31
CA CYS B 516 25.01 -4.86 4.46
C CYS B 516 24.99 -6.33 4.96
N PHE B 517 25.45 -7.25 4.11
CA PHE B 517 25.49 -8.66 4.44
C PHE B 517 24.16 -9.26 4.84
N SER B 518 23.16 -9.07 3.99
CA SER B 518 21.80 -9.47 4.30
C SER B 518 21.45 -10.87 3.78
N THR B 519 20.86 -11.66 4.66
CA THR B 519 20.43 -13.02 4.32
C THR B 519 18.92 -13.09 4.57
N THR B 520 18.38 -12.10 5.28
CA THR B 520 16.97 -12.10 5.62
C THR B 520 16.18 -11.65 4.40
N PRO B 521 15.36 -12.56 3.84
CA PRO B 521 14.48 -12.11 2.80
C PRO B 521 13.46 -11.10 3.33
N GLY B 522 12.98 -10.25 2.44
CA GLY B 522 11.86 -9.38 2.72
C GLY B 522 12.31 -7.99 3.14
N GLU B 523 13.35 -7.94 3.97
CA GLU B 523 13.88 -6.69 4.51
C GLU B 523 14.52 -5.88 3.38
N SER B 524 14.25 -4.59 3.32
CA SER B 524 14.81 -3.74 2.28
C SER B 524 16.30 -3.40 2.49
N PHE B 525 17.05 -3.47 1.41
CA PHE B 525 18.47 -3.10 1.44
C PHE B 525 18.70 -1.62 1.74
N GLN B 526 17.82 -0.77 1.22
CA GLN B 526 17.80 0.67 1.48
C GLN B 526 17.62 0.97 2.96
N THR B 527 16.90 0.09 3.63
CA THR B 527 16.32 0.40 4.91
C THR B 527 16.80 -0.51 6.05
N THR B 528 17.73 -1.43 5.79
CA THR B 528 18.12 -2.40 6.81
C THR B 528 19.39 -1.99 7.55
N GLU B 529 19.53 -2.47 8.79
CA GLU B 529 20.70 -2.21 9.66
C GLU B 529 22.06 -2.43 8.95
N ASN B 530 22.99 -1.47 9.06
CA ASN B 530 24.29 -1.73 8.48
C ASN B 530 25.26 -2.36 9.46
N GLN B 531 26.27 -3.04 8.92
CA GLN B 531 27.38 -3.58 9.69
C GLN B 531 28.30 -2.44 10.14
N ALA B 532 28.71 -2.48 11.39
CA ALA B 532 29.70 -1.55 11.89
C ALA B 532 31.11 -2.00 11.44
N GLY B 533 31.97 -1.05 11.06
CA GLY B 533 33.38 -1.34 10.83
C GLY B 533 33.71 -1.62 9.38
N GLY B 534 34.86 -2.25 9.14
CA GLY B 534 35.29 -2.53 7.79
C GLY B 534 35.77 -1.27 7.11
N VAL B 535 36.28 -1.40 5.90
CA VAL B 535 37.11 -0.35 5.32
C VAL B 535 36.62 -0.01 3.91
N ALA B 536 35.29 0.01 3.75
CA ALA B 536 34.66 0.11 2.44
C ALA B 536 34.63 1.55 1.96
N GLU B 537 35.20 1.77 0.78
CA GLU B 537 35.41 3.12 0.23
C GLU B 537 34.82 3.21 -1.16
N SER B 538 34.45 4.40 -1.60
CA SER B 538 33.91 4.52 -2.94
C SER B 538 34.80 5.37 -3.78
N VAL B 539 35.12 4.87 -4.98
CA VAL B 539 35.89 5.64 -5.95
C VAL B 539 35.01 6.74 -6.52
N PHE B 540 33.73 6.42 -6.69
CA PHE B 540 32.78 7.38 -7.14
C PHE B 540 32.78 8.62 -6.27
N ILE B 541 32.64 8.45 -4.97
CA ILE B 541 32.61 9.61 -4.09
C ILE B 541 33.90 10.39 -4.19
N ALA B 542 35.02 9.68 -4.39
CA ALA B 542 36.29 10.34 -4.66
C ALA B 542 36.16 11.27 -5.87
N ALA B 543 35.64 10.76 -6.99
CA ALA B 543 35.59 11.59 -8.19
C ALA B 543 34.71 12.79 -7.90
N GLN B 544 33.64 12.55 -7.16
CA GLN B 544 32.68 13.56 -6.74
C GLN B 544 33.33 14.60 -5.87
N PHE B 545 34.03 14.17 -4.85
CA PHE B 545 34.82 15.07 -4.00
C PHE B 545 35.76 15.97 -4.82
N VAL B 546 36.49 15.38 -5.78
CA VAL B 546 37.46 16.15 -6.52
C VAL B 546 36.77 17.27 -7.28
N LEU B 547 35.65 16.94 -7.94
CA LEU B 547 34.89 17.89 -8.71
C LEU B 547 34.32 18.98 -7.84
N TYR B 548 33.56 18.61 -6.80
CA TYR B 548 32.82 19.59 -6.02
C TYR B 548 33.59 20.28 -4.92
N GLY B 549 34.62 19.62 -4.39
CA GLY B 549 35.62 20.29 -3.52
C GLY B 549 36.31 21.43 -4.26
N ALA B 550 36.67 21.21 -5.52
CA ALA B 550 37.21 22.27 -6.33
C ALA B 550 36.26 23.48 -6.35
N GLU B 551 34.98 23.25 -6.65
CA GLU B 551 33.97 24.32 -6.55
C GLU B 551 33.88 24.86 -5.11
N TYR B 552 33.95 24.01 -4.10
CA TYR B 552 33.96 24.53 -2.72
C TYR B 552 35.10 25.54 -2.47
N ALA B 553 36.31 25.15 -2.83
CA ALA B 553 37.47 26.03 -2.75
C ALA B 553 37.22 27.40 -3.40
N THR B 554 36.62 27.36 -4.60
CA THR B 554 36.27 28.61 -5.28
C THR B 554 35.25 29.40 -4.48
N LEU B 555 34.32 28.73 -3.82
CA LEU B 555 33.37 29.48 -3.00
C LEU B 555 34.09 30.11 -1.82
N ALA B 556 35.01 29.37 -1.18
CA ALA B 556 35.91 29.95 -0.17
C ALA B 556 36.66 31.19 -0.69
N GLU B 557 37.29 31.07 -1.86
CA GLU B 557 38.15 32.10 -2.35
C GLU B 557 37.43 33.40 -2.54
N ARG B 558 36.23 33.33 -3.09
CA ARG B 558 35.46 34.53 -3.35
C ARG B 558 35.01 35.22 -2.08
N ARG B 559 34.87 34.43 -1.04
CA ARG B 559 34.46 34.90 0.27
C ARG B 559 35.64 35.32 1.12
N GLY B 560 36.83 35.31 0.54
CA GLY B 560 38.06 35.75 1.20
C GLY B 560 38.67 34.75 2.18
N LEU B 561 38.29 33.48 2.07
CA LEU B 561 38.74 32.45 2.99
C LEU B 561 39.93 31.68 2.42
N ALA B 562 41.07 32.36 2.32
CA ALA B 562 42.29 31.82 1.70
C ALA B 562 42.93 30.59 2.40
N ASP B 563 42.85 30.56 3.72
CA ASP B 563 43.30 29.43 4.53
C ASP B 563 42.35 28.23 4.39
N VAL B 564 41.04 28.50 4.35
CA VAL B 564 40.08 27.47 4.00
C VAL B 564 40.26 26.97 2.56
N ALA B 565 40.47 27.89 1.62
CA ALA B 565 40.60 27.53 0.21
C ALA B 565 41.88 26.75 -0.06
N THR B 566 42.97 27.25 0.49
CA THR B 566 44.26 26.58 0.37
C THR B 566 44.17 25.15 0.92
N GLU B 567 43.64 25.02 2.13
CA GLU B 567 43.55 23.73 2.76
C GLU B 567 42.63 22.83 1.93
N ALA B 568 41.56 23.41 1.40
CA ALA B 568 40.60 22.67 0.60
C ALA B 568 41.21 22.07 -0.66
N ARG B 569 42.06 22.83 -1.37
CA ARG B 569 42.68 22.31 -2.58
C ARG B 569 43.69 21.22 -2.22
N LYS B 570 44.31 21.35 -1.05
CA LYS B 570 45.20 20.32 -0.53
C LYS B 570 44.47 18.97 -0.58
N TYR B 571 43.34 18.89 0.11
CA TYR B 571 42.55 17.66 0.12
C TYR B 571 42.13 17.22 -1.26
N VAL B 572 41.63 18.14 -2.08
CA VAL B 572 41.29 17.79 -3.44
C VAL B 572 42.51 17.11 -4.07
N ASP B 573 43.68 17.75 -3.96
CA ASP B 573 44.94 17.15 -4.41
C ASP B 573 45.19 15.76 -3.79
N GLU B 574 45.05 15.61 -2.47
CA GLU B 574 45.20 14.30 -1.85
C GLU B 574 44.24 13.25 -2.46
N VAL B 575 42.93 13.47 -2.34
CA VAL B 575 41.95 12.57 -2.92
C VAL B 575 42.20 12.29 -4.40
N ARG B 576 42.57 13.31 -5.19
CA ARG B 576 42.88 13.09 -6.63
C ARG B 576 44.02 12.10 -6.78
N ALA B 577 45.11 12.36 -6.08
CA ALA B 577 46.25 11.42 -6.00
C ALA B 577 45.83 10.00 -5.62
N ALA B 578 44.97 9.86 -4.60
CA ALA B 578 44.43 8.53 -4.25
C ALA B 578 43.59 7.86 -5.36
N VAL B 579 42.92 8.60 -6.23
CA VAL B 579 42.21 7.91 -7.31
C VAL B 579 43.20 7.29 -8.33
N LEU B 580 44.22 8.06 -8.70
CA LEU B 580 45.27 7.57 -9.58
C LEU B 580 46.12 6.42 -8.98
N GLU B 581 46.42 6.46 -7.69
CA GLU B 581 47.12 5.35 -7.03
C GLU B 581 46.25 4.12 -6.82
N HIS B 582 45.19 4.29 -6.05
CA HIS B 582 44.46 3.17 -5.50
C HIS B 582 43.12 2.92 -6.18
N GLY B 583 42.77 3.77 -7.12
CA GLY B 583 41.50 3.64 -7.81
C GLY B 583 41.61 3.33 -9.29
N TRP B 584 42.73 2.77 -9.73
CA TRP B 584 42.96 2.53 -11.15
C TRP B 584 43.23 1.08 -11.47
N ASP B 585 42.41 0.47 -12.31
CA ASP B 585 42.53 -0.96 -12.50
C ASP B 585 43.46 -1.39 -13.63
N GLY B 586 43.93 -0.44 -14.44
CA GLY B 586 44.76 -0.77 -15.60
C GLY B 586 44.20 -0.22 -16.90
N GLN B 587 42.93 -0.54 -17.20
CA GLN B 587 42.27 0.03 -18.36
C GLN B 587 41.07 0.91 -18.00
N TRP B 588 40.83 1.12 -16.71
CA TRP B 588 39.65 1.90 -16.30
C TRP B 588 39.63 2.03 -14.80
N PHE B 589 38.84 2.98 -14.33
CA PHE B 589 38.69 3.22 -12.89
C PHE B 589 37.96 2.11 -12.15
N LEU B 590 38.57 1.71 -11.05
CA LEU B 590 38.04 0.83 -10.03
C LEU B 590 36.71 1.37 -9.49
N ARG B 591 35.79 0.48 -9.09
CA ARG B 591 34.51 0.97 -8.55
C ARG B 591 34.55 1.28 -7.05
N ALA B 592 35.16 0.36 -6.29
CA ALA B 592 35.15 0.43 -4.82
C ALA B 592 36.08 -0.58 -4.14
N TYR B 593 36.11 -0.52 -2.82
CA TYR B 593 36.76 -1.49 -1.97
C TYR B 593 35.70 -1.92 -1.00
N ASP B 594 35.53 -3.21 -0.82
CA ASP B 594 34.44 -3.69 0.02
C ASP B 594 34.76 -3.65 1.53
N TYR B 595 33.89 -4.22 2.35
CA TYR B 595 34.09 -4.23 3.81
C TYR B 595 35.47 -4.74 4.21
N TYR B 596 36.06 -5.53 3.31
CA TYR B 596 37.28 -6.27 3.57
C TYR B 596 38.48 -5.70 2.82
N GLY B 597 38.26 -4.62 2.07
CA GLY B 597 39.35 -4.01 1.33
C GLY B 597 39.69 -4.72 0.03
N ASN B 598 38.77 -5.60 -0.42
CA ASN B 598 38.85 -6.22 -1.75
C ASN B 598 38.44 -5.22 -2.85
N PRO B 599 39.16 -5.22 -3.97
CA PRO B 599 38.68 -4.43 -5.11
C PRO B 599 37.32 -4.91 -5.64
N VAL B 600 36.46 -3.95 -5.99
CA VAL B 600 35.14 -4.16 -6.59
C VAL B 600 35.20 -3.36 -7.85
N GLY B 601 34.80 -3.92 -8.98
CA GLY B 601 34.94 -3.22 -10.25
C GLY B 601 36.27 -3.49 -10.95
N THR B 602 36.85 -4.67 -10.74
CA THR B 602 38.15 -4.97 -11.33
C THR B 602 38.20 -6.10 -12.39
N ASP B 603 39.06 -5.94 -13.40
CA ASP B 603 39.32 -7.01 -14.38
C ASP B 603 39.73 -8.34 -13.73
N ALA B 604 40.13 -8.29 -12.46
CA ALA B 604 40.48 -9.51 -11.74
C ALA B 604 39.27 -10.42 -11.52
N LYS B 605 38.08 -9.83 -11.43
CA LYS B 605 36.81 -10.52 -11.11
C LYS B 605 36.10 -11.07 -12.35
N PRO B 606 35.29 -12.12 -12.20
CA PRO B 606 34.59 -12.67 -13.36
C PRO B 606 33.36 -11.87 -13.78
N GLU B 607 32.80 -11.08 -12.87
CA GLU B 607 31.61 -10.27 -13.20
C GLU B 607 31.71 -8.87 -12.60
N GLY B 608 31.12 -7.89 -13.26
CA GLY B 608 31.26 -6.51 -12.84
C GLY B 608 32.72 -6.08 -12.88
N LYS B 609 33.35 -6.24 -14.04
CA LYS B 609 34.73 -5.85 -14.19
C LYS B 609 34.89 -4.33 -14.29
N ILE B 610 33.93 -3.68 -14.95
CA ILE B 610 33.97 -2.24 -15.19
C ILE B 610 32.59 -1.68 -14.91
N TRP B 611 32.55 -0.69 -14.02
CA TRP B 611 31.34 0.02 -13.63
C TRP B 611 31.41 1.45 -14.18
N ILE B 612 30.28 1.96 -14.70
CA ILE B 612 30.33 3.18 -15.49
C ILE B 612 30.47 4.46 -14.68
N GLU B 613 30.07 4.43 -13.40
CA GLU B 613 29.92 5.69 -12.67
C GLU B 613 31.26 6.34 -12.51
N PRO B 614 32.25 5.60 -11.98
CA PRO B 614 33.54 6.29 -11.81
C PRO B 614 34.14 6.81 -13.11
N GLN B 615 34.02 6.08 -14.22
CA GLN B 615 34.59 6.52 -15.50
C GLN B 615 34.11 7.92 -15.95
N GLY B 616 32.80 8.14 -16.04
CA GLY B 616 32.33 9.46 -16.41
C GLY B 616 32.70 10.47 -15.32
N PHE B 617 32.54 10.07 -14.07
CA PHE B 617 32.73 11.07 -13.05
C PHE B 617 34.15 11.52 -12.81
N ALA B 618 35.07 10.55 -12.76
CA ALA B 618 36.49 10.86 -12.63
C ALA B 618 36.94 11.85 -13.70
N VAL B 619 36.65 11.51 -14.96
CA VAL B 619 37.08 12.31 -16.12
C VAL B 619 36.42 13.67 -16.18
N MET B 620 35.16 13.76 -15.74
CA MET B 620 34.52 15.06 -15.56
C MET B 620 35.30 15.93 -14.59
N ALA B 621 35.94 15.31 -13.60
CA ALA B 621 36.73 16.10 -12.65
C ALA B 621 38.22 16.24 -13.03
N GLY B 622 38.54 15.78 -14.25
CA GLY B 622 39.82 16.05 -14.88
C GLY B 622 40.86 14.97 -14.62
N ILE B 623 40.53 14.06 -13.69
CA ILE B 623 41.41 12.95 -13.32
C ILE B 623 41.76 12.11 -14.52
N GLY B 624 43.05 12.05 -14.83
CA GLY B 624 43.55 11.17 -15.88
C GLY B 624 43.48 11.72 -17.29
N VAL B 625 43.36 13.03 -17.43
CA VAL B 625 43.40 13.71 -18.74
C VAL B 625 44.86 14.00 -19.17
N GLY B 626 45.14 13.84 -20.45
CA GLY B 626 46.50 14.01 -20.99
C GLY B 626 46.63 15.00 -22.13
N GLU B 627 47.35 14.60 -23.18
CA GLU B 627 47.69 15.44 -24.34
C GLU B 627 46.47 15.93 -25.07
N GLY B 628 45.38 15.20 -24.92
CA GLY B 628 44.23 15.40 -25.75
C GLY B 628 43.73 14.05 -26.14
N PRO B 629 42.72 14.02 -27.03
CA PRO B 629 41.86 12.89 -27.35
C PRO B 629 42.57 11.67 -27.95
N ASP B 630 43.87 11.78 -28.21
CA ASP B 630 44.60 10.73 -28.90
C ASP B 630 45.89 10.43 -28.15
N ASP B 631 45.93 10.90 -26.90
CA ASP B 631 46.92 10.44 -25.96
C ASP B 631 46.41 9.10 -25.42
N ALA B 632 46.52 8.08 -26.25
CA ALA B 632 46.30 6.69 -25.83
C ALA B 632 46.98 6.29 -24.51
N ASP B 633 48.00 7.03 -24.07
CA ASP B 633 48.68 6.72 -22.79
C ASP B 633 47.79 7.17 -21.60
N ALA B 634 46.81 8.02 -21.86
CA ALA B 634 46.12 8.71 -20.78
C ALA B 634 45.04 7.82 -20.15
N PRO B 635 44.99 7.78 -18.82
CA PRO B 635 43.98 6.97 -18.14
C PRO B 635 42.54 7.29 -18.60
N ALA B 636 42.22 8.58 -18.76
CA ALA B 636 40.87 8.97 -19.05
C ALA B 636 40.44 8.44 -20.43
N VAL B 637 41.34 8.47 -21.39
CA VAL B 637 41.09 7.91 -22.72
C VAL B 637 41.05 6.38 -22.64
N LYS B 638 41.91 5.79 -21.81
CA LYS B 638 41.88 4.36 -21.58
C LYS B 638 40.54 3.96 -20.99
N ALA B 639 40.07 4.78 -20.05
CA ALA B 639 38.83 4.50 -19.34
C ALA B 639 37.65 4.60 -20.29
N LEU B 640 37.60 5.69 -21.05
CA LEU B 640 36.45 5.95 -21.92
C LEU B 640 36.31 4.97 -23.09
N ASP B 641 37.45 4.43 -23.56
CA ASP B 641 37.40 3.40 -24.61
C ASP B 641 36.81 2.13 -24.05
N SER B 642 37.25 1.76 -22.84
CA SER B 642 36.73 0.57 -22.18
C SER B 642 35.21 0.71 -22.08
N VAL B 643 34.77 1.86 -21.61
CA VAL B 643 33.34 2.13 -21.55
C VAL B 643 32.74 1.85 -22.90
N ASN B 644 33.32 2.43 -23.93
CA ASN B 644 32.78 2.26 -25.26
C ASN B 644 32.64 0.80 -25.67
N GLU B 645 33.73 0.03 -25.61
CA GLU B 645 33.65 -1.38 -26.04
C GLU B 645 32.74 -2.22 -25.16
N MET B 646 32.95 -2.14 -23.84
CA MET B 646 32.35 -3.08 -22.88
C MET B 646 30.97 -2.71 -22.37
N LEU B 647 30.64 -1.41 -22.34
CA LEU B 647 29.32 -1.00 -21.86
C LEU B 647 28.30 -0.58 -22.93
N GLY B 648 28.78 -0.33 -24.14
CA GLY B 648 27.98 0.26 -25.22
C GLY B 648 26.91 -0.64 -25.80
N THR B 649 25.76 -0.04 -26.11
CA THR B 649 24.72 -0.72 -26.85
C THR B 649 24.11 0.35 -27.75
N PRO B 650 23.42 -0.07 -28.81
CA PRO B 650 22.59 0.90 -29.54
C PRO B 650 21.56 1.62 -28.67
N HIS B 651 21.36 1.22 -27.42
CA HIS B 651 20.37 1.92 -26.59
C HIS B 651 20.95 2.80 -25.48
N GLY B 652 22.27 2.82 -25.37
CA GLY B 652 22.94 3.61 -24.34
C GLY B 652 23.96 2.76 -23.64
N LEU B 653 24.69 3.33 -22.68
CA LEU B 653 25.69 2.58 -21.92
C LEU B 653 25.07 1.94 -20.67
N VAL B 654 25.47 0.70 -20.37
CA VAL B 654 24.95 -0.08 -19.23
C VAL B 654 25.83 0.19 -18.01
N LEU B 655 25.34 -0.08 -16.81
CA LEU B 655 26.02 0.39 -15.60
C LEU B 655 27.33 -0.37 -15.29
N GLN B 656 27.29 -1.69 -15.41
CA GLN B 656 28.49 -2.49 -15.28
C GLN B 656 28.41 -3.67 -16.20
N TYR B 657 29.57 -4.31 -16.39
CA TYR B 657 29.72 -5.44 -17.27
C TYR B 657 30.83 -6.37 -16.78
N PRO B 658 30.57 -7.70 -16.80
CA PRO B 658 29.28 -8.35 -17.08
C PRO B 658 28.36 -8.25 -15.90
N ALA B 659 27.07 -8.43 -16.13
CA ALA B 659 26.12 -8.45 -15.02
C ALA B 659 26.43 -9.62 -14.08
N TYR B 660 25.92 -9.53 -12.85
CA TYR B 660 26.10 -10.58 -11.85
C TYR B 660 25.07 -11.67 -12.03
N THR B 661 25.52 -12.91 -12.13
CA THR B 661 24.57 -13.98 -12.37
C THR B 661 24.15 -14.73 -11.10
N THR B 662 24.73 -14.40 -9.96
CA THR B 662 24.33 -15.02 -8.70
C THR B 662 24.46 -13.97 -7.64
N TYR B 663 23.88 -14.22 -6.47
CA TYR B 663 23.87 -13.25 -5.40
C TYR B 663 25.24 -13.01 -4.76
N GLN B 664 25.72 -11.78 -4.86
CA GLN B 664 26.99 -11.40 -4.28
C GLN B 664 26.64 -10.69 -3.00
N ILE B 665 26.61 -11.48 -1.96
CA ILE B 665 26.10 -11.12 -0.65
C ILE B 665 26.78 -9.86 -0.07
N GLU B 666 28.04 -9.66 -0.46
CA GLU B 666 28.80 -8.54 0.04
C GLU B 666 28.63 -7.22 -0.73
N LEU B 667 27.87 -7.24 -1.84
CA LEU B 667 27.61 -6.00 -2.60
C LEU B 667 26.22 -5.45 -2.39
N GLY B 668 25.35 -6.23 -1.76
CA GLY B 668 24.04 -5.69 -1.42
C GLY B 668 22.96 -5.95 -2.43
N GLU B 669 22.29 -4.91 -2.89
CA GLU B 669 21.06 -5.09 -3.66
C GLU B 669 21.32 -5.32 -5.15
N VAL B 670 22.53 -5.01 -5.60
CA VAL B 670 22.78 -4.88 -7.02
C VAL B 670 22.67 -6.19 -7.76
N SER B 671 23.16 -7.28 -7.16
CA SER B 671 23.14 -8.59 -7.79
C SER B 671 21.81 -9.31 -7.60
N THR B 672 20.80 -8.62 -7.10
CA THR B 672 19.50 -9.24 -6.84
C THR B 672 18.56 -9.01 -8.02
N TYR B 673 18.85 -7.99 -8.83
CA TYR B 673 18.16 -7.82 -10.11
C TYR B 673 18.63 -8.86 -11.14
N PRO B 674 17.70 -9.43 -11.92
CA PRO B 674 18.13 -10.31 -13.03
C PRO B 674 19.06 -9.58 -13.97
N PRO B 675 20.02 -10.29 -14.58
CA PRO B 675 20.93 -9.59 -15.50
C PRO B 675 20.20 -8.76 -16.55
N GLY B 676 20.65 -7.51 -16.72
CA GLY B 676 20.15 -6.55 -17.71
C GLY B 676 19.21 -5.46 -17.19
N TYR B 677 18.74 -5.60 -15.97
CA TYR B 677 17.70 -4.68 -15.50
C TYR B 677 18.22 -3.83 -14.38
N LYS B 678 17.67 -2.61 -14.25
CA LYS B 678 18.06 -1.63 -13.22
C LYS B 678 19.55 -1.57 -12.95
N GLU B 679 19.93 -1.46 -11.67
CA GLU B 679 21.35 -1.34 -11.33
C GLU B 679 22.23 -2.55 -11.73
N ASN B 680 21.61 -3.70 -12.03
CA ASN B 680 22.41 -4.87 -12.46
C ASN B 680 22.42 -5.09 -13.95
N GLY B 681 23.11 -4.19 -14.64
CA GLY B 681 23.30 -4.26 -16.08
C GLY B 681 22.29 -3.53 -16.94
N GLY B 682 21.38 -2.75 -16.35
CA GLY B 682 20.50 -1.93 -17.15
C GLY B 682 21.21 -0.68 -17.58
N ILE B 683 20.72 -0.07 -18.66
CA ILE B 683 21.11 1.29 -18.98
C ILE B 683 20.43 2.24 -17.97
N PHE B 684 21.23 2.77 -17.03
CA PHE B 684 20.72 3.73 -16.05
C PHE B 684 20.98 5.11 -16.58
N CYS B 685 20.03 5.63 -17.34
CA CYS B 685 20.29 6.80 -18.17
C CYS B 685 20.94 7.94 -17.39
N HIS B 686 20.51 8.20 -16.15
CA HIS B 686 21.10 9.24 -15.30
C HIS B 686 22.62 9.36 -15.51
N ASN B 687 23.33 8.25 -15.69
CA ASN B 687 24.77 8.32 -15.65
C ASN B 687 25.43 8.36 -17.01
N ASN B 688 24.66 8.24 -18.08
CA ASN B 688 25.25 8.41 -19.42
C ASN B 688 25.77 9.85 -19.68
N PRO B 689 24.96 10.86 -19.34
CA PRO B 689 25.52 12.19 -19.60
C PRO B 689 26.82 12.48 -18.83
N TRP B 690 27.10 11.77 -17.75
CA TRP B 690 28.45 11.93 -17.14
C TRP B 690 29.56 11.57 -18.15
N VAL B 691 29.31 10.51 -18.93
CA VAL B 691 30.22 10.03 -19.95
C VAL B 691 30.26 10.92 -21.17
N ILE B 692 29.09 11.41 -21.62
CA ILE B 692 28.99 12.41 -22.68
C ILE B 692 29.91 13.58 -22.35
N ILE B 693 29.65 14.20 -21.21
CA ILE B 693 30.38 15.36 -20.77
C ILE B 693 31.82 14.97 -20.66
N ALA B 694 32.09 13.79 -20.11
CA ALA B 694 33.47 13.27 -20.03
C ALA B 694 34.15 13.30 -21.40
N GLU B 695 33.49 12.76 -22.43
CA GLU B 695 34.05 12.76 -23.76
C GLU B 695 34.29 14.17 -24.30
N THR B 696 33.41 15.12 -23.97
CA THR B 696 33.65 16.46 -24.49
C THR B 696 34.83 17.04 -23.77
N VAL B 697 35.05 16.60 -22.54
CA VAL B 697 36.16 17.14 -21.75
C VAL B 697 37.48 16.73 -22.42
N VAL B 698 37.69 15.42 -22.54
CA VAL B 698 38.79 14.84 -23.29
C VAL B 698 38.86 15.31 -24.78
N GLY B 699 37.76 15.85 -25.28
CA GLY B 699 37.72 16.31 -26.64
C GLY B 699 37.28 15.31 -27.69
N ARG B 700 36.23 14.53 -27.44
CA ARG B 700 35.73 13.65 -28.48
C ARG B 700 34.25 13.89 -28.73
N GLY B 701 33.98 15.09 -29.24
CA GLY B 701 32.63 15.56 -29.55
C GLY B 701 31.77 14.52 -30.24
N ALA B 702 32.25 13.97 -31.34
CA ALA B 702 31.49 12.97 -32.09
C ALA B 702 30.92 11.85 -31.19
N GLN B 703 31.77 11.24 -30.37
CA GLN B 703 31.31 10.15 -29.53
C GLN B 703 30.35 10.68 -28.47
N ALA B 704 30.67 11.84 -27.91
CA ALA B 704 29.79 12.51 -26.96
C ALA B 704 28.39 12.70 -27.60
N PHE B 705 28.31 13.37 -28.74
CA PHE B 705 27.06 13.50 -29.44
C PHE B 705 26.39 12.16 -29.80
N ASP B 706 27.19 11.11 -30.03
CA ASP B 706 26.61 9.83 -30.40
C ASP B 706 25.86 9.25 -29.20
N TYR B 707 26.55 9.19 -28.07
CA TYR B 707 25.96 8.81 -26.80
C TYR B 707 24.70 9.60 -26.40
N TYR B 708 24.64 10.87 -26.74
CA TYR B 708 23.48 11.68 -26.48
C TYR B 708 22.24 11.10 -27.20
N LYS B 709 22.43 10.78 -28.48
CA LYS B 709 21.37 10.36 -29.38
C LYS B 709 20.81 8.96 -29.07
N ARG B 710 21.61 8.13 -28.41
CA ARG B 710 21.18 6.77 -28.12
C ARG B 710 20.06 6.74 -27.08
N ILE B 711 19.92 7.80 -26.31
CA ILE B 711 19.05 7.81 -25.13
C ILE B 711 18.06 8.97 -25.14
N THR B 712 18.07 9.78 -26.21
CA THR B 712 17.24 10.97 -26.25
C THR B 712 15.86 10.69 -26.87
N PRO B 713 14.79 11.17 -26.21
CA PRO B 713 13.44 10.93 -26.71
C PRO B 713 13.29 11.18 -28.22
N ALA B 714 13.61 12.36 -28.71
CA ALA B 714 13.51 12.64 -30.15
C ALA B 714 14.13 11.59 -31.10
N TYR B 715 15.31 11.10 -30.76
CA TYR B 715 16.05 10.17 -31.59
C TYR B 715 15.53 8.73 -31.43
N ARG B 716 14.70 8.51 -30.43
CA ARG B 716 14.12 7.16 -30.22
C ARG B 716 12.65 7.08 -30.55
N GLU B 717 12.05 8.18 -31.01
CA GLU B 717 10.67 8.11 -31.39
C GLU B 717 10.45 7.06 -32.47
N ASP B 718 11.39 6.94 -33.42
CA ASP B 718 11.31 5.93 -34.47
C ASP B 718 11.27 4.46 -34.00
N ILE B 719 11.64 4.19 -32.74
CA ILE B 719 11.55 2.84 -32.19
C ILE B 719 10.63 2.77 -30.94
N SER B 720 9.51 3.48 -31.02
CA SER B 720 8.51 3.49 -29.96
C SER B 720 8.01 2.13 -29.49
N ASP B 721 7.89 1.16 -30.40
CA ASP B 721 7.43 -0.19 -30.06
C ASP B 721 8.47 -0.88 -29.20
N THR B 722 9.71 -0.39 -29.25
CA THR B 722 10.77 -1.03 -28.51
C THR B 722 11.08 -0.32 -27.18
N HIS B 723 10.91 1.00 -27.17
CA HIS B 723 11.13 1.77 -25.99
C HIS B 723 9.91 1.63 -25.08
N LYS B 724 8.74 1.53 -25.72
CA LYS B 724 7.42 1.34 -25.09
C LYS B 724 6.84 2.55 -24.34
N LEU B 725 7.72 3.36 -23.73
CA LEU B 725 7.25 4.45 -22.89
C LEU B 725 7.18 5.78 -23.64
N GLU B 726 6.77 6.83 -22.94
CA GLU B 726 6.64 8.14 -23.54
C GLU B 726 7.88 8.45 -24.41
N PRO B 727 7.68 8.76 -25.71
CA PRO B 727 8.78 9.08 -26.62
C PRO B 727 9.23 10.56 -26.55
N TYR B 728 8.74 11.28 -25.55
CA TYR B 728 9.10 12.70 -25.45
C TYR B 728 9.75 13.03 -24.12
N VAL B 729 9.99 12.03 -23.28
CA VAL B 729 10.70 12.27 -22.06
C VAL B 729 11.68 11.17 -21.71
N TYR B 730 12.87 11.56 -21.28
CA TYR B 730 13.85 10.63 -20.67
C TYR B 730 13.21 9.68 -19.63
N ALA B 731 13.55 8.38 -19.71
CA ALA B 731 13.21 7.42 -18.66
C ALA B 731 14.42 7.12 -17.75
N GLN B 732 14.16 6.42 -16.66
CA GLN B 732 15.23 6.11 -15.74
C GLN B 732 16.06 4.96 -16.24
N MET B 733 15.42 3.91 -16.70
CA MET B 733 16.18 2.74 -17.10
C MET B 733 15.69 2.12 -18.40
N ILE B 734 16.64 1.78 -19.26
CA ILE B 734 16.34 1.04 -20.46
C ILE B 734 17.05 -0.28 -20.27
N ALA B 735 16.31 -1.38 -20.46
CA ALA B 735 16.89 -2.72 -20.37
C ALA B 735 18.16 -2.81 -21.22
N GLY B 736 19.21 -3.37 -20.63
CA GLY B 736 20.53 -3.41 -21.22
C GLY B 736 20.70 -4.66 -22.04
N LYS B 737 21.94 -4.89 -22.51
CA LYS B 737 22.22 -5.94 -23.50
C LYS B 737 21.91 -7.35 -22.99
N GLU B 738 22.06 -7.57 -21.70
CA GLU B 738 21.89 -8.89 -21.11
C GLU B 738 20.46 -9.26 -20.74
N ALA B 739 19.49 -8.40 -21.09
CA ALA B 739 18.08 -8.68 -20.78
C ALA B 739 17.37 -9.13 -22.01
N VAL B 740 16.42 -10.04 -21.83
CA VAL B 740 15.55 -10.45 -22.92
C VAL B 740 14.80 -9.25 -23.49
N ARG B 741 14.46 -8.29 -22.64
CA ARG B 741 13.79 -7.04 -23.04
C ARG B 741 14.74 -5.92 -23.46
N ALA B 742 15.98 -6.24 -23.82
CA ALA B 742 16.92 -5.20 -24.26
C ALA B 742 16.22 -4.04 -25.00
N GLY B 743 16.36 -2.81 -24.55
CA GLY B 743 15.75 -1.69 -25.28
C GLY B 743 14.45 -1.12 -24.69
N GLU B 744 13.83 -1.86 -23.77
CA GLU B 744 12.54 -1.46 -23.17
C GLU B 744 12.73 -0.64 -21.87
N ALA B 745 12.15 0.57 -21.85
CA ALA B 745 12.31 1.43 -20.70
C ALA B 745 11.32 1.08 -19.60
N LYS B 746 11.62 1.53 -18.40
CA LYS B 746 10.65 1.55 -17.31
C LYS B 746 11.00 2.84 -16.57
N ASN B 747 10.07 3.34 -15.75
CA ASN B 747 10.38 4.49 -14.87
C ASN B 747 10.63 5.79 -15.62
N SER B 748 9.60 6.21 -16.33
CA SER B 748 9.71 7.31 -17.25
C SER B 748 9.43 8.53 -16.43
N TRP B 749 9.84 9.67 -16.96
CA TRP B 749 9.54 10.96 -16.41
C TRP B 749 10.46 11.37 -15.25
N LEU B 750 10.42 10.67 -14.12
CA LEU B 750 11.11 11.14 -12.93
C LEU B 750 12.53 10.57 -12.83
N THR B 751 13.50 11.36 -13.31
CA THR B 751 14.86 10.86 -13.43
C THR B 751 15.86 12.03 -13.56
N GLY B 752 17.03 11.90 -12.95
CA GLY B 752 18.06 12.93 -13.02
C GLY B 752 18.58 13.05 -14.43
N THR B 753 18.21 12.08 -15.25
CA THR B 753 18.58 12.09 -16.64
C THR B 753 18.14 13.41 -17.28
N ALA B 754 16.97 13.91 -16.91
CA ALA B 754 16.51 15.14 -17.51
C ALA B 754 17.46 16.27 -17.13
N ALA B 755 17.69 16.52 -15.86
CA ALA B 755 18.65 17.57 -15.49
C ALA B 755 20.01 17.35 -16.16
N TRP B 756 20.60 16.16 -16.00
CA TRP B 756 21.97 15.93 -16.48
C TRP B 756 22.09 15.92 -17.99
N ASN B 757 21.06 15.49 -18.71
CA ASN B 757 21.18 15.57 -20.14
C ASN B 757 21.00 16.98 -20.68
N PHE B 758 20.25 17.80 -19.95
CA PHE B 758 20.17 19.18 -20.32
C PHE B 758 21.47 19.90 -20.06
N VAL B 759 22.16 19.50 -19.00
CA VAL B 759 23.46 20.06 -18.71
C VAL B 759 24.38 19.71 -19.85
N ALA B 760 24.42 18.42 -20.20
CA ALA B 760 25.33 17.90 -21.21
C ALA B 760 25.14 18.65 -22.48
N VAL B 761 23.92 18.59 -23.01
CA VAL B 761 23.64 19.19 -24.29
C VAL B 761 23.69 20.71 -24.28
N SER B 762 23.10 21.36 -23.28
CA SER B 762 23.04 22.80 -23.36
C SER B 762 24.42 23.37 -23.14
N GLN B 763 25.20 22.71 -22.28
CA GLN B 763 26.39 23.33 -21.73
C GLN B 763 27.72 22.76 -22.20
N TYR B 764 27.74 21.53 -22.68
CA TYR B 764 29.03 20.95 -23.07
C TYR B 764 29.10 20.51 -24.51
N LEU B 765 27.98 20.12 -25.10
CA LEU B 765 28.00 19.75 -26.49
C LEU B 765 27.90 21.06 -27.26
N LEU B 766 26.75 21.69 -27.19
CA LEU B 766 26.59 23.04 -27.68
C LEU B 766 27.59 23.98 -26.98
N GLY B 767 27.83 23.79 -25.69
CA GLY B 767 28.94 24.44 -25.03
C GLY B 767 28.71 25.81 -24.42
N VAL B 768 27.46 26.13 -24.12
CA VAL B 768 27.20 27.41 -23.51
C VAL B 768 26.85 27.19 -22.05
N ARG B 769 27.71 27.67 -21.18
CA ARG B 769 27.60 27.39 -19.76
C ARG B 769 28.11 28.54 -18.86
N PRO B 770 27.21 29.04 -17.99
CA PRO B 770 27.56 30.10 -17.06
C PRO B 770 28.76 29.70 -16.20
N ASP B 771 29.64 30.64 -15.95
CA ASP B 771 30.69 30.50 -14.93
C ASP B 771 30.52 31.70 -13.98
N TYR B 772 31.39 31.82 -12.99
CA TYR B 772 31.19 32.83 -11.96
C TYR B 772 31.31 34.27 -12.47
N ASP B 773 32.14 34.46 -13.51
CA ASP B 773 32.52 35.78 -13.98
C ASP B 773 32.13 36.07 -15.41
N GLY B 774 31.88 35.02 -16.18
CA GLY B 774 31.44 35.17 -17.56
C GLY B 774 30.80 33.93 -18.12
N LEU B 775 30.35 34.02 -19.37
CA LEU B 775 29.74 32.92 -20.11
C LEU B 775 30.77 32.12 -20.92
N VAL B 776 31.03 30.88 -20.52
CA VAL B 776 31.99 30.02 -21.20
C VAL B 776 31.31 29.52 -22.45
N VAL B 777 31.98 29.67 -23.60
CA VAL B 777 31.42 29.18 -24.88
C VAL B 777 32.37 28.15 -25.51
N ASP B 778 32.15 26.86 -25.23
CA ASP B 778 33.14 25.87 -25.55
C ASP B 778 32.46 24.69 -26.17
N PRO B 779 31.97 24.83 -27.42
CA PRO B 779 31.38 23.70 -28.15
C PRO B 779 32.29 22.49 -28.22
N GLN B 780 31.68 21.31 -28.17
CA GLN B 780 32.37 20.06 -28.41
C GLN B 780 31.36 19.00 -28.81
N ILE B 781 30.80 19.18 -30.00
CA ILE B 781 29.72 18.33 -30.51
C ILE B 781 30.11 17.48 -31.74
N GLY B 782 31.27 17.73 -32.33
CA GLY B 782 31.69 16.93 -33.49
C GLY B 782 31.05 17.37 -34.79
N PRO B 783 31.30 16.64 -35.91
CA PRO B 783 30.90 17.10 -37.26
C PRO B 783 29.39 17.06 -37.63
N ASP B 784 28.55 16.40 -36.87
CA ASP B 784 27.16 16.25 -37.32
C ASP B 784 26.24 17.46 -37.11
N VAL B 785 26.74 18.48 -36.40
CA VAL B 785 26.06 19.78 -36.28
C VAL B 785 27.01 20.87 -36.79
N PRO B 786 27.14 21.01 -38.12
CA PRO B 786 28.15 21.93 -38.68
C PRO B 786 27.93 23.39 -38.35
N SER B 787 26.69 23.83 -38.23
CA SER B 787 26.42 25.19 -37.73
C SER B 787 25.08 25.34 -37.04
N TYR B 788 25.12 26.17 -36.01
CA TYR B 788 23.98 26.40 -35.14
C TYR B 788 24.10 27.76 -34.45
N THR B 789 22.99 28.21 -33.88
CA THR B 789 22.97 29.40 -33.06
C THR B 789 22.25 29.16 -31.76
N VAL B 790 22.92 29.42 -30.64
CA VAL B 790 22.30 29.46 -29.31
C VAL B 790 21.95 30.90 -28.91
N THR B 791 20.79 31.07 -28.26
CA THR B 791 20.36 32.35 -27.71
C THR B 791 20.28 32.16 -26.22
N ARG B 792 20.97 33.00 -25.46
CA ARG B 792 21.08 32.75 -24.02
C ARG B 792 20.97 34.00 -23.19
N VAL B 793 19.97 34.04 -22.32
CA VAL B 793 19.90 35.17 -21.37
C VAL B 793 20.71 34.79 -20.13
N ALA B 794 21.59 35.67 -19.70
CA ALA B 794 22.46 35.41 -18.56
C ALA B 794 22.66 36.73 -17.87
N ARG B 795 22.38 36.75 -16.58
CA ARG B 795 22.39 37.97 -15.78
C ARG B 795 21.86 39.16 -16.58
N GLY B 796 20.67 39.01 -17.14
CA GLY B 796 19.98 40.16 -17.74
C GLY B 796 20.41 40.56 -19.15
N ALA B 797 21.51 39.99 -19.61
CA ALA B 797 21.95 40.23 -20.97
C ALA B 797 21.50 39.09 -21.84
N THR B 798 21.32 39.37 -23.14
CA THR B 798 21.09 38.34 -24.17
C THR B 798 22.33 38.15 -25.01
N TYR B 799 22.86 36.93 -24.98
CA TYR B 799 23.99 36.53 -25.82
C TYR B 799 23.46 35.82 -27.05
N GLU B 800 23.79 36.36 -28.23
CA GLU B 800 23.54 35.68 -29.49
C GLU B 800 24.80 35.03 -29.97
N ILE B 801 24.81 33.71 -29.87
CA ILE B 801 26.01 32.91 -30.15
C ILE B 801 25.91 32.15 -31.48
N THR B 802 26.58 32.66 -32.51
CA THR B 802 26.64 32.04 -33.85
C THR B 802 27.82 31.07 -33.95
N VAL B 803 27.56 29.84 -34.34
CA VAL B 803 28.60 28.83 -34.28
C VAL B 803 28.85 28.15 -35.63
N THR B 804 30.12 28.14 -36.03
CA THR B 804 30.59 27.49 -37.24
C THR B 804 31.55 26.38 -36.81
N ASN B 805 31.15 25.15 -37.09
CA ASN B 805 31.71 24.00 -36.40
C ASN B 805 32.23 22.94 -37.37
N SER B 806 33.57 22.81 -37.43
CA SER B 806 34.26 21.86 -38.28
C SER B 806 34.03 20.46 -37.73
N GLY B 807 34.03 20.37 -36.40
CA GLY B 807 33.87 19.10 -35.71
C GLY B 807 35.18 18.33 -35.51
N ALA B 808 36.27 18.85 -36.08
CA ALA B 808 37.58 18.22 -35.97
C ALA B 808 37.84 17.75 -34.52
N PRO B 809 38.20 16.47 -34.35
CA PRO B 809 38.44 15.94 -33.00
C PRO B 809 39.49 16.76 -32.24
N GLY B 810 39.15 17.14 -31.01
CA GLY B 810 40.08 17.87 -30.15
C GLY B 810 40.02 19.37 -30.38
N ALA B 811 39.38 19.76 -31.49
CA ALA B 811 39.28 21.17 -31.90
C ALA B 811 38.32 21.94 -31.00
N ARG B 812 38.78 23.12 -30.57
CA ARG B 812 38.04 23.90 -29.60
C ARG B 812 37.95 25.35 -30.06
N ALA B 813 36.98 26.10 -29.53
CA ALA B 813 36.56 27.38 -30.11
C ALA B 813 37.50 28.55 -29.92
N SER B 814 37.43 29.49 -30.86
CA SER B 814 37.89 30.86 -30.66
C SER B 814 36.76 31.80 -31.04
N LEU B 815 36.62 32.85 -30.24
CA LEU B 815 35.51 33.77 -30.32
C LEU B 815 35.98 35.15 -30.72
N THR B 816 35.09 35.82 -31.45
CA THR B 816 35.11 37.26 -31.62
C THR B 816 33.79 37.71 -31.00
N VAL B 817 33.82 38.84 -30.28
CA VAL B 817 32.65 39.36 -29.55
C VAL B 817 32.39 40.80 -29.97
N ASP B 818 31.18 41.07 -30.48
CA ASP B 818 30.81 42.40 -30.97
C ASP B 818 31.92 42.97 -31.87
N GLY B 819 32.28 42.24 -32.93
CA GLY B 819 33.37 42.62 -33.83
C GLY B 819 34.81 42.40 -33.37
N ALA B 820 35.05 42.28 -32.07
CA ALA B 820 36.42 42.15 -31.51
C ALA B 820 36.89 40.70 -31.15
N PRO B 821 38.00 40.23 -31.77
CA PRO B 821 38.75 39.05 -31.28
C PRO B 821 38.97 39.08 -29.77
N VAL B 822 38.79 37.94 -29.12
CA VAL B 822 39.01 37.83 -27.68
C VAL B 822 39.78 36.56 -27.30
N ASP B 823 40.36 36.60 -26.10
CA ASP B 823 41.26 35.53 -25.67
C ASP B 823 40.55 34.43 -24.85
N GLY B 824 40.74 33.18 -25.26
CA GLY B 824 40.08 32.04 -24.60
C GLY B 824 38.60 31.95 -24.96
N ARG B 825 37.83 31.28 -24.10
CA ARG B 825 36.45 30.99 -24.40
C ARG B 825 35.47 31.51 -23.34
N THR B 826 35.86 32.55 -22.62
CA THR B 826 35.00 33.18 -21.61
C THR B 826 34.60 34.60 -22.01
N VAL B 827 33.30 34.87 -22.06
CA VAL B 827 32.87 36.22 -22.31
C VAL B 827 32.44 36.84 -20.97
N PRO B 828 33.25 37.78 -20.43
CA PRO B 828 32.77 38.40 -19.17
C PRO B 828 31.38 38.97 -19.36
N TYR B 829 30.54 38.80 -18.34
CA TYR B 829 29.15 39.23 -18.41
C TYR B 829 28.97 40.72 -18.66
N ALA B 830 28.20 40.99 -19.72
CA ALA B 830 27.69 42.32 -20.06
C ALA B 830 26.63 42.82 -19.06
N PRO B 831 26.36 44.15 -19.05
CA PRO B 831 25.22 44.69 -18.26
C PRO B 831 23.85 44.08 -18.61
N ALA B 832 22.92 44.16 -17.66
CA ALA B 832 21.54 43.87 -17.90
C ALA B 832 21.13 44.70 -19.11
N GLY B 833 20.28 44.13 -19.98
CA GLY B 833 19.77 44.87 -21.15
C GLY B 833 20.64 44.88 -22.40
N SER B 834 21.92 44.54 -22.29
CA SER B 834 22.72 44.49 -23.50
C SER B 834 22.37 43.25 -24.36
N THR B 835 22.74 43.28 -25.64
CA THR B 835 22.72 42.11 -26.50
C THR B 835 24.13 41.96 -26.96
N VAL B 836 24.81 40.89 -26.60
CA VAL B 836 26.17 40.72 -27.08
C VAL B 836 26.24 39.67 -28.18
N ARG B 837 26.92 39.99 -29.27
CA ARG B 837 26.94 39.07 -30.42
C ARG B 837 28.25 38.32 -30.50
N VAL B 838 28.18 37.01 -30.32
CA VAL B 838 29.41 36.24 -30.30
C VAL B 838 29.47 35.28 -31.45
N GLU B 839 30.50 35.48 -32.25
CA GLU B 839 30.76 34.68 -33.44
C GLU B 839 31.80 33.64 -33.03
N VAL B 840 31.42 32.38 -33.14
CA VAL B 840 32.22 31.24 -32.64
C VAL B 840 32.72 30.39 -33.79
N THR B 841 34.05 30.16 -33.81
CA THR B 841 34.71 29.25 -34.77
C THR B 841 35.50 28.12 -34.10
N VAL B 842 34.98 26.91 -34.31
CA VAL B 842 35.60 25.64 -33.99
C VAL B 842 35.83 24.95 -35.34
#